data_2ECC
#
_entry.id   2ECC
#
_entity_poly.entity_id   1
_entity_poly.type   'polypeptide(L)'
_entity_poly.pdbx_seq_one_letter_code
;GSSGSSGKRKTKEQLAILKSFFLQCQWARREDYQKLEQITGLPRPEIIQWFGDTRYALKHGQLKWFRDNASGPSSG
;
_entity_poly.pdbx_strand_id   A
#
# COMPACT_ATOMS: atom_id res chain seq x y z
N GLY A 1 -4.47 -3.10 -18.97
CA GLY A 1 -5.17 -1.85 -19.18
C GLY A 1 -6.41 -1.71 -18.33
N SER A 2 -6.79 -0.48 -18.01
CA SER A 2 -7.96 -0.23 -17.19
C SER A 2 -8.62 1.10 -17.56
N SER A 3 -9.90 1.24 -17.24
CA SER A 3 -10.63 2.45 -17.54
C SER A 3 -9.85 3.69 -17.12
N GLY A 4 -10.34 4.86 -17.52
CA GLY A 4 -9.65 6.10 -17.18
C GLY A 4 -10.09 6.64 -15.83
N SER A 5 -10.01 5.82 -14.80
CA SER A 5 -10.42 6.21 -13.46
C SER A 5 -9.20 6.46 -12.57
N SER A 6 -8.89 7.74 -12.35
CA SER A 6 -7.74 8.11 -11.52
C SER A 6 -8.20 8.62 -10.16
N GLY A 7 -7.85 7.87 -9.10
CA GLY A 7 -8.24 8.26 -7.77
C GLY A 7 -7.22 7.82 -6.72
N LYS A 8 -6.70 8.77 -5.96
CA LYS A 8 -5.73 8.47 -4.92
C LYS A 8 -6.08 9.18 -3.62
N ARG A 9 -7.33 9.61 -3.51
CA ARG A 9 -7.80 10.31 -2.31
C ARG A 9 -7.99 9.32 -1.16
N LYS A 10 -6.93 9.11 -0.39
CA LYS A 10 -6.97 8.19 0.74
C LYS A 10 -6.76 8.94 2.05
N THR A 11 -7.09 8.29 3.16
CA THR A 11 -6.94 8.90 4.48
C THR A 11 -5.81 8.23 5.26
N LYS A 12 -5.04 9.04 5.99
CA LYS A 12 -3.93 8.53 6.77
C LYS A 12 -4.30 7.22 7.45
N GLU A 13 -5.51 7.17 8.01
CA GLU A 13 -5.99 5.97 8.70
C GLU A 13 -6.00 4.77 7.75
N GLN A 14 -6.70 4.92 6.64
CA GLN A 14 -6.80 3.84 5.65
C GLN A 14 -5.41 3.42 5.17
N LEU A 15 -4.59 4.40 4.80
CA LEU A 15 -3.24 4.13 4.33
C LEU A 15 -2.41 3.42 5.41
N ALA A 16 -2.63 3.80 6.66
CA ALA A 16 -1.92 3.20 7.77
C ALA A 16 -2.05 1.68 7.77
N ILE A 17 -3.26 1.20 7.49
CA ILE A 17 -3.52 -0.23 7.45
C ILE A 17 -2.81 -0.88 6.27
N LEU A 18 -2.57 -0.10 5.22
CA LEU A 18 -1.91 -0.59 4.03
C LEU A 18 -0.40 -0.67 4.24
N LYS A 19 0.18 0.44 4.69
CA LYS A 19 1.62 0.49 4.94
C LYS A 19 2.10 -0.74 5.69
N SER A 20 1.28 -1.21 6.63
CA SER A 20 1.62 -2.38 7.43
C SER A 20 1.60 -3.64 6.57
N PHE A 21 0.67 -3.68 5.62
CA PHE A 21 0.53 -4.83 4.73
C PHE A 21 1.72 -4.91 3.77
N PHE A 22 1.98 -3.82 3.06
CA PHE A 22 3.08 -3.77 2.11
C PHE A 22 4.35 -4.37 2.70
N LEU A 23 4.64 -4.00 3.95
CA LEU A 23 5.82 -4.50 4.64
C LEU A 23 5.79 -6.02 4.75
N GLN A 24 4.68 -6.55 5.26
CA GLN A 24 4.52 -7.99 5.42
C GLN A 24 4.54 -8.69 4.07
N CYS A 25 4.06 -8.00 3.03
CA CYS A 25 4.03 -8.56 1.69
C CYS A 25 3.90 -7.46 0.64
N GLN A 26 4.99 -7.18 -0.06
CA GLN A 26 5.00 -6.13 -1.08
C GLN A 26 3.89 -6.37 -2.10
N TRP A 27 3.43 -7.62 -2.18
CA TRP A 27 2.38 -7.98 -3.12
C TRP A 27 1.27 -8.76 -2.42
N ALA A 28 0.02 -8.41 -2.72
CA ALA A 28 -1.12 -9.08 -2.12
C ALA A 28 -1.88 -9.91 -3.15
N ARG A 29 -2.57 -10.94 -2.69
CA ARG A 29 -3.33 -11.82 -3.57
C ARG A 29 -4.81 -11.40 -3.61
N ARG A 30 -5.58 -12.08 -4.44
CA ARG A 30 -7.01 -11.78 -4.56
C ARG A 30 -7.77 -12.23 -3.32
N GLU A 31 -7.17 -13.15 -2.57
CA GLU A 31 -7.79 -13.67 -1.35
C GLU A 31 -7.48 -12.78 -0.16
N ASP A 32 -6.41 -12.00 -0.28
CA ASP A 32 -5.99 -11.10 0.80
C ASP A 32 -6.63 -9.72 0.63
N TYR A 33 -6.69 -9.25 -0.61
CA TYR A 33 -7.26 -7.94 -0.91
C TYR A 33 -8.66 -7.82 -0.31
N GLN A 34 -9.50 -8.80 -0.58
CA GLN A 34 -10.87 -8.80 -0.07
C GLN A 34 -10.89 -8.38 1.40
N LYS A 35 -9.86 -8.76 2.14
CA LYS A 35 -9.76 -8.42 3.55
C LYS A 35 -9.41 -6.95 3.73
N LEU A 36 -8.46 -6.46 2.96
CA LEU A 36 -8.04 -5.07 3.02
C LEU A 36 -9.22 -4.13 2.83
N GLU A 37 -10.14 -4.51 1.95
CA GLU A 37 -11.32 -3.70 1.68
C GLU A 37 -12.26 -3.70 2.89
N GLN A 38 -11.95 -4.53 3.89
CA GLN A 38 -12.76 -4.61 5.09
C GLN A 38 -12.12 -3.83 6.23
N ILE A 39 -10.80 -3.68 6.18
CA ILE A 39 -10.07 -2.96 7.21
C ILE A 39 -9.85 -1.51 6.81
N THR A 40 -9.67 -1.28 5.52
CA THR A 40 -9.44 0.07 5.00
C THR A 40 -10.74 0.68 4.48
N GLY A 41 -11.72 -0.18 4.20
CA GLY A 41 -12.99 0.30 3.70
C GLY A 41 -12.88 0.90 2.31
N LEU A 42 -11.81 0.56 1.61
CA LEU A 42 -11.59 1.07 0.27
C LEU A 42 -11.76 -0.03 -0.78
N PRO A 43 -12.31 0.33 -1.95
CA PRO A 43 -12.52 -0.62 -3.04
C PRO A 43 -11.29 -1.45 -3.35
N ARG A 44 -11.50 -2.70 -3.74
CA ARG A 44 -10.40 -3.61 -4.07
C ARG A 44 -9.49 -2.98 -5.11
N PRO A 45 -10.09 -2.38 -6.15
CA PRO A 45 -9.35 -1.74 -7.24
C PRO A 45 -8.51 -0.56 -6.76
N GLU A 46 -8.94 0.06 -5.66
CA GLU A 46 -8.24 1.20 -5.09
C GLU A 46 -7.02 0.75 -4.29
N ILE A 47 -7.12 -0.45 -3.71
CA ILE A 47 -6.03 -1.00 -2.91
C ILE A 47 -5.02 -1.72 -3.79
N ILE A 48 -5.51 -2.59 -4.67
CA ILE A 48 -4.65 -3.33 -5.57
C ILE A 48 -3.66 -2.40 -6.28
N GLN A 49 -4.19 -1.34 -6.88
CA GLN A 49 -3.35 -0.37 -7.59
C GLN A 49 -2.34 0.27 -6.64
N TRP A 50 -2.80 0.63 -5.46
CA TRP A 50 -1.94 1.26 -4.47
C TRP A 50 -0.63 0.48 -4.30
N PHE A 51 -0.75 -0.81 -4.01
CA PHE A 51 0.42 -1.66 -3.82
C PHE A 51 1.41 -1.47 -4.97
N GLY A 52 0.89 -1.40 -6.20
CA GLY A 52 1.74 -1.21 -7.35
C GLY A 52 2.61 0.03 -7.25
N ASP A 53 1.96 1.17 -7.07
CA ASP A 53 2.68 2.45 -6.97
C ASP A 53 3.67 2.40 -5.80
N THR A 54 3.25 1.81 -4.69
CA THR A 54 4.10 1.72 -3.51
C THR A 54 5.46 1.14 -3.86
N ARG A 55 5.46 0.08 -4.65
CA ARG A 55 6.70 -0.58 -5.06
C ARG A 55 7.63 0.41 -5.75
N TYR A 56 7.08 1.19 -6.68
CA TYR A 56 7.86 2.18 -7.41
C TYR A 56 8.67 3.05 -6.46
N ALA A 57 7.96 3.85 -5.67
CA ALA A 57 8.62 4.74 -4.72
C ALA A 57 9.70 4.01 -3.93
N LEU A 58 9.33 2.91 -3.30
CA LEU A 58 10.27 2.10 -2.53
C LEU A 58 11.54 1.84 -3.31
N LYS A 59 11.40 1.19 -4.46
CA LYS A 59 12.53 0.88 -5.32
C LYS A 59 13.46 2.09 -5.46
N HIS A 60 12.87 3.26 -5.62
CA HIS A 60 13.64 4.50 -5.75
C HIS A 60 14.12 4.99 -4.39
N GLY A 61 13.39 4.63 -3.35
CA GLY A 61 13.75 5.05 -2.01
C GLY A 61 12.95 6.25 -1.53
N GLN A 62 11.65 6.25 -1.85
CA GLN A 62 10.78 7.34 -1.44
C GLN A 62 10.13 7.05 -0.10
N LEU A 63 9.60 5.84 0.05
CA LEU A 63 8.95 5.44 1.30
C LEU A 63 9.80 5.82 2.51
N LYS A 64 9.17 6.39 3.52
CA LYS A 64 9.87 6.80 4.74
C LYS A 64 9.57 5.83 5.88
N TRP A 65 8.51 5.05 5.73
CA TRP A 65 8.12 4.09 6.75
C TRP A 65 8.76 2.72 6.48
N PHE A 66 9.05 2.45 5.22
CA PHE A 66 9.68 1.19 4.84
C PHE A 66 11.16 1.17 5.21
N ARG A 67 11.69 -0.03 5.43
CA ARG A 67 13.09 -0.19 5.80
C ARG A 67 13.54 0.95 6.71
N ASP A 68 12.68 1.32 7.66
CA ASP A 68 13.00 2.40 8.59
C ASP A 68 13.14 1.85 10.01
N ASN A 69 13.74 0.68 10.14
CA ASN A 69 13.94 0.05 11.44
C ASN A 69 14.49 1.05 12.45
N ALA A 70 14.34 0.74 13.74
CA ALA A 70 14.81 1.62 14.79
C ALA A 70 15.67 0.84 15.80
N SER A 71 15.20 -0.35 16.15
CA SER A 71 15.91 -1.20 17.12
C SER A 71 16.36 -2.50 16.46
N GLY A 72 17.23 -3.22 17.15
CA GLY A 72 17.73 -4.48 16.62
C GLY A 72 17.24 -5.67 17.42
N PRO A 73 16.02 -6.14 17.11
CA PRO A 73 15.42 -7.28 17.80
C PRO A 73 16.11 -8.60 17.46
N SER A 74 15.81 -9.64 18.23
CA SER A 74 16.41 -10.95 18.02
C SER A 74 15.80 -11.99 18.95
N SER A 75 16.26 -13.23 18.82
CA SER A 75 15.76 -14.32 19.65
C SER A 75 16.84 -15.37 19.89
N GLY A 76 16.91 -15.88 21.11
CA GLY A 76 17.89 -16.88 21.46
C GLY A 76 17.53 -18.25 20.94
N GLY A 1 -9.32 2.74 -16.31
CA GLY A 1 -10.53 3.30 -15.74
C GLY A 1 -10.33 3.74 -14.29
N SER A 2 -11.25 4.56 -13.81
CA SER A 2 -11.17 5.06 -12.44
C SER A 2 -12.53 5.57 -11.96
N SER A 3 -12.61 5.93 -10.68
CA SER A 3 -13.86 6.43 -10.10
C SER A 3 -13.70 7.87 -9.65
N GLY A 4 -14.83 8.51 -9.34
CA GLY A 4 -14.80 9.88 -8.89
C GLY A 4 -13.72 10.70 -9.58
N SER A 5 -12.95 11.45 -8.79
CA SER A 5 -11.89 12.28 -9.33
C SER A 5 -10.55 11.53 -9.31
N SER A 6 -9.72 11.78 -10.31
CA SER A 6 -8.42 11.14 -10.41
C SER A 6 -7.64 11.28 -9.10
N GLY A 7 -6.75 10.33 -8.84
CA GLY A 7 -5.96 10.37 -7.62
C GLY A 7 -6.33 9.28 -6.65
N LYS A 8 -5.56 9.16 -5.58
CA LYS A 8 -5.81 8.14 -4.56
C LYS A 8 -6.91 8.59 -3.61
N ARG A 9 -6.88 9.87 -3.23
CA ARG A 9 -7.88 10.41 -2.32
C ARG A 9 -8.09 9.48 -1.13
N LYS A 10 -7.00 9.11 -0.47
CA LYS A 10 -7.08 8.23 0.69
C LYS A 10 -6.80 9.00 1.98
N THR A 11 -7.23 8.44 3.10
CA THR A 11 -7.02 9.07 4.40
C THR A 11 -5.86 8.44 5.14
N LYS A 12 -5.13 9.25 5.89
CA LYS A 12 -3.99 8.76 6.66
C LYS A 12 -4.33 7.47 7.39
N GLU A 13 -5.55 7.39 7.91
CA GLU A 13 -6.00 6.20 8.63
C GLU A 13 -5.98 4.98 7.72
N GLN A 14 -6.70 5.07 6.61
CA GLN A 14 -6.78 3.96 5.65
C GLN A 14 -5.38 3.55 5.21
N LEU A 15 -4.59 4.51 4.77
CA LEU A 15 -3.22 4.25 4.31
C LEU A 15 -2.41 3.56 5.40
N ALA A 16 -2.64 3.96 6.65
CA ALA A 16 -1.93 3.39 7.79
C ALA A 16 -2.05 1.87 7.78
N ILE A 17 -3.25 1.37 7.49
CA ILE A 17 -3.49 -0.06 7.46
C ILE A 17 -2.78 -0.72 6.28
N LEU A 18 -2.60 0.04 5.21
CA LEU A 18 -1.94 -0.46 4.01
C LEU A 18 -0.43 -0.53 4.22
N LYS A 19 0.16 0.58 4.66
CA LYS A 19 1.60 0.63 4.91
C LYS A 19 2.07 -0.61 5.65
N SER A 20 1.28 -1.07 6.61
CA SER A 20 1.61 -2.25 7.39
C SER A 20 1.57 -3.51 6.54
N PHE A 21 0.57 -3.58 5.66
CA PHE A 21 0.41 -4.73 4.78
C PHE A 21 1.57 -4.82 3.79
N PHE A 22 1.85 -3.71 3.11
CA PHE A 22 2.92 -3.67 2.13
C PHE A 22 4.21 -4.26 2.71
N LEU A 23 4.60 -3.78 3.88
CA LEU A 23 5.81 -4.26 4.53
C LEU A 23 5.80 -5.79 4.65
N GLN A 24 4.74 -6.33 5.23
CA GLN A 24 4.60 -7.77 5.39
C GLN A 24 4.65 -8.47 4.04
N CYS A 25 4.06 -7.83 3.03
CA CYS A 25 4.02 -8.40 1.69
C CYS A 25 3.92 -7.30 0.63
N GLN A 26 4.94 -7.20 -0.21
CA GLN A 26 4.97 -6.18 -1.27
C GLN A 26 3.89 -6.45 -2.30
N TRP A 27 3.39 -7.68 -2.34
CA TRP A 27 2.35 -8.06 -3.27
C TRP A 27 1.25 -8.86 -2.58
N ALA A 28 0.01 -8.44 -2.78
CA ALA A 28 -1.13 -9.13 -2.18
C ALA A 28 -1.92 -9.92 -3.22
N ARG A 29 -2.68 -10.91 -2.77
CA ARG A 29 -3.48 -11.74 -3.66
C ARG A 29 -4.96 -11.48 -3.45
N ARG A 30 -5.78 -11.95 -4.39
CA ARG A 30 -7.23 -11.77 -4.32
C ARG A 30 -7.75 -12.22 -2.96
N GLU A 31 -7.10 -13.22 -2.37
CA GLU A 31 -7.51 -13.74 -1.08
C GLU A 31 -7.21 -12.72 0.03
N ASP A 32 -6.23 -11.88 -0.19
CA ASP A 32 -5.85 -10.86 0.78
C ASP A 32 -6.61 -9.56 0.54
N TYR A 33 -6.71 -9.16 -0.73
CA TYR A 33 -7.41 -7.94 -1.09
C TYR A 33 -8.80 -7.91 -0.48
N GLN A 34 -9.53 -9.01 -0.63
CA GLN A 34 -10.89 -9.11 -0.10
C GLN A 34 -10.92 -8.73 1.38
N LYS A 35 -9.76 -8.83 2.04
CA LYS A 35 -9.66 -8.50 3.45
C LYS A 35 -9.32 -7.03 3.64
N LEU A 36 -8.39 -6.53 2.83
CA LEU A 36 -7.98 -5.13 2.91
C LEU A 36 -9.18 -4.20 2.77
N GLU A 37 -10.12 -4.58 1.92
CA GLU A 37 -11.31 -3.78 1.69
C GLU A 37 -12.24 -3.83 2.92
N GLN A 38 -11.89 -4.68 3.88
CA GLN A 38 -12.68 -4.81 5.09
C GLN A 38 -12.03 -4.05 6.25
N ILE A 39 -10.72 -3.85 6.15
CA ILE A 39 -9.99 -3.14 7.19
C ILE A 39 -9.81 -1.67 6.83
N THR A 40 -9.69 -1.39 5.53
CA THR A 40 -9.51 -0.02 5.06
C THR A 40 -10.82 0.54 4.53
N GLY A 41 -11.77 -0.35 4.25
CA GLY A 41 -13.06 0.09 3.74
C GLY A 41 -12.96 0.71 2.36
N LEU A 42 -11.87 0.41 1.65
CA LEU A 42 -11.66 0.95 0.31
C LEU A 42 -11.78 -0.14 -0.74
N PRO A 43 -12.34 0.22 -1.91
CA PRO A 43 -12.53 -0.71 -3.03
C PRO A 43 -11.27 -1.51 -3.33
N ARG A 44 -11.46 -2.76 -3.75
CA ARG A 44 -10.33 -3.62 -4.09
C ARG A 44 -9.43 -2.97 -5.13
N PRO A 45 -10.04 -2.38 -6.16
CA PRO A 45 -9.31 -1.70 -7.24
C PRO A 45 -8.51 -0.51 -6.74
N GLU A 46 -8.94 0.06 -5.62
CA GLU A 46 -8.26 1.21 -5.04
C GLU A 46 -7.05 0.77 -4.22
N ILE A 47 -7.12 -0.44 -3.68
CA ILE A 47 -6.02 -0.97 -2.88
C ILE A 47 -5.00 -1.69 -3.76
N ILE A 48 -5.49 -2.47 -4.71
CA ILE A 48 -4.62 -3.21 -5.62
C ILE A 48 -3.65 -2.27 -6.34
N GLN A 49 -4.19 -1.16 -6.84
CA GLN A 49 -3.38 -0.17 -7.56
C GLN A 49 -2.35 0.47 -6.62
N TRP A 50 -2.80 0.81 -5.42
CA TRP A 50 -1.92 1.44 -4.43
C TRP A 50 -0.63 0.65 -4.28
N PHE A 51 -0.75 -0.66 -4.06
CA PHE A 51 0.43 -1.51 -3.90
C PHE A 51 1.40 -1.33 -5.06
N GLY A 52 0.86 -1.29 -6.28
CA GLY A 52 1.70 -1.12 -7.45
C GLY A 52 2.58 0.12 -7.36
N ASP A 53 1.96 1.26 -7.13
CA ASP A 53 2.70 2.52 -7.02
C ASP A 53 3.66 2.49 -5.83
N THR A 54 3.19 1.92 -4.72
CA THR A 54 4.01 1.82 -3.51
C THR A 54 5.37 1.19 -3.82
N ARG A 55 5.37 0.18 -4.68
CA ARG A 55 6.59 -0.51 -5.05
C ARG A 55 7.57 0.45 -5.73
N TYR A 56 7.07 1.20 -6.70
CA TYR A 56 7.90 2.15 -7.43
C TYR A 56 8.71 3.02 -6.47
N ALA A 57 8.01 3.77 -5.63
CA ALA A 57 8.67 4.64 -4.66
C ALA A 57 9.72 3.88 -3.85
N LEU A 58 9.29 2.76 -3.26
CA LEU A 58 10.19 1.94 -2.46
C LEU A 58 11.49 1.65 -3.22
N LYS A 59 11.37 0.96 -4.35
CA LYS A 59 12.52 0.62 -5.17
C LYS A 59 13.47 1.81 -5.30
N HIS A 60 12.89 3.00 -5.52
CA HIS A 60 13.68 4.21 -5.66
C HIS A 60 14.17 4.70 -4.30
N GLY A 61 13.44 4.37 -3.25
CA GLY A 61 13.82 4.78 -1.92
C GLY A 61 13.06 6.00 -1.45
N GLN A 62 11.77 6.06 -1.78
CA GLN A 62 10.93 7.19 -1.39
C GLN A 62 10.26 6.94 -0.05
N LEU A 63 9.63 5.78 0.08
CA LEU A 63 8.95 5.40 1.32
C LEU A 63 9.80 5.76 2.54
N LYS A 64 9.19 6.44 3.50
CA LYS A 64 9.89 6.84 4.73
C LYS A 64 9.61 5.85 5.85
N TRP A 65 8.56 5.05 5.69
CA TRP A 65 8.19 4.06 6.70
C TRP A 65 8.88 2.74 6.44
N PHE A 66 9.08 2.41 5.16
CA PHE A 66 9.73 1.17 4.78
C PHE A 66 11.22 1.19 5.14
N ARG A 67 11.79 0.01 5.36
CA ARG A 67 13.20 -0.10 5.71
C ARG A 67 13.51 0.73 6.95
N ASP A 68 12.64 0.66 7.95
CA ASP A 68 12.82 1.41 9.18
C ASP A 68 13.84 0.73 10.09
N ASN A 69 13.63 -0.56 10.33
CA ASN A 69 14.53 -1.33 11.19
C ASN A 69 15.50 -2.15 10.34
N ALA A 70 16.59 -1.50 9.92
CA ALA A 70 17.62 -2.16 9.12
C ALA A 70 18.95 -2.20 9.85
N SER A 71 19.13 -3.22 10.69
CA SER A 71 20.36 -3.37 11.45
C SER A 71 20.50 -4.79 11.98
N GLY A 72 21.67 -5.39 11.76
CA GLY A 72 21.91 -6.74 12.21
C GLY A 72 23.09 -7.39 11.53
N PRO A 73 23.46 -8.59 11.99
CA PRO A 73 24.60 -9.34 11.43
C PRO A 73 24.31 -9.86 10.04
N SER A 74 23.03 -10.08 9.74
CA SER A 74 22.62 -10.59 8.43
C SER A 74 23.27 -9.78 7.31
N SER A 75 24.05 -10.46 6.48
CA SER A 75 24.73 -9.80 5.37
C SER A 75 25.14 -8.39 5.75
N GLY A 76 25.81 -8.25 6.89
CA GLY A 76 26.26 -6.95 7.34
C GLY A 76 27.48 -7.03 8.23
N GLY A 1 0.87 11.82 -21.30
CA GLY A 1 0.25 11.83 -19.99
C GLY A 1 0.81 12.91 -19.08
N SER A 2 0.08 14.02 -18.98
CA SER A 2 0.51 15.13 -18.14
C SER A 2 0.26 14.84 -16.67
N SER A 3 1.27 14.30 -15.99
CA SER A 3 1.14 13.97 -14.57
C SER A 3 1.42 15.20 -13.71
N GLY A 4 1.25 15.04 -12.40
CA GLY A 4 1.48 16.13 -11.48
C GLY A 4 0.61 16.06 -10.24
N SER A 5 -0.71 15.98 -10.45
CA SER A 5 -1.65 15.90 -9.34
C SER A 5 -1.79 14.47 -8.85
N SER A 6 -2.06 14.32 -7.56
CA SER A 6 -2.21 13.00 -6.95
C SER A 6 -3.22 12.16 -7.73
N GLY A 7 -3.08 10.84 -7.64
CA GLY A 7 -4.00 9.95 -8.33
C GLY A 7 -4.62 8.92 -7.41
N LYS A 8 -5.08 9.36 -6.25
CA LYS A 8 -5.70 8.47 -5.28
C LYS A 8 -6.36 9.26 -4.17
N ARG A 9 -7.51 8.77 -3.70
CA ARG A 9 -8.24 9.43 -2.63
C ARG A 9 -8.31 8.55 -1.39
N LYS A 10 -7.30 8.65 -0.54
CA LYS A 10 -7.25 7.86 0.69
C LYS A 10 -7.00 8.75 1.89
N THR A 11 -7.07 8.16 3.09
CA THR A 11 -6.86 8.90 4.32
C THR A 11 -5.73 8.30 5.13
N LYS A 12 -4.99 9.15 5.85
CA LYS A 12 -3.88 8.69 6.67
C LYS A 12 -4.24 7.42 7.43
N GLU A 13 -5.48 7.34 7.90
CA GLU A 13 -5.95 6.18 8.64
C GLU A 13 -5.94 4.93 7.75
N GLN A 14 -6.77 4.97 6.70
CA GLN A 14 -6.85 3.84 5.78
C GLN A 14 -5.46 3.42 5.30
N LEU A 15 -4.67 4.39 4.86
CA LEU A 15 -3.34 4.12 4.37
C LEU A 15 -2.52 3.36 5.41
N ALA A 16 -2.68 3.75 6.68
CA ALA A 16 -1.96 3.11 7.77
C ALA A 16 -2.09 1.59 7.69
N ILE A 17 -3.31 1.11 7.54
CA ILE A 17 -3.57 -0.32 7.45
C ILE A 17 -2.78 -0.95 6.30
N LEU A 18 -2.72 -0.23 5.18
CA LEU A 18 -2.00 -0.71 4.01
C LEU A 18 -0.49 -0.76 4.27
N LYS A 19 0.07 0.38 4.65
CA LYS A 19 1.50 0.47 4.93
C LYS A 19 1.98 -0.76 5.69
N SER A 20 1.18 -1.23 6.65
CA SER A 20 1.52 -2.39 7.44
C SER A 20 1.52 -3.66 6.58
N PHE A 21 0.58 -3.73 5.64
CA PHE A 21 0.46 -4.87 4.76
C PHE A 21 1.62 -4.92 3.78
N PHE A 22 1.86 -3.82 3.09
CA PHE A 22 2.94 -3.74 2.11
C PHE A 22 4.23 -4.30 2.70
N LEU A 23 4.54 -3.92 3.93
CA LEU A 23 5.75 -4.39 4.60
C LEU A 23 5.75 -5.90 4.70
N GLN A 24 4.67 -6.47 5.22
CA GLN A 24 4.55 -7.91 5.37
C GLN A 24 4.66 -8.62 4.03
N CYS A 25 4.13 -7.96 2.99
CA CYS A 25 4.17 -8.52 1.64
C CYS A 25 4.03 -7.43 0.60
N GLN A 26 5.03 -7.33 -0.28
CA GLN A 26 5.02 -6.31 -1.33
C GLN A 26 3.86 -6.55 -2.30
N TRP A 27 3.51 -7.81 -2.50
CA TRP A 27 2.43 -8.16 -3.41
C TRP A 27 1.34 -8.95 -2.67
N ALA A 28 0.10 -8.51 -2.83
CA ALA A 28 -1.03 -9.16 -2.18
C ALA A 28 -1.86 -9.95 -3.19
N ARG A 29 -2.57 -10.97 -2.71
CA ARG A 29 -3.40 -11.80 -3.56
C ARG A 29 -4.87 -11.48 -3.37
N ARG A 30 -5.70 -11.91 -4.32
CA ARG A 30 -7.13 -11.66 -4.25
C ARG A 30 -7.69 -12.09 -2.90
N GLU A 31 -7.13 -13.15 -2.33
CA GLU A 31 -7.57 -13.66 -1.04
C GLU A 31 -7.29 -12.66 0.06
N ASP A 32 -6.26 -11.83 -0.13
CA ASP A 32 -5.89 -10.83 0.86
C ASP A 32 -6.62 -9.51 0.60
N TYR A 33 -6.67 -9.12 -0.66
CA TYR A 33 -7.34 -7.88 -1.05
C TYR A 33 -8.75 -7.82 -0.47
N GLN A 34 -9.44 -8.95 -0.50
CA GLN A 34 -10.80 -9.02 0.03
C GLN A 34 -10.84 -8.62 1.49
N LYS A 35 -9.70 -8.75 2.17
CA LYS A 35 -9.60 -8.40 3.58
C LYS A 35 -9.31 -6.91 3.75
N LEU A 36 -8.37 -6.41 2.97
CA LEU A 36 -7.99 -5.00 3.04
C LEU A 36 -9.22 -4.10 2.89
N GLU A 37 -10.10 -4.45 1.96
CA GLU A 37 -11.30 -3.66 1.73
C GLU A 37 -12.23 -3.74 2.95
N GLN A 38 -11.88 -4.57 3.91
CA GLN A 38 -12.67 -4.73 5.12
C GLN A 38 -12.07 -3.95 6.27
N ILE A 39 -10.76 -3.72 6.21
CA ILE A 39 -10.06 -2.96 7.25
C ILE A 39 -9.94 -1.49 6.88
N THR A 40 -9.64 -1.22 5.62
CA THR A 40 -9.50 0.14 5.13
C THR A 40 -10.82 0.68 4.60
N GLY A 41 -11.69 -0.23 4.16
CA GLY A 41 -12.98 0.17 3.62
C GLY A 41 -12.88 0.75 2.22
N LEU A 42 -11.72 0.58 1.60
CA LEU A 42 -11.50 1.08 0.25
C LEU A 42 -11.67 -0.03 -0.78
N PRO A 43 -12.25 0.33 -1.94
CA PRO A 43 -12.48 -0.61 -3.04
C PRO A 43 -11.24 -1.43 -3.37
N ARG A 44 -11.45 -2.70 -3.73
CA ARG A 44 -10.35 -3.59 -4.07
C ARG A 44 -9.47 -2.97 -5.15
N PRO A 45 -10.11 -2.39 -6.18
CA PRO A 45 -9.40 -1.77 -7.30
C PRO A 45 -8.59 -0.55 -6.85
N GLU A 46 -8.97 0.03 -5.71
CA GLU A 46 -8.28 1.19 -5.18
C GLU A 46 -7.05 0.78 -4.38
N ILE A 47 -7.13 -0.37 -3.73
CA ILE A 47 -6.02 -0.88 -2.94
C ILE A 47 -5.01 -1.62 -3.81
N ILE A 48 -5.51 -2.42 -4.74
CA ILE A 48 -4.66 -3.19 -5.63
C ILE A 48 -3.66 -2.28 -6.36
N GLN A 49 -4.17 -1.18 -6.92
CA GLN A 49 -3.33 -0.24 -7.62
C GLN A 49 -2.31 0.40 -6.68
N TRP A 50 -2.76 0.73 -5.47
CA TRP A 50 -1.88 1.35 -4.48
C TRP A 50 -0.61 0.54 -4.31
N PHE A 51 -0.76 -0.77 -4.20
CA PHE A 51 0.39 -1.66 -4.02
C PHE A 51 1.40 -1.48 -5.15
N GLY A 52 0.90 -1.34 -6.38
CA GLY A 52 1.77 -1.16 -7.52
C GLY A 52 2.61 0.09 -7.42
N ASP A 53 1.96 1.21 -7.14
CA ASP A 53 2.65 2.49 -7.02
C ASP A 53 3.61 2.47 -5.83
N THR A 54 3.18 1.85 -4.73
CA THR A 54 3.99 1.76 -3.53
C THR A 54 5.38 1.21 -3.84
N ARG A 55 5.42 0.15 -4.66
CA ARG A 55 6.68 -0.47 -5.04
C ARG A 55 7.62 0.55 -5.67
N TYR A 56 7.12 1.25 -6.69
CA TYR A 56 7.92 2.25 -7.39
C TYR A 56 8.65 3.16 -6.40
N ALA A 57 7.89 3.77 -5.49
CA ALA A 57 8.46 4.66 -4.49
C ALA A 57 9.57 3.97 -3.72
N LEU A 58 9.29 2.78 -3.21
CA LEU A 58 10.27 2.00 -2.45
C LEU A 58 11.53 1.75 -3.28
N LYS A 59 11.37 1.02 -4.38
CA LYS A 59 12.49 0.70 -5.25
C LYS A 59 13.44 1.90 -5.37
N HIS A 60 12.87 3.09 -5.54
CA HIS A 60 13.66 4.30 -5.65
C HIS A 60 14.18 4.75 -4.30
N GLY A 61 13.37 4.56 -3.27
CA GLY A 61 13.77 4.95 -1.93
C GLY A 61 13.02 6.16 -1.42
N GLN A 62 11.71 6.18 -1.66
CA GLN A 62 10.88 7.30 -1.23
C GLN A 62 10.15 6.96 0.06
N LEU A 63 9.64 5.74 0.15
CA LEU A 63 8.92 5.29 1.34
C LEU A 63 9.68 5.64 2.61
N LYS A 64 9.16 6.60 3.36
CA LYS A 64 9.79 7.03 4.60
C LYS A 64 9.55 6.03 5.72
N TRP A 65 8.50 5.22 5.57
CA TRP A 65 8.16 4.21 6.56
C TRP A 65 8.87 2.89 6.26
N PHE A 66 9.00 2.57 4.98
CA PHE A 66 9.66 1.34 4.56
C PHE A 66 11.17 1.44 4.77
N ARG A 67 11.72 0.53 5.56
CA ARG A 67 13.15 0.51 5.83
C ARG A 67 13.93 0.03 4.62
N ASP A 68 14.82 0.87 4.12
CA ASP A 68 15.63 0.53 2.96
C ASP A 68 16.98 1.26 3.00
N ASN A 69 18.00 0.66 2.39
CA ASN A 69 19.33 1.26 2.36
C ASN A 69 19.24 2.78 2.26
N ALA A 70 19.71 3.46 3.29
CA ALA A 70 19.70 4.92 3.32
C ALA A 70 21.07 5.48 3.66
N SER A 71 22.11 4.85 3.12
CA SER A 71 23.49 5.28 3.37
C SER A 71 24.10 5.91 2.11
N GLY A 72 25.11 6.75 2.30
CA GLY A 72 25.76 7.39 1.18
C GLY A 72 25.61 8.89 1.21
N PRO A 73 25.77 9.54 0.04
CA PRO A 73 25.65 10.99 -0.09
C PRO A 73 24.22 11.48 0.09
N SER A 74 24.07 12.75 0.43
CA SER A 74 22.75 13.34 0.63
C SER A 74 22.68 14.73 0.01
N SER A 75 21.47 15.13 -0.36
CA SER A 75 21.26 16.45 -0.97
C SER A 75 21.81 17.56 -0.09
N GLY A 76 22.15 18.69 -0.70
CA GLY A 76 22.69 19.81 0.04
C GLY A 76 23.82 19.39 0.97
N GLY A 1 -5.43 27.45 -14.28
CA GLY A 1 -6.47 27.10 -13.32
C GLY A 1 -6.85 25.63 -13.39
N SER A 2 -6.95 24.99 -12.23
CA SER A 2 -7.29 23.58 -12.17
C SER A 2 -8.77 23.40 -11.87
N SER A 3 -9.31 22.23 -12.22
CA SER A 3 -10.71 21.93 -11.99
C SER A 3 -10.88 20.79 -10.99
N GLY A 4 -10.28 19.64 -11.30
CA GLY A 4 -10.37 18.49 -10.43
C GLY A 4 -11.57 17.63 -10.72
N SER A 5 -11.34 16.34 -10.93
CA SER A 5 -12.42 15.41 -11.22
C SER A 5 -12.74 14.55 -10.01
N SER A 6 -13.91 13.91 -10.04
CA SER A 6 -14.35 13.06 -8.93
C SER A 6 -13.28 12.03 -8.59
N GLY A 7 -12.61 12.24 -7.45
CA GLY A 7 -11.57 11.31 -7.03
C GLY A 7 -11.23 11.46 -5.56
N LYS A 8 -11.71 10.52 -4.75
CA LYS A 8 -11.46 10.55 -3.31
C LYS A 8 -10.06 10.02 -3.00
N ARG A 9 -9.37 10.69 -2.08
CA ARG A 9 -8.02 10.29 -1.68
C ARG A 9 -8.06 9.48 -0.39
N LYS A 10 -7.06 8.62 -0.21
CA LYS A 10 -6.98 7.79 0.98
C LYS A 10 -6.75 8.64 2.23
N THR A 11 -7.05 8.07 3.38
CA THR A 11 -6.89 8.78 4.65
C THR A 11 -5.77 8.16 5.48
N LYS A 12 -5.01 9.01 6.17
CA LYS A 12 -3.91 8.55 7.02
C LYS A 12 -4.27 7.24 7.71
N GLU A 13 -5.51 7.13 8.16
CA GLU A 13 -5.97 5.92 8.84
C GLU A 13 -5.94 4.72 7.89
N GLN A 14 -6.73 4.80 6.83
CA GLN A 14 -6.80 3.72 5.84
C GLN A 14 -5.40 3.29 5.41
N LEU A 15 -4.62 4.26 4.92
CA LEU A 15 -3.27 3.98 4.47
C LEU A 15 -2.47 3.25 5.54
N ALA A 16 -2.68 3.64 6.80
CA ALA A 16 -1.99 3.02 7.93
C ALA A 16 -2.12 1.50 7.88
N ILE A 17 -3.33 1.03 7.62
CA ILE A 17 -3.60 -0.41 7.54
C ILE A 17 -2.85 -1.04 6.38
N LEU A 18 -2.64 -0.28 5.32
CA LEU A 18 -1.94 -0.76 4.14
C LEU A 18 -0.43 -0.83 4.39
N LYS A 19 0.15 0.31 4.76
CA LYS A 19 1.57 0.39 5.03
C LYS A 19 2.05 -0.85 5.77
N SER A 20 1.26 -1.31 6.74
CA SER A 20 1.60 -2.49 7.52
C SER A 20 1.54 -3.75 6.67
N PHE A 21 0.56 -3.80 5.78
CA PHE A 21 0.39 -4.95 4.90
C PHE A 21 1.53 -5.04 3.88
N PHE A 22 1.80 -3.92 3.22
CA PHE A 22 2.87 -3.87 2.22
C PHE A 22 4.16 -4.45 2.78
N LEU A 23 4.57 -3.97 3.95
CA LEU A 23 5.79 -4.45 4.59
C LEU A 23 5.81 -5.97 4.65
N GLN A 24 4.76 -6.55 5.23
CA GLN A 24 4.66 -8.00 5.36
C GLN A 24 4.70 -8.67 3.99
N CYS A 25 4.10 -8.03 3.00
CA CYS A 25 4.08 -8.57 1.64
C CYS A 25 3.90 -7.44 0.63
N GLN A 26 4.89 -7.29 -0.25
CA GLN A 26 4.84 -6.26 -1.28
C GLN A 26 3.70 -6.51 -2.26
N TRP A 27 3.34 -7.78 -2.43
CA TRP A 27 2.27 -8.16 -3.34
C TRP A 27 1.22 -9.00 -2.61
N ALA A 28 -0.04 -8.58 -2.71
CA ALA A 28 -1.13 -9.29 -2.07
C ALA A 28 -2.00 -10.01 -3.11
N ARG A 29 -2.65 -11.09 -2.67
CA ARG A 29 -3.50 -11.86 -3.56
C ARG A 29 -4.97 -11.49 -3.36
N ARG A 30 -5.82 -11.97 -4.26
CA ARG A 30 -7.26 -11.69 -4.19
C ARG A 30 -7.83 -12.11 -2.84
N GLU A 31 -7.28 -13.19 -2.28
CA GLU A 31 -7.73 -13.70 -1.00
C GLU A 31 -7.42 -12.71 0.13
N ASP A 32 -6.38 -11.90 -0.08
CA ASP A 32 -5.98 -10.91 0.91
C ASP A 32 -6.68 -9.57 0.66
N TYR A 33 -6.74 -9.16 -0.61
CA TYR A 33 -7.38 -7.91 -0.98
C TYR A 33 -8.77 -7.81 -0.35
N GLN A 34 -9.58 -8.85 -0.55
CA GLN A 34 -10.93 -8.88 -0.01
C GLN A 34 -10.94 -8.46 1.45
N LYS A 35 -9.87 -8.77 2.17
CA LYS A 35 -9.75 -8.42 3.58
C LYS A 35 -9.39 -6.95 3.75
N LEU A 36 -8.42 -6.49 2.98
CA LEU A 36 -7.99 -5.10 3.05
C LEU A 36 -9.17 -4.15 2.85
N GLU A 37 -10.05 -4.49 1.92
CA GLU A 37 -11.22 -3.67 1.64
C GLU A 37 -12.18 -3.68 2.84
N GLN A 38 -11.89 -4.52 3.82
CA GLN A 38 -12.73 -4.63 5.01
C GLN A 38 -12.11 -3.85 6.17
N ILE A 39 -10.80 -3.71 6.15
CA ILE A 39 -10.09 -2.99 7.21
C ILE A 39 -9.88 -1.53 6.82
N THR A 40 -9.65 -1.29 5.54
CA THR A 40 -9.43 0.08 5.05
C THR A 40 -10.72 0.69 4.53
N GLY A 41 -11.66 -0.17 4.15
CA GLY A 41 -12.94 0.30 3.63
C GLY A 41 -12.82 0.89 2.24
N LEU A 42 -11.72 0.58 1.56
CA LEU A 42 -11.49 1.09 0.22
C LEU A 42 -11.65 -0.03 -0.82
N PRO A 43 -12.21 0.32 -1.98
CA PRO A 43 -12.42 -0.63 -3.08
C PRO A 43 -11.17 -1.45 -3.39
N ARG A 44 -11.37 -2.68 -3.84
CA ARG A 44 -10.26 -3.56 -4.18
C ARG A 44 -9.35 -2.93 -5.23
N PRO A 45 -9.97 -2.33 -6.26
CA PRO A 45 -9.23 -1.68 -7.35
C PRO A 45 -8.42 -0.48 -6.85
N GLU A 46 -8.83 0.08 -5.72
CA GLU A 46 -8.13 1.22 -5.15
C GLU A 46 -6.92 0.79 -4.34
N ILE A 47 -7.01 -0.39 -3.73
CA ILE A 47 -5.92 -0.93 -2.93
C ILE A 47 -4.88 -1.60 -3.82
N ILE A 48 -5.35 -2.48 -4.70
CA ILE A 48 -4.45 -3.20 -5.61
C ILE A 48 -3.50 -2.24 -6.31
N GLN A 49 -4.04 -1.19 -6.90
CA GLN A 49 -3.23 -0.19 -7.61
C GLN A 49 -2.22 0.45 -6.66
N TRP A 50 -2.65 0.72 -5.43
CA TRP A 50 -1.78 1.33 -4.43
C TRP A 50 -0.51 0.51 -4.25
N PHE A 51 -0.66 -0.80 -4.20
CA PHE A 51 0.48 -1.70 -4.02
C PHE A 51 1.47 -1.55 -5.17
N GLY A 52 0.95 -1.42 -6.38
CA GLY A 52 1.80 -1.26 -7.55
C GLY A 52 2.64 0.00 -7.50
N ASP A 53 2.00 1.11 -7.15
CA ASP A 53 2.69 2.39 -7.06
C ASP A 53 3.64 2.41 -5.87
N THR A 54 3.21 1.85 -4.75
CA THR A 54 4.01 1.81 -3.54
C THR A 54 5.40 1.24 -3.83
N ARG A 55 5.45 0.22 -4.68
CA ARG A 55 6.71 -0.41 -5.03
C ARG A 55 7.64 0.58 -5.74
N TYR A 56 7.10 1.27 -6.74
CA TYR A 56 7.87 2.24 -7.49
C TYR A 56 8.66 3.17 -6.55
N ALA A 57 7.92 3.89 -5.70
CA ALA A 57 8.54 4.81 -4.76
C ALA A 57 9.62 4.11 -3.95
N LEU A 58 9.28 2.97 -3.36
CA LEU A 58 10.22 2.21 -2.55
C LEU A 58 11.53 1.97 -3.32
N LYS A 59 11.43 1.18 -4.38
CA LYS A 59 12.60 0.86 -5.20
C LYS A 59 13.50 2.09 -5.34
N HIS A 60 12.89 3.26 -5.54
CA HIS A 60 13.63 4.49 -5.70
C HIS A 60 14.15 4.99 -4.34
N GLY A 61 13.36 4.78 -3.30
CA GLY A 61 13.74 5.22 -1.97
C GLY A 61 12.89 6.36 -1.46
N GLN A 62 11.59 6.30 -1.73
CA GLN A 62 10.67 7.35 -1.31
C GLN A 62 10.00 6.97 0.01
N LEU A 63 9.49 5.75 0.09
CA LEU A 63 8.82 5.26 1.30
C LEU A 63 9.62 5.62 2.54
N LYS A 64 9.13 6.59 3.31
CA LYS A 64 9.80 7.02 4.53
C LYS A 64 9.59 6.02 5.64
N TRP A 65 8.54 5.21 5.53
CA TRP A 65 8.23 4.19 6.52
C TRP A 65 8.95 2.88 6.21
N PHE A 66 9.08 2.57 4.93
CA PHE A 66 9.75 1.35 4.50
C PHE A 66 11.25 1.46 4.68
N ARG A 67 11.88 0.36 5.10
CA ARG A 67 13.32 0.33 5.32
C ARG A 67 14.06 0.81 4.08
N ASP A 68 15.38 0.93 4.19
CA ASP A 68 16.21 1.38 3.08
C ASP A 68 17.08 0.24 2.56
N ASN A 69 17.68 -0.50 3.47
CA ASN A 69 18.55 -1.62 3.11
C ASN A 69 17.72 -2.77 2.52
N ALA A 70 17.80 -2.93 1.20
CA ALA A 70 17.07 -3.99 0.52
C ALA A 70 17.61 -5.36 0.91
N SER A 71 17.21 -5.83 2.08
CA SER A 71 17.65 -7.13 2.58
C SER A 71 16.79 -8.25 2.01
N GLY A 72 15.48 -8.11 2.17
CA GLY A 72 14.56 -9.12 1.68
C GLY A 72 13.45 -9.43 2.66
N PRO A 73 12.25 -9.75 2.14
CA PRO A 73 11.09 -10.07 2.96
C PRO A 73 11.24 -11.42 3.67
N SER A 74 10.27 -11.74 4.52
CA SER A 74 10.29 -13.00 5.26
C SER A 74 8.88 -13.42 5.64
N SER A 75 8.59 -14.71 5.44
CA SER A 75 7.28 -15.25 5.76
C SER A 75 7.37 -16.35 6.81
N GLY A 76 6.25 -16.63 7.48
CA GLY A 76 6.24 -17.66 8.51
C GLY A 76 6.02 -17.08 9.88
N GLY A 1 -26.68 18.32 -18.89
CA GLY A 1 -25.66 18.99 -19.66
C GLY A 1 -24.35 18.23 -19.67
N SER A 2 -23.40 18.70 -18.87
CA SER A 2 -22.09 18.06 -18.78
C SER A 2 -22.07 16.99 -17.68
N SER A 3 -20.94 16.31 -17.56
CA SER A 3 -20.79 15.27 -16.55
C SER A 3 -20.10 15.81 -15.30
N GLY A 4 -20.31 15.14 -14.17
CA GLY A 4 -19.71 15.57 -12.92
C GLY A 4 -18.35 14.94 -12.70
N SER A 5 -17.72 15.26 -11.57
CA SER A 5 -16.41 14.73 -11.24
C SER A 5 -16.52 13.53 -10.30
N SER A 6 -15.39 12.92 -10.00
CA SER A 6 -15.36 11.76 -9.12
C SER A 6 -13.95 11.46 -8.64
N GLY A 7 -13.83 10.61 -7.62
CA GLY A 7 -12.53 10.27 -7.09
C GLY A 7 -12.29 10.87 -5.72
N LYS A 8 -11.71 10.07 -4.82
CA LYS A 8 -11.41 10.53 -3.47
C LYS A 8 -10.01 10.11 -3.04
N ARG A 9 -9.37 10.95 -2.23
CA ARG A 9 -8.02 10.67 -1.75
C ARG A 9 -8.07 9.82 -0.48
N LYS A 10 -7.12 8.89 -0.36
CA LYS A 10 -7.04 8.03 0.81
C LYS A 10 -6.77 8.83 2.07
N THR A 11 -7.11 8.24 3.22
CA THR A 11 -6.92 8.90 4.51
C THR A 11 -5.80 8.23 5.30
N LYS A 12 -5.03 9.03 6.02
CA LYS A 12 -3.94 8.51 6.84
C LYS A 12 -4.31 7.16 7.45
N GLU A 13 -5.48 7.10 8.08
CA GLU A 13 -5.95 5.87 8.69
C GLU A 13 -5.90 4.70 7.72
N GLN A 14 -6.63 4.83 6.61
CA GLN A 14 -6.67 3.79 5.60
C GLN A 14 -5.26 3.40 5.17
N LEU A 15 -4.49 4.37 4.70
CA LEU A 15 -3.12 4.13 4.26
C LEU A 15 -2.31 3.42 5.35
N ALA A 16 -2.58 3.80 6.59
CA ALA A 16 -1.87 3.21 7.73
C ALA A 16 -1.98 1.68 7.70
N ILE A 17 -3.19 1.17 7.48
CA ILE A 17 -3.43 -0.26 7.42
C ILE A 17 -2.68 -0.90 6.26
N LEU A 18 -2.50 -0.13 5.19
CA LEU A 18 -1.80 -0.61 4.00
C LEU A 18 -0.30 -0.68 4.25
N LYS A 19 0.28 0.46 4.63
CA LYS A 19 1.72 0.53 4.90
C LYS A 19 2.20 -0.73 5.61
N SER A 20 1.42 -1.20 6.58
CA SER A 20 1.77 -2.40 7.33
C SER A 20 1.70 -3.63 6.45
N PHE A 21 0.69 -3.69 5.58
CA PHE A 21 0.51 -4.82 4.68
C PHE A 21 1.66 -4.90 3.68
N PHE A 22 1.95 -3.79 3.02
CA PHE A 22 3.02 -3.74 2.03
C PHE A 22 4.31 -4.35 2.60
N LEU A 23 4.61 -4.00 3.84
CA LEU A 23 5.81 -4.51 4.51
C LEU A 23 5.77 -6.02 4.62
N GLN A 24 4.70 -6.55 5.20
CA GLN A 24 4.54 -7.98 5.38
C GLN A 24 4.55 -8.69 4.03
N CYS A 25 3.99 -8.04 3.02
CA CYS A 25 3.93 -8.61 1.67
C CYS A 25 3.81 -7.51 0.62
N GLN A 26 4.90 -7.26 -0.11
CA GLN A 26 4.91 -6.23 -1.14
C GLN A 26 3.79 -6.47 -2.14
N TRP A 27 3.31 -7.70 -2.21
CA TRP A 27 2.24 -8.06 -3.14
C TRP A 27 1.14 -8.84 -2.43
N ALA A 28 -0.11 -8.47 -2.69
CA ALA A 28 -1.25 -9.14 -2.06
C ALA A 28 -2.02 -9.96 -3.10
N ARG A 29 -2.70 -11.00 -2.62
CA ARG A 29 -3.48 -11.87 -3.50
C ARG A 29 -4.96 -11.52 -3.43
N ARG A 30 -5.76 -12.18 -4.26
CA ARG A 30 -7.20 -11.94 -4.29
C ARG A 30 -7.83 -12.20 -2.93
N GLU A 31 -7.27 -13.17 -2.20
CA GLU A 31 -7.78 -13.52 -0.88
C GLU A 31 -7.43 -12.44 0.14
N ASP A 32 -6.36 -11.70 -0.13
CA ASP A 32 -5.93 -10.63 0.76
C ASP A 32 -6.67 -9.34 0.47
N TYR A 33 -6.83 -9.02 -0.81
CA TYR A 33 -7.52 -7.81 -1.22
C TYR A 33 -8.94 -7.77 -0.63
N GLN A 34 -9.69 -8.84 -0.86
CA GLN A 34 -11.05 -8.92 -0.35
C GLN A 34 -11.11 -8.57 1.14
N LYS A 35 -9.97 -8.69 1.80
CA LYS A 35 -9.89 -8.39 3.23
C LYS A 35 -9.45 -6.95 3.46
N LEU A 36 -8.48 -6.50 2.66
CA LEU A 36 -7.96 -5.14 2.77
C LEU A 36 -9.08 -4.12 2.65
N GLU A 37 -10.05 -4.42 1.78
CA GLU A 37 -11.19 -3.52 1.57
C GLU A 37 -12.11 -3.53 2.78
N GLN A 38 -11.84 -4.43 3.73
CA GLN A 38 -12.65 -4.52 4.94
C GLN A 38 -11.95 -3.84 6.11
N ILE A 39 -10.63 -3.75 6.05
CA ILE A 39 -9.86 -3.12 7.10
C ILE A 39 -9.59 -1.65 6.79
N THR A 40 -9.46 -1.35 5.51
CA THR A 40 -9.21 0.02 5.07
C THR A 40 -10.49 0.70 4.61
N GLY A 41 -11.46 -0.11 4.19
CA GLY A 41 -12.72 0.44 3.72
C GLY A 41 -12.65 0.95 2.30
N LEU A 42 -11.58 0.58 1.59
CA LEU A 42 -11.40 1.00 0.21
C LEU A 42 -11.62 -0.16 -0.75
N PRO A 43 -12.17 0.15 -1.93
CA PRO A 43 -12.45 -0.86 -2.96
C PRO A 43 -11.22 -1.70 -3.29
N ARG A 44 -11.45 -2.95 -3.68
CA ARG A 44 -10.36 -3.86 -4.02
C ARG A 44 -9.43 -3.23 -5.05
N PRO A 45 -10.03 -2.60 -6.08
CA PRO A 45 -9.27 -1.95 -7.15
C PRO A 45 -8.52 -0.72 -6.66
N GLU A 46 -9.01 -0.12 -5.57
CA GLU A 46 -8.37 1.06 -5.00
C GLU A 46 -7.14 0.69 -4.19
N ILE A 47 -7.17 -0.50 -3.60
CA ILE A 47 -6.05 -0.99 -2.80
C ILE A 47 -5.02 -1.69 -3.66
N ILE A 48 -5.48 -2.59 -4.53
CA ILE A 48 -4.59 -3.33 -5.41
C ILE A 48 -3.62 -2.39 -6.13
N GLN A 49 -4.16 -1.36 -6.76
CA GLN A 49 -3.35 -0.39 -7.48
C GLN A 49 -2.33 0.26 -6.56
N TRP A 50 -2.79 0.68 -5.38
CA TRP A 50 -1.92 1.32 -4.39
C TRP A 50 -0.61 0.55 -4.25
N PHE A 51 -0.71 -0.75 -4.02
CA PHE A 51 0.47 -1.60 -3.86
C PHE A 51 1.43 -1.39 -5.02
N GLY A 52 0.91 -1.40 -6.23
CA GLY A 52 1.74 -1.21 -7.41
C GLY A 52 2.59 0.04 -7.33
N ASP A 53 1.94 1.18 -7.17
CA ASP A 53 2.65 2.46 -7.08
C ASP A 53 3.60 2.47 -5.89
N THR A 54 3.16 1.85 -4.79
CA THR A 54 3.97 1.79 -3.58
C THR A 54 5.38 1.27 -3.88
N ARG A 55 5.45 0.17 -4.63
CA ARG A 55 6.72 -0.42 -4.99
C ARG A 55 7.63 0.59 -5.67
N TYR A 56 7.11 1.27 -6.70
CA TYR A 56 7.86 2.26 -7.43
C TYR A 56 8.63 3.18 -6.48
N ALA A 57 7.89 3.82 -5.57
CA ALA A 57 8.51 4.72 -4.60
C ALA A 57 9.61 4.01 -3.81
N LEU A 58 9.27 2.86 -3.25
CA LEU A 58 10.23 2.09 -2.46
C LEU A 58 11.52 1.85 -3.26
N LYS A 59 11.40 1.11 -4.35
CA LYS A 59 12.54 0.81 -5.20
C LYS A 59 13.45 2.03 -5.34
N HIS A 60 12.84 3.20 -5.47
CA HIS A 60 13.58 4.44 -5.62
C HIS A 60 14.08 4.94 -4.27
N GLY A 61 13.31 4.65 -3.22
CA GLY A 61 13.69 5.08 -1.88
C GLY A 61 12.88 6.27 -1.40
N GLN A 62 11.58 6.25 -1.69
CA GLN A 62 10.70 7.33 -1.29
C GLN A 62 10.03 7.03 0.05
N LEU A 63 9.49 5.82 0.16
CA LEU A 63 8.81 5.39 1.39
C LEU A 63 9.66 5.73 2.62
N LYS A 64 9.12 6.57 3.48
CA LYS A 64 9.81 6.98 4.70
C LYS A 64 9.61 5.95 5.81
N TRP A 65 8.52 5.20 5.72
CA TRP A 65 8.21 4.18 6.72
C TRP A 65 8.92 2.87 6.39
N PHE A 66 9.14 2.63 5.10
CA PHE A 66 9.80 1.41 4.66
C PHE A 66 11.31 1.51 4.85
N ARG A 67 11.91 0.45 5.37
CA ARG A 67 13.35 0.42 5.61
C ARG A 67 14.11 0.36 4.29
N ASP A 68 15.43 0.53 4.37
CA ASP A 68 16.28 0.50 3.18
C ASP A 68 16.94 -0.87 3.04
N ASN A 69 16.54 -1.61 2.01
CA ASN A 69 17.09 -2.93 1.75
C ASN A 69 18.33 -2.85 0.87
N ALA A 70 19.19 -1.87 1.16
CA ALA A 70 20.41 -1.67 0.39
C ALA A 70 21.61 -2.28 1.11
N SER A 71 21.68 -2.06 2.42
CA SER A 71 22.79 -2.59 3.21
C SER A 71 22.43 -3.96 3.80
N GLY A 72 21.34 -4.01 4.57
CA GLY A 72 20.92 -5.25 5.17
C GLY A 72 20.70 -5.12 6.67
N PRO A 73 19.88 -6.03 7.23
CA PRO A 73 19.57 -6.04 8.66
C PRO A 73 20.78 -6.45 9.50
N SER A 74 20.81 -5.99 10.75
CA SER A 74 21.90 -6.32 11.66
C SER A 74 21.37 -6.69 13.04
N SER A 75 22.07 -7.61 13.70
CA SER A 75 21.67 -8.07 15.03
C SER A 75 22.86 -8.60 15.80
N GLY A 76 22.69 -8.77 17.11
CA GLY A 76 23.76 -9.27 17.95
C GLY A 76 23.29 -10.32 18.94
N GLY A 1 -21.19 8.01 -10.42
CA GLY A 1 -19.89 8.16 -9.79
C GLY A 1 -19.27 9.51 -10.03
N SER A 2 -18.20 9.82 -9.29
CA SER A 2 -17.51 11.09 -9.44
C SER A 2 -16.49 11.04 -10.57
N SER A 3 -16.89 11.53 -11.75
CA SER A 3 -16.01 11.54 -12.91
C SER A 3 -15.15 12.80 -12.94
N GLY A 4 -13.89 12.66 -12.50
CA GLY A 4 -12.99 13.79 -12.48
C GLY A 4 -12.41 14.05 -11.11
N SER A 5 -11.15 13.66 -10.92
CA SER A 5 -10.48 13.85 -9.64
C SER A 5 -8.97 13.76 -9.79
N SER A 6 -8.25 14.16 -8.75
CA SER A 6 -6.79 14.13 -8.78
C SER A 6 -6.27 12.70 -8.83
N GLY A 7 -6.68 11.88 -7.86
CA GLY A 7 -6.25 10.50 -7.82
C GLY A 7 -6.21 9.94 -6.41
N LYS A 8 -5.03 9.49 -5.98
CA LYS A 8 -4.87 8.93 -4.64
C LYS A 8 -5.28 9.94 -3.58
N ARG A 9 -6.47 9.75 -3.01
CA ARG A 9 -6.99 10.64 -1.98
C ARG A 9 -7.38 9.85 -0.73
N LYS A 10 -6.57 8.86 -0.38
CA LYS A 10 -6.83 8.03 0.79
C LYS A 10 -6.49 8.78 2.07
N THR A 11 -7.16 8.42 3.16
CA THR A 11 -6.93 9.06 4.45
C THR A 11 -5.78 8.40 5.20
N LYS A 12 -5.09 9.17 6.03
CA LYS A 12 -3.96 8.67 6.81
C LYS A 12 -4.29 7.30 7.41
N GLU A 13 -5.50 7.17 7.95
CA GLU A 13 -5.94 5.92 8.55
C GLU A 13 -5.91 4.79 7.53
N GLN A 14 -6.72 4.91 6.49
CA GLN A 14 -6.79 3.90 5.44
C GLN A 14 -5.40 3.48 5.00
N LEU A 15 -4.53 4.47 4.82
CA LEU A 15 -3.15 4.21 4.38
C LEU A 15 -2.33 3.58 5.51
N ALA A 16 -2.67 3.92 6.75
CA ALA A 16 -1.98 3.39 7.90
C ALA A 16 -2.06 1.87 7.95
N ILE A 17 -3.19 1.33 7.49
CA ILE A 17 -3.38 -0.12 7.47
C ILE A 17 -2.64 -0.75 6.30
N LEU A 18 -2.62 -0.07 5.17
CA LEU A 18 -1.93 -0.56 3.98
C LEU A 18 -0.43 -0.69 4.22
N LYS A 19 0.19 0.42 4.63
CA LYS A 19 1.63 0.43 4.90
C LYS A 19 2.04 -0.81 5.67
N SER A 20 1.21 -1.22 6.63
CA SER A 20 1.49 -2.40 7.44
C SER A 20 1.46 -3.67 6.59
N PHE A 21 0.55 -3.71 5.63
CA PHE A 21 0.42 -4.86 4.75
C PHE A 21 1.58 -4.92 3.76
N PHE A 22 1.87 -3.80 3.13
CA PHE A 22 2.96 -3.73 2.15
C PHE A 22 4.25 -4.32 2.72
N LEU A 23 4.61 -3.87 3.92
CA LEU A 23 5.82 -4.37 4.57
C LEU A 23 5.82 -5.89 4.66
N GLN A 24 4.75 -6.44 5.23
CA GLN A 24 4.62 -7.88 5.38
C GLN A 24 4.65 -8.56 4.01
N CYS A 25 4.05 -7.91 3.02
CA CYS A 25 4.00 -8.46 1.67
C CYS A 25 3.86 -7.35 0.64
N GLN A 26 4.90 -7.18 -0.18
CA GLN A 26 4.88 -6.15 -1.21
C GLN A 26 3.77 -6.40 -2.23
N TRP A 27 3.38 -7.66 -2.36
CA TRP A 27 2.32 -8.02 -3.30
C TRP A 27 1.21 -8.79 -2.58
N ALA A 28 -0.03 -8.35 -2.76
CA ALA A 28 -1.18 -8.98 -2.14
C ALA A 28 -1.95 -9.82 -3.16
N ARG A 29 -2.61 -10.87 -2.67
CA ARG A 29 -3.39 -11.74 -3.54
C ARG A 29 -4.89 -11.45 -3.42
N ARG A 30 -5.67 -12.03 -4.32
CA ARG A 30 -7.12 -11.82 -4.31
C ARG A 30 -7.72 -12.17 -2.95
N GLU A 31 -7.17 -13.21 -2.32
CA GLU A 31 -7.66 -13.64 -1.02
C GLU A 31 -7.28 -12.63 0.06
N ASP A 32 -6.30 -11.79 -0.24
CA ASP A 32 -5.85 -10.77 0.71
C ASP A 32 -6.59 -9.46 0.49
N TYR A 33 -6.76 -9.08 -0.77
CA TYR A 33 -7.46 -7.84 -1.12
C TYR A 33 -8.84 -7.80 -0.48
N GLN A 34 -9.62 -8.84 -0.69
CA GLN A 34 -10.97 -8.92 -0.13
C GLN A 34 -10.96 -8.57 1.36
N LYS A 35 -9.79 -8.71 1.98
CA LYS A 35 -9.65 -8.41 3.40
C LYS A 35 -9.27 -6.94 3.61
N LEU A 36 -8.31 -6.47 2.83
CA LEU A 36 -7.85 -5.09 2.93
C LEU A 36 -9.02 -4.11 2.80
N GLU A 37 -9.93 -4.41 1.87
CA GLU A 37 -11.10 -3.57 1.66
C GLU A 37 -12.03 -3.60 2.87
N GLN A 38 -11.73 -4.48 3.81
CA GLN A 38 -12.55 -4.60 5.02
C GLN A 38 -11.89 -3.87 6.19
N ILE A 39 -10.57 -3.72 6.13
CA ILE A 39 -9.84 -3.04 7.19
C ILE A 39 -9.64 -1.57 6.85
N THR A 40 -9.38 -1.29 5.57
CA THR A 40 -9.16 0.08 5.12
C THR A 40 -10.47 0.71 4.66
N GLY A 41 -11.40 -0.12 4.19
CA GLY A 41 -12.67 0.39 3.72
C GLY A 41 -12.62 0.87 2.29
N LEU A 42 -11.53 0.56 1.60
CA LEU A 42 -11.35 0.97 0.21
C LEU A 42 -11.54 -0.21 -0.74
N PRO A 43 -12.19 0.06 -1.89
CA PRO A 43 -12.45 -0.97 -2.90
C PRO A 43 -11.19 -1.75 -3.27
N ARG A 44 -11.37 -3.00 -3.65
CA ARG A 44 -10.25 -3.86 -4.02
C ARG A 44 -9.39 -3.19 -5.09
N PRO A 45 -10.05 -2.61 -6.11
CA PRO A 45 -9.37 -1.92 -7.20
C PRO A 45 -8.59 -0.69 -6.73
N GLU A 46 -9.00 -0.14 -5.59
CA GLU A 46 -8.35 1.04 -5.03
C GLU A 46 -7.10 0.64 -4.26
N ILE A 47 -7.14 -0.52 -3.62
CA ILE A 47 -6.02 -1.01 -2.83
C ILE A 47 -4.98 -1.67 -3.73
N ILE A 48 -5.44 -2.51 -4.65
CA ILE A 48 -4.55 -3.20 -5.57
C ILE A 48 -3.60 -2.23 -6.26
N GLN A 49 -4.17 -1.23 -6.94
CA GLN A 49 -3.38 -0.23 -7.63
C GLN A 49 -2.35 0.41 -6.70
N TRP A 50 -2.80 0.77 -5.50
CA TRP A 50 -1.92 1.38 -4.51
C TRP A 50 -0.62 0.62 -4.38
N PHE A 51 -0.72 -0.71 -4.28
CA PHE A 51 0.47 -1.56 -4.16
C PHE A 51 1.41 -1.34 -5.34
N GLY A 52 0.86 -1.26 -6.54
CA GLY A 52 1.67 -1.06 -7.71
C GLY A 52 2.54 0.17 -7.62
N ASP A 53 1.93 1.32 -7.33
CA ASP A 53 2.66 2.57 -7.21
C ASP A 53 3.62 2.53 -6.01
N THR A 54 3.11 2.03 -4.88
CA THR A 54 3.91 1.94 -3.67
C THR A 54 5.28 1.34 -3.95
N ARG A 55 5.30 0.28 -4.75
CA ARG A 55 6.55 -0.39 -5.10
C ARG A 55 7.53 0.59 -5.72
N TYR A 56 7.09 1.29 -6.77
CA TYR A 56 7.93 2.27 -7.45
C TYR A 56 8.70 3.12 -6.45
N ALA A 57 7.96 3.79 -5.56
CA ALA A 57 8.57 4.65 -4.56
C ALA A 57 9.60 3.88 -3.74
N LEU A 58 9.19 2.74 -3.19
CA LEU A 58 10.10 1.92 -2.39
C LEU A 58 11.39 1.64 -3.14
N LYS A 59 11.28 0.91 -4.25
CA LYS A 59 12.44 0.57 -5.06
C LYS A 59 13.38 1.77 -5.20
N HIS A 60 12.80 2.94 -5.42
CA HIS A 60 13.59 4.16 -5.58
C HIS A 60 14.06 4.67 -4.22
N GLY A 61 13.29 4.36 -3.17
CA GLY A 61 13.64 4.81 -1.84
C GLY A 61 12.86 6.03 -1.40
N GLN A 62 11.57 6.03 -1.69
CA GLN A 62 10.71 7.16 -1.31
C GLN A 62 10.03 6.90 0.02
N LEU A 63 9.43 5.72 0.17
CA LEU A 63 8.73 5.36 1.40
C LEU A 63 9.59 5.71 2.62
N LYS A 64 8.99 6.43 3.56
CA LYS A 64 9.69 6.83 4.78
C LYS A 64 9.45 5.82 5.89
N TRP A 65 8.34 5.11 5.81
CA TRP A 65 8.00 4.11 6.82
C TRP A 65 8.70 2.78 6.52
N PHE A 66 8.92 2.51 5.24
CA PHE A 66 9.58 1.28 4.82
C PHE A 66 11.05 1.29 5.21
N ARG A 67 11.61 0.11 5.46
CA ARG A 67 13.01 -0.02 5.84
C ARG A 67 13.28 0.71 7.16
N ASP A 68 12.33 0.60 8.10
CA ASP A 68 12.47 1.25 9.39
C ASP A 68 12.25 0.24 10.52
N ASN A 69 12.48 0.68 11.75
CA ASN A 69 12.31 -0.18 12.91
C ASN A 69 11.10 0.26 13.74
N ALA A 70 9.92 -0.18 13.33
CA ALA A 70 8.69 0.16 14.04
C ALA A 70 8.22 -0.99 14.92
N SER A 71 8.82 -1.13 16.09
CA SER A 71 8.46 -2.19 17.01
C SER A 71 8.40 -1.67 18.45
N GLY A 72 7.45 -2.17 19.22
CA GLY A 72 7.30 -1.75 20.60
C GLY A 72 5.92 -1.21 20.90
N PRO A 73 5.44 -1.43 22.13
CA PRO A 73 4.12 -0.97 22.56
C PRO A 73 4.06 0.54 22.71
N SER A 74 2.86 1.10 22.53
CA SER A 74 2.66 2.54 22.64
C SER A 74 1.62 2.86 23.71
N SER A 75 1.86 3.94 24.46
CA SER A 75 0.94 4.35 25.51
C SER A 75 -0.51 4.23 25.05
N GLY A 76 -1.21 3.23 25.60
CA GLY A 76 -2.61 3.02 25.23
C GLY A 76 -2.75 2.28 23.92
N GLY A 1 -14.38 17.36 -14.70
CA GLY A 1 -15.32 17.57 -13.62
C GLY A 1 -16.17 16.35 -13.34
N SER A 2 -15.75 15.54 -12.37
CA SER A 2 -16.47 14.32 -12.01
C SER A 2 -17.06 14.45 -10.60
N SER A 3 -17.96 13.52 -10.27
CA SER A 3 -18.60 13.52 -8.96
C SER A 3 -19.01 12.12 -8.55
N GLY A 4 -18.51 11.66 -7.41
CA GLY A 4 -18.83 10.33 -6.93
C GLY A 4 -17.61 9.58 -6.43
N SER A 5 -16.91 10.17 -5.46
CA SER A 5 -15.72 9.57 -4.89
C SER A 5 -14.89 8.88 -5.98
N SER A 6 -14.77 9.53 -7.13
CA SER A 6 -14.02 8.99 -8.24
C SER A 6 -12.54 9.38 -8.15
N GLY A 7 -12.29 10.68 -7.97
CA GLY A 7 -10.93 11.17 -7.86
C GLY A 7 -10.14 10.45 -6.79
N LYS A 8 -9.20 9.60 -7.21
CA LYS A 8 -8.38 8.85 -6.28
C LYS A 8 -8.04 9.69 -5.04
N ARG A 9 -8.17 9.08 -3.87
CA ARG A 9 -7.90 9.77 -2.62
C ARG A 9 -8.00 8.81 -1.43
N LYS A 10 -7.01 8.86 -0.55
CA LYS A 10 -6.99 8.00 0.62
C LYS A 10 -6.76 8.81 1.89
N THR A 11 -6.97 8.18 3.05
CA THR A 11 -6.79 8.85 4.33
C THR A 11 -5.64 8.22 5.11
N LYS A 12 -4.87 9.07 5.80
CA LYS A 12 -3.74 8.60 6.58
C LYS A 12 -4.09 7.31 7.33
N GLU A 13 -5.28 7.30 7.94
CA GLU A 13 -5.73 6.13 8.68
C GLU A 13 -5.77 4.89 7.80
N GLN A 14 -6.52 4.97 6.71
CA GLN A 14 -6.65 3.85 5.77
C GLN A 14 -5.27 3.41 5.28
N LEU A 15 -4.48 4.37 4.81
CA LEU A 15 -3.14 4.08 4.30
C LEU A 15 -2.29 3.41 5.38
N ALA A 16 -2.49 3.82 6.63
CA ALA A 16 -1.74 3.25 7.75
C ALA A 16 -1.92 1.75 7.82
N ILE A 17 -3.10 1.27 7.42
CA ILE A 17 -3.40 -0.16 7.43
C ILE A 17 -2.73 -0.87 6.26
N LEU A 18 -2.47 -0.12 5.19
CA LEU A 18 -1.84 -0.68 4.00
C LEU A 18 -0.33 -0.77 4.18
N LYS A 19 0.27 0.33 4.60
CA LYS A 19 1.72 0.38 4.81
C LYS A 19 2.20 -0.86 5.56
N SER A 20 1.42 -1.28 6.55
CA SER A 20 1.77 -2.45 7.34
C SER A 20 1.69 -3.73 6.51
N PHE A 21 0.76 -3.74 5.55
CA PHE A 21 0.58 -4.90 4.69
C PHE A 21 1.72 -5.00 3.68
N PHE A 22 1.96 -3.91 2.96
CA PHE A 22 3.02 -3.88 1.96
C PHE A 22 4.31 -4.48 2.51
N LEU A 23 4.64 -4.13 3.75
CA LEU A 23 5.84 -4.63 4.39
C LEU A 23 5.82 -6.16 4.49
N GLN A 24 4.74 -6.68 5.08
CA GLN A 24 4.59 -8.12 5.24
C GLN A 24 4.60 -8.83 3.89
N CYS A 25 4.10 -8.14 2.88
CA CYS A 25 4.05 -8.70 1.52
C CYS A 25 3.91 -7.59 0.48
N GLN A 26 4.92 -7.47 -0.38
CA GLN A 26 4.91 -6.45 -1.42
C GLN A 26 3.76 -6.68 -2.40
N TRP A 27 3.23 -7.90 -2.41
CA TRP A 27 2.12 -8.25 -3.29
C TRP A 27 1.03 -8.98 -2.53
N ALA A 28 -0.22 -8.54 -2.72
CA ALA A 28 -1.35 -9.16 -2.05
C ALA A 28 -2.15 -10.03 -3.02
N ARG A 29 -2.72 -11.10 -2.50
CA ARG A 29 -3.52 -12.02 -3.31
C ARG A 29 -4.99 -11.66 -3.27
N ARG A 30 -5.78 -12.25 -4.16
CA ARG A 30 -7.20 -11.98 -4.23
C ARG A 30 -7.88 -12.30 -2.89
N GLU A 31 -7.24 -13.17 -2.11
CA GLU A 31 -7.78 -13.56 -0.81
C GLU A 31 -7.42 -12.53 0.25
N ASP A 32 -6.33 -11.81 0.02
CA ASP A 32 -5.87 -10.79 0.97
C ASP A 32 -6.58 -9.47 0.72
N TYR A 33 -6.74 -9.12 -0.55
CA TYR A 33 -7.39 -7.87 -0.93
C TYR A 33 -8.78 -7.78 -0.31
N GLN A 34 -9.59 -8.80 -0.56
CA GLN A 34 -10.95 -8.84 -0.03
C GLN A 34 -10.98 -8.42 1.44
N LYS A 35 -9.87 -8.64 2.13
CA LYS A 35 -9.76 -8.29 3.54
C LYS A 35 -9.46 -6.80 3.71
N LEU A 36 -8.50 -6.30 2.93
CA LEU A 36 -8.12 -4.90 2.99
C LEU A 36 -9.35 -4.00 2.81
N GLU A 37 -10.23 -4.37 1.88
CA GLU A 37 -11.42 -3.59 1.61
C GLU A 37 -12.38 -3.62 2.81
N GLN A 38 -12.04 -4.44 3.79
CA GLN A 38 -12.86 -4.57 4.99
C GLN A 38 -12.25 -3.77 6.14
N ILE A 39 -10.95 -3.55 6.09
CA ILE A 39 -10.25 -2.79 7.12
C ILE A 39 -10.06 -1.34 6.72
N THR A 40 -9.58 -1.13 5.50
CA THR A 40 -9.36 0.21 4.98
C THR A 40 -10.64 0.78 4.36
N GLY A 41 -11.61 -0.09 4.12
CA GLY A 41 -12.86 0.35 3.53
C GLY A 41 -12.68 0.85 2.11
N LEU A 42 -11.48 0.71 1.58
CA LEU A 42 -11.19 1.15 0.23
C LEU A 42 -11.46 0.04 -0.78
N PRO A 43 -12.04 0.42 -1.94
CA PRO A 43 -12.36 -0.53 -3.00
C PRO A 43 -11.18 -1.45 -3.35
N ARG A 44 -11.49 -2.68 -3.71
CA ARG A 44 -10.45 -3.65 -4.06
C ARG A 44 -9.49 -3.07 -5.10
N PRO A 45 -10.06 -2.41 -6.12
CA PRO A 45 -9.28 -1.80 -7.20
C PRO A 45 -8.44 -0.63 -6.71
N GLU A 46 -8.84 -0.04 -5.59
CA GLU A 46 -8.12 1.09 -5.01
C GLU A 46 -6.92 0.62 -4.20
N ILE A 47 -7.04 -0.59 -3.65
CA ILE A 47 -5.96 -1.17 -2.84
C ILE A 47 -4.99 -1.96 -3.71
N ILE A 48 -5.53 -2.73 -4.65
CA ILE A 48 -4.71 -3.54 -5.54
C ILE A 48 -3.70 -2.67 -6.28
N GLN A 49 -4.20 -1.62 -6.92
CA GLN A 49 -3.33 -0.71 -7.67
C GLN A 49 -2.33 -0.02 -6.75
N TRP A 50 -2.79 0.35 -5.57
CA TRP A 50 -1.94 1.01 -4.58
C TRP A 50 -0.63 0.25 -4.39
N PHE A 51 -0.74 -1.07 -4.23
CA PHE A 51 0.43 -1.91 -4.03
C PHE A 51 1.46 -1.67 -5.13
N GLY A 52 0.99 -1.33 -6.32
CA GLY A 52 1.88 -1.08 -7.43
C GLY A 52 2.72 0.17 -7.24
N ASP A 53 2.06 1.33 -7.23
CA ASP A 53 2.75 2.59 -7.05
C ASP A 53 3.66 2.56 -5.82
N THR A 54 3.27 1.77 -4.83
CA THR A 54 4.03 1.64 -3.60
C THR A 54 5.45 1.15 -3.90
N ARG A 55 5.56 0.14 -4.73
CA ARG A 55 6.87 -0.42 -5.09
C ARG A 55 7.75 0.63 -5.75
N TYR A 56 7.15 1.42 -6.64
CA TYR A 56 7.88 2.47 -7.34
C TYR A 56 8.64 3.36 -6.36
N ALA A 57 7.90 4.09 -5.53
CA ALA A 57 8.51 4.97 -4.55
C ALA A 57 9.59 4.25 -3.76
N LEU A 58 9.26 3.06 -3.26
CA LEU A 58 10.21 2.26 -2.49
C LEU A 58 11.52 2.08 -3.25
N LYS A 59 11.42 1.50 -4.44
CA LYS A 59 12.59 1.26 -5.27
C LYS A 59 13.47 2.50 -5.34
N HIS A 60 12.84 3.66 -5.49
CA HIS A 60 13.57 4.92 -5.57
C HIS A 60 14.07 5.35 -4.19
N GLY A 61 13.37 4.90 -3.15
CA GLY A 61 13.75 5.24 -1.79
C GLY A 61 12.93 6.38 -1.23
N GLN A 62 11.64 6.42 -1.57
CA GLN A 62 10.75 7.47 -1.10
C GLN A 62 10.06 7.05 0.19
N LEU A 63 9.59 5.80 0.23
CA LEU A 63 8.90 5.27 1.40
C LEU A 63 9.67 5.61 2.68
N LYS A 64 9.06 6.42 3.54
CA LYS A 64 9.67 6.82 4.79
C LYS A 64 9.41 5.78 5.88
N TRP A 65 8.43 4.91 5.64
CA TRP A 65 8.09 3.87 6.61
C TRP A 65 8.84 2.57 6.29
N PHE A 66 8.98 2.27 5.02
CA PHE A 66 9.68 1.07 4.59
C PHE A 66 11.19 1.20 4.78
N ARG A 67 11.76 0.33 5.59
CA ARG A 67 13.19 0.35 5.86
C ARG A 67 13.97 -0.25 4.70
N ASP A 68 15.25 0.10 4.61
CA ASP A 68 16.11 -0.41 3.55
C ASP A 68 15.74 -1.85 3.20
N ASN A 69 15.10 -2.03 2.05
CA ASN A 69 14.69 -3.35 1.59
C ASN A 69 15.64 -3.87 0.51
N ALA A 70 16.94 -3.72 0.75
CA ALA A 70 17.94 -4.18 -0.20
C ALA A 70 18.27 -5.65 0.02
N SER A 71 17.52 -6.53 -0.66
CA SER A 71 17.74 -7.97 -0.53
C SER A 71 18.13 -8.57 -1.88
N GLY A 72 18.65 -9.79 -1.84
CA GLY A 72 19.05 -10.46 -3.06
C GLY A 72 17.89 -11.08 -3.81
N PRO A 73 17.97 -11.07 -5.13
CA PRO A 73 16.91 -11.63 -6.00
C PRO A 73 16.82 -13.14 -5.91
N SER A 74 17.83 -13.76 -5.29
CA SER A 74 17.88 -15.20 -5.13
C SER A 74 16.69 -15.69 -4.30
N SER A 75 16.45 -17.00 -4.34
CA SER A 75 15.35 -17.60 -3.58
C SER A 75 14.01 -17.05 -4.07
N GLY A 76 13.88 -16.90 -5.38
CA GLY A 76 12.65 -16.40 -5.95
C GLY A 76 11.84 -17.47 -6.66
N GLY A 1 -29.47 13.77 9.13
CA GLY A 1 -28.10 14.11 8.79
C GLY A 1 -27.61 13.38 7.57
N SER A 2 -27.67 14.04 6.41
CA SER A 2 -27.23 13.43 5.16
C SER A 2 -25.73 13.20 5.17
N SER A 3 -25.29 12.11 4.56
CA SER A 3 -23.87 11.77 4.50
C SER A 3 -23.33 11.94 3.08
N GLY A 4 -22.26 12.71 2.95
CA GLY A 4 -21.66 12.94 1.65
C GLY A 4 -20.16 12.76 1.65
N SER A 5 -19.51 13.14 0.56
CA SER A 5 -18.07 13.01 0.45
C SER A 5 -17.53 13.90 -0.67
N SER A 6 -16.56 14.74 -0.33
CA SER A 6 -15.96 15.65 -1.31
C SER A 6 -14.47 15.38 -1.46
N GLY A 7 -14.06 15.00 -2.68
CA GLY A 7 -12.66 14.71 -2.94
C GLY A 7 -12.36 13.24 -2.88
N LYS A 8 -11.48 12.78 -3.76
CA LYS A 8 -11.09 11.37 -3.81
C LYS A 8 -9.64 11.19 -3.39
N ARG A 9 -9.43 10.88 -2.11
CA ARG A 9 -8.09 10.68 -1.58
C ARG A 9 -8.12 9.78 -0.35
N LYS A 10 -7.05 9.04 -0.14
CA LYS A 10 -6.94 8.13 1.00
C LYS A 10 -6.63 8.90 2.27
N THR A 11 -6.99 8.32 3.42
CA THR A 11 -6.74 8.95 4.71
C THR A 11 -5.60 8.26 5.44
N LYS A 12 -4.81 9.04 6.17
CA LYS A 12 -3.68 8.51 6.93
C LYS A 12 -4.08 7.22 7.65
N GLU A 13 -5.32 7.16 8.11
CA GLU A 13 -5.82 5.99 8.81
C GLU A 13 -5.87 4.77 7.89
N GLN A 14 -6.58 4.91 6.78
CA GLN A 14 -6.71 3.83 5.81
C GLN A 14 -5.34 3.41 5.28
N LEU A 15 -4.55 4.38 4.85
CA LEU A 15 -3.21 4.11 4.33
C LEU A 15 -2.36 3.38 5.36
N ALA A 16 -2.58 3.70 6.64
CA ALA A 16 -1.83 3.07 7.73
C ALA A 16 -1.97 1.55 7.69
N ILE A 17 -3.22 1.09 7.57
CA ILE A 17 -3.49 -0.35 7.52
C ILE A 17 -2.79 -0.99 6.32
N LEU A 18 -2.62 -0.21 5.25
CA LEU A 18 -1.98 -0.72 4.05
C LEU A 18 -0.47 -0.78 4.23
N LYS A 19 0.13 0.35 4.60
CA LYS A 19 1.57 0.42 4.81
C LYS A 19 2.07 -0.80 5.57
N SER A 20 1.30 -1.24 6.56
CA SER A 20 1.67 -2.40 7.36
C SER A 20 1.62 -3.67 6.53
N PHE A 21 0.71 -3.72 5.57
CA PHE A 21 0.56 -4.88 4.70
C PHE A 21 1.69 -4.93 3.67
N PHE A 22 2.00 -3.78 3.10
CA PHE A 22 3.06 -3.69 2.09
C PHE A 22 4.37 -4.23 2.64
N LEU A 23 4.68 -3.87 3.88
CA LEU A 23 5.91 -4.31 4.53
C LEU A 23 5.95 -5.83 4.65
N GLN A 24 4.90 -6.39 5.21
CA GLN A 24 4.81 -7.84 5.38
C GLN A 24 4.83 -8.55 4.04
N CYS A 25 4.25 -7.91 3.02
CA CYS A 25 4.19 -8.48 1.68
C CYS A 25 4.03 -7.39 0.63
N GLN A 26 5.00 -7.27 -0.25
CA GLN A 26 4.97 -6.26 -1.31
C GLN A 26 3.86 -6.56 -2.31
N TRP A 27 3.40 -7.81 -2.32
CA TRP A 27 2.35 -8.23 -3.22
C TRP A 27 1.30 -9.06 -2.49
N ALA A 28 0.03 -8.69 -2.66
CA ALA A 28 -1.07 -9.40 -2.02
C ALA A 28 -1.90 -10.17 -3.05
N ARG A 29 -2.63 -11.18 -2.58
CA ARG A 29 -3.47 -11.99 -3.45
C ARG A 29 -4.94 -11.59 -3.32
N ARG A 30 -5.78 -12.17 -4.17
CA ARG A 30 -7.20 -11.89 -4.13
C ARG A 30 -7.78 -12.14 -2.75
N GLU A 31 -7.30 -13.19 -2.10
CA GLU A 31 -7.76 -13.55 -0.77
C GLU A 31 -7.37 -12.48 0.26
N ASP A 32 -6.29 -11.76 -0.04
CA ASP A 32 -5.81 -10.71 0.85
C ASP A 32 -6.51 -9.40 0.57
N TYR A 33 -6.71 -9.09 -0.71
CA TYR A 33 -7.37 -7.86 -1.11
C TYR A 33 -8.77 -7.78 -0.52
N GLN A 34 -9.52 -8.86 -0.63
CA GLN A 34 -10.88 -8.91 -0.11
C GLN A 34 -10.91 -8.55 1.36
N LYS A 35 -9.76 -8.67 2.03
CA LYS A 35 -9.65 -8.34 3.44
C LYS A 35 -9.34 -6.86 3.64
N LEU A 36 -8.42 -6.35 2.84
CA LEU A 36 -8.04 -4.94 2.91
C LEU A 36 -9.24 -4.03 2.74
N GLU A 37 -10.16 -4.43 1.87
CA GLU A 37 -11.37 -3.64 1.61
C GLU A 37 -12.29 -3.67 2.81
N GLN A 38 -11.97 -4.51 3.80
CA GLN A 38 -12.77 -4.63 5.01
C GLN A 38 -12.15 -3.86 6.16
N ILE A 39 -10.83 -3.72 6.13
CA ILE A 39 -10.11 -3.00 7.17
C ILE A 39 -9.93 -1.52 6.80
N THR A 40 -9.59 -1.28 5.54
CA THR A 40 -9.39 0.09 5.06
C THR A 40 -10.68 0.66 4.46
N GLY A 41 -11.61 -0.24 4.12
CA GLY A 41 -12.87 0.20 3.56
C GLY A 41 -12.72 0.74 2.14
N LEU A 42 -11.50 0.65 1.61
CA LEU A 42 -11.23 1.14 0.25
C LEU A 42 -11.49 0.05 -0.78
N PRO A 43 -12.09 0.45 -1.90
CA PRO A 43 -12.41 -0.47 -3.00
C PRO A 43 -11.22 -1.35 -3.38
N ARG A 44 -11.51 -2.61 -3.71
CA ARG A 44 -10.47 -3.55 -4.09
C ARG A 44 -9.56 -2.96 -5.17
N PRO A 45 -10.18 -2.32 -6.17
CA PRO A 45 -9.45 -1.69 -7.28
C PRO A 45 -8.59 -0.52 -6.82
N GLU A 46 -8.96 0.07 -5.70
CA GLU A 46 -8.21 1.21 -5.15
C GLU A 46 -6.98 0.73 -4.38
N ILE A 47 -7.11 -0.42 -3.72
CA ILE A 47 -6.01 -0.99 -2.96
C ILE A 47 -5.02 -1.70 -3.88
N ILE A 48 -5.52 -2.58 -4.72
CA ILE A 48 -4.69 -3.33 -5.65
C ILE A 48 -3.69 -2.41 -6.35
N GLN A 49 -4.20 -1.33 -6.93
CA GLN A 49 -3.36 -0.37 -7.64
C GLN A 49 -2.33 0.24 -6.70
N TRP A 50 -2.77 0.62 -5.50
CA TRP A 50 -1.89 1.22 -4.51
C TRP A 50 -0.60 0.42 -4.38
N PHE A 51 -0.72 -0.87 -4.12
CA PHE A 51 0.44 -1.74 -3.98
C PHE A 51 1.42 -1.52 -5.12
N GLY A 52 0.90 -1.43 -6.34
CA GLY A 52 1.74 -1.23 -7.50
C GLY A 52 2.57 0.04 -7.39
N ASP A 53 1.89 1.18 -7.26
CA ASP A 53 2.57 2.47 -7.16
C ASP A 53 3.53 2.48 -5.98
N THR A 54 3.10 1.89 -4.86
CA THR A 54 3.92 1.84 -3.66
C THR A 54 5.31 1.33 -3.97
N ARG A 55 5.38 0.24 -4.74
CA ARG A 55 6.67 -0.34 -5.11
C ARG A 55 7.59 0.71 -5.72
N TYR A 56 7.12 1.38 -6.75
CA TYR A 56 7.90 2.41 -7.42
C TYR A 56 8.62 3.30 -6.41
N ALA A 57 7.85 3.88 -5.49
CA ALA A 57 8.40 4.75 -4.47
C ALA A 57 9.51 4.04 -3.70
N LEU A 58 9.21 2.84 -3.21
CA LEU A 58 10.17 2.07 -2.44
C LEU A 58 11.45 1.84 -3.25
N LYS A 59 11.33 1.11 -4.36
CA LYS A 59 12.46 0.83 -5.22
C LYS A 59 13.38 2.04 -5.33
N HIS A 60 12.78 3.22 -5.48
CA HIS A 60 13.54 4.45 -5.60
C HIS A 60 14.05 4.91 -4.23
N GLY A 61 13.26 4.63 -3.19
CA GLY A 61 13.65 5.02 -1.85
C GLY A 61 12.86 6.21 -1.34
N GLN A 62 11.55 6.19 -1.57
CA GLN A 62 10.68 7.27 -1.14
C GLN A 62 10.00 6.93 0.18
N LEU A 63 9.46 5.72 0.27
CA LEU A 63 8.78 5.27 1.48
C LEU A 63 9.65 5.52 2.71
N LYS A 64 9.24 6.48 3.54
CA LYS A 64 9.97 6.81 4.75
C LYS A 64 9.71 5.77 5.84
N TRP A 65 8.60 5.04 5.71
CA TRP A 65 8.25 4.02 6.68
C TRP A 65 8.89 2.68 6.32
N PHE A 66 9.05 2.43 5.02
CA PHE A 66 9.65 1.20 4.55
C PHE A 66 11.16 1.19 4.80
N ARG A 67 11.62 0.20 5.56
CA ARG A 67 13.04 0.07 5.87
C ARG A 67 13.83 -0.38 4.66
N ASP A 68 14.72 0.48 4.17
CA ASP A 68 15.55 0.17 3.01
C ASP A 68 16.25 -1.18 3.20
N ASN A 69 16.36 -1.93 2.10
CA ASN A 69 17.01 -3.23 2.13
C ASN A 69 17.80 -3.49 0.86
N ALA A 70 18.96 -4.11 1.00
CA ALA A 70 19.81 -4.42 -0.16
C ALA A 70 19.33 -5.68 -0.87
N SER A 71 18.02 -5.82 -1.01
CA SER A 71 17.44 -6.98 -1.66
C SER A 71 17.15 -6.69 -3.14
N GLY A 72 17.77 -7.47 -4.02
CA GLY A 72 17.58 -7.27 -5.44
C GLY A 72 18.81 -7.59 -6.25
N PRO A 73 19.80 -6.67 -6.22
CA PRO A 73 21.06 -6.84 -6.95
C PRO A 73 21.93 -7.94 -6.36
N SER A 74 22.14 -7.88 -5.05
CA SER A 74 22.97 -8.86 -4.36
C SER A 74 22.09 -9.98 -3.77
N SER A 75 22.42 -11.22 -4.13
CA SER A 75 21.66 -12.37 -3.65
C SER A 75 22.06 -12.71 -2.22
N GLY A 76 23.37 -12.82 -1.99
CA GLY A 76 23.86 -13.14 -0.65
C GLY A 76 24.86 -14.28 -0.67
N GLY A 1 -0.54 11.51 -24.71
CA GLY A 1 -1.63 11.18 -23.80
C GLY A 1 -2.31 12.42 -23.25
N SER A 2 -3.41 12.82 -23.87
CA SER A 2 -4.15 14.00 -23.44
C SER A 2 -5.23 13.61 -22.44
N SER A 3 -4.89 12.72 -21.51
CA SER A 3 -5.83 12.27 -20.50
C SER A 3 -5.09 11.80 -19.24
N GLY A 4 -5.85 11.46 -18.20
CA GLY A 4 -5.26 11.01 -16.97
C GLY A 4 -6.16 11.24 -15.77
N SER A 5 -7.10 10.33 -15.55
CA SER A 5 -8.03 10.44 -14.44
C SER A 5 -7.57 9.61 -13.24
N SER A 6 -6.72 10.22 -12.41
CA SER A 6 -6.19 9.52 -11.24
C SER A 6 -6.65 10.22 -9.96
N GLY A 7 -6.89 9.42 -8.92
CA GLY A 7 -7.33 9.97 -7.66
C GLY A 7 -7.52 8.91 -6.59
N LYS A 8 -7.03 9.19 -5.39
CA LYS A 8 -7.15 8.24 -4.28
C LYS A 8 -7.61 8.95 -3.01
N ARG A 9 -7.15 10.18 -2.82
CA ARG A 9 -7.51 10.96 -1.65
C ARG A 9 -7.69 10.06 -0.43
N LYS A 10 -6.73 9.17 -0.21
CA LYS A 10 -6.77 8.25 0.92
C LYS A 10 -6.60 9.00 2.24
N THR A 11 -6.97 8.35 3.34
CA THR A 11 -6.86 8.95 4.66
C THR A 11 -5.76 8.29 5.48
N LYS A 12 -4.93 9.11 6.11
CA LYS A 12 -3.84 8.60 6.93
C LYS A 12 -4.22 7.30 7.62
N GLU A 13 -5.47 7.24 8.09
CA GLU A 13 -5.96 6.04 8.76
C GLU A 13 -5.95 4.84 7.83
N GLN A 14 -6.71 4.94 6.74
CA GLN A 14 -6.77 3.85 5.77
C GLN A 14 -5.38 3.41 5.33
N LEU A 15 -4.62 4.36 4.79
CA LEU A 15 -3.27 4.07 4.32
C LEU A 15 -2.46 3.36 5.40
N ALA A 16 -2.67 3.76 6.65
CA ALA A 16 -1.97 3.15 7.77
C ALA A 16 -2.08 1.64 7.74
N ILE A 17 -3.30 1.14 7.52
CA ILE A 17 -3.55 -0.29 7.47
C ILE A 17 -2.78 -0.94 6.32
N LEU A 18 -2.73 -0.24 5.19
CA LEU A 18 -2.02 -0.74 4.01
C LEU A 18 -0.51 -0.78 4.26
N LYS A 19 0.06 0.37 4.59
CA LYS A 19 1.49 0.47 4.85
C LYS A 19 1.99 -0.77 5.60
N SER A 20 1.21 -1.23 6.56
CA SER A 20 1.57 -2.40 7.35
C SER A 20 1.55 -3.66 6.49
N PHE A 21 0.56 -3.74 5.61
CA PHE A 21 0.43 -4.90 4.72
C PHE A 21 1.58 -4.95 3.71
N PHE A 22 1.82 -3.83 3.05
CA PHE A 22 2.90 -3.75 2.06
C PHE A 22 4.20 -4.31 2.62
N LEU A 23 4.56 -3.85 3.81
CA LEU A 23 5.79 -4.30 4.45
C LEU A 23 5.82 -5.82 4.57
N GLN A 24 4.75 -6.39 5.13
CA GLN A 24 4.66 -7.83 5.29
C GLN A 24 4.74 -8.54 3.95
N CYS A 25 4.17 -7.91 2.92
CA CYS A 25 4.18 -8.49 1.58
C CYS A 25 3.97 -7.40 0.52
N GLN A 26 4.94 -7.27 -0.38
CA GLN A 26 4.86 -6.27 -1.44
C GLN A 26 3.74 -6.59 -2.41
N TRP A 27 3.37 -7.86 -2.49
CA TRP A 27 2.30 -8.30 -3.38
C TRP A 27 1.20 -9.00 -2.60
N ALA A 28 -0.05 -8.60 -2.84
CA ALA A 28 -1.19 -9.19 -2.17
C ALA A 28 -2.03 -10.01 -3.13
N ARG A 29 -2.71 -11.04 -2.61
CA ARG A 29 -3.54 -11.90 -3.43
C ARG A 29 -5.03 -11.57 -3.23
N ARG A 30 -5.86 -12.05 -4.14
CA ARG A 30 -7.30 -11.82 -4.07
C ARG A 30 -7.84 -12.20 -2.70
N GLU A 31 -7.27 -13.25 -2.12
CA GLU A 31 -7.71 -13.73 -0.81
C GLU A 31 -7.38 -12.71 0.28
N ASP A 32 -6.37 -11.88 0.01
CA ASP A 32 -5.95 -10.86 0.97
C ASP A 32 -6.66 -9.55 0.70
N TYR A 33 -6.73 -9.16 -0.57
CA TYR A 33 -7.38 -7.91 -0.96
C TYR A 33 -8.77 -7.81 -0.34
N GLN A 34 -9.55 -8.88 -0.45
CA GLN A 34 -10.89 -8.90 0.09
C GLN A 34 -10.90 -8.44 1.55
N LYS A 35 -9.85 -8.78 2.28
CA LYS A 35 -9.73 -8.39 3.68
C LYS A 35 -9.38 -6.91 3.81
N LEU A 36 -8.41 -6.46 3.02
CA LEU A 36 -7.97 -5.07 3.04
C LEU A 36 -9.16 -4.14 2.86
N GLU A 37 -10.04 -4.47 1.92
CA GLU A 37 -11.23 -3.65 1.66
C GLU A 37 -12.16 -3.65 2.86
N GLN A 38 -11.85 -4.48 3.85
CA GLN A 38 -12.67 -4.58 5.06
C GLN A 38 -12.04 -3.79 6.20
N ILE A 39 -10.72 -3.70 6.20
CA ILE A 39 -10.00 -2.99 7.24
C ILE A 39 -9.82 -1.52 6.87
N THR A 40 -9.55 -1.27 5.59
CA THR A 40 -9.35 0.09 5.10
C THR A 40 -10.65 0.69 4.58
N GLY A 41 -11.56 -0.19 4.15
CA GLY A 41 -12.85 0.27 3.64
C GLY A 41 -12.74 0.85 2.24
N LEU A 42 -11.62 0.57 1.58
CA LEU A 42 -11.39 1.08 0.22
C LEU A 42 -11.59 -0.03 -0.81
N PRO A 43 -12.16 0.33 -1.97
CA PRO A 43 -12.40 -0.61 -3.06
C PRO A 43 -11.18 -1.46 -3.39
N ARG A 44 -11.41 -2.70 -3.80
CA ARG A 44 -10.32 -3.61 -4.15
C ARG A 44 -9.43 -3.00 -5.23
N PRO A 45 -10.06 -2.42 -6.26
CA PRO A 45 -9.35 -1.79 -7.38
C PRO A 45 -8.53 -0.58 -6.94
N GLU A 46 -8.88 -0.02 -5.78
CA GLU A 46 -8.18 1.13 -5.25
C GLU A 46 -6.96 0.71 -4.45
N ILE A 47 -7.08 -0.42 -3.77
CA ILE A 47 -5.98 -0.95 -2.96
C ILE A 47 -4.99 -1.72 -3.80
N ILE A 48 -5.51 -2.55 -4.71
CA ILE A 48 -4.66 -3.35 -5.58
C ILE A 48 -3.65 -2.48 -6.32
N GLN A 49 -4.14 -1.43 -6.97
CA GLN A 49 -3.29 -0.53 -7.72
C GLN A 49 -2.30 0.18 -6.78
N TRP A 50 -2.75 0.48 -5.58
CA TRP A 50 -1.91 1.15 -4.59
C TRP A 50 -0.58 0.40 -4.40
N PHE A 51 -0.68 -0.91 -4.18
CA PHE A 51 0.50 -1.74 -3.98
C PHE A 51 1.49 -1.53 -5.12
N GLY A 52 0.99 -1.37 -6.34
CA GLY A 52 1.85 -1.17 -7.48
C GLY A 52 2.63 0.14 -7.41
N ASP A 53 1.90 1.23 -7.21
CA ASP A 53 2.54 2.55 -7.12
C ASP A 53 3.48 2.62 -5.92
N THR A 54 3.11 1.92 -4.84
CA THR A 54 3.92 1.91 -3.63
C THR A 54 5.32 1.38 -3.92
N ARG A 55 5.41 0.40 -4.80
CA ARG A 55 6.69 -0.19 -5.16
C ARG A 55 7.62 0.85 -5.77
N TYR A 56 7.13 1.55 -6.78
CA TYR A 56 7.91 2.58 -7.46
C TYR A 56 8.68 3.43 -6.46
N ALA A 57 7.96 4.06 -5.55
CA ALA A 57 8.57 4.90 -4.54
C ALA A 57 9.63 4.14 -3.76
N LEU A 58 9.28 2.95 -3.28
CA LEU A 58 10.20 2.12 -2.53
C LEU A 58 11.49 1.87 -3.31
N LYS A 59 11.36 1.18 -4.44
CA LYS A 59 12.51 0.89 -5.29
C LYS A 59 13.47 2.06 -5.33
N HIS A 60 12.93 3.27 -5.49
CA HIS A 60 13.75 4.47 -5.53
C HIS A 60 14.27 4.84 -4.15
N GLY A 61 13.44 4.62 -3.14
CA GLY A 61 13.83 4.93 -1.77
C GLY A 61 13.09 6.12 -1.21
N GLN A 62 11.81 6.24 -1.57
CA GLN A 62 10.99 7.34 -1.10
C GLN A 62 10.28 6.98 0.20
N LEU A 63 9.65 5.81 0.22
CA LEU A 63 8.92 5.34 1.39
C LEU A 63 9.73 5.59 2.66
N LYS A 64 9.16 6.39 3.57
CA LYS A 64 9.83 6.71 4.83
C LYS A 64 9.52 5.66 5.89
N TRP A 65 8.40 4.96 5.72
CA TRP A 65 7.99 3.93 6.67
C TRP A 65 8.63 2.59 6.31
N PHE A 66 8.91 2.39 5.03
CA PHE A 66 9.52 1.15 4.57
C PHE A 66 10.99 1.09 4.95
N ARG A 67 11.44 -0.08 5.37
CA ARG A 67 12.84 -0.27 5.77
C ARG A 67 13.19 0.63 6.94
N ASP A 68 12.31 0.69 7.93
CA ASP A 68 12.53 1.51 9.11
C ASP A 68 13.32 0.74 10.17
N ASN A 69 14.56 1.17 10.41
CA ASN A 69 15.41 0.53 11.39
C ASN A 69 15.38 -0.98 11.23
N ALA A 70 15.36 -1.44 9.98
CA ALA A 70 15.34 -2.87 9.70
C ALA A 70 16.73 -3.47 9.83
N SER A 71 17.71 -2.87 9.17
CA SER A 71 19.08 -3.35 9.21
C SER A 71 19.12 -4.87 9.09
N GLY A 72 18.30 -5.41 8.18
CA GLY A 72 18.25 -6.84 7.97
C GLY A 72 16.87 -7.42 8.23
N PRO A 73 15.98 -7.29 7.24
CA PRO A 73 14.61 -7.79 7.33
C PRO A 73 14.56 -9.31 7.30
N SER A 74 15.31 -9.91 6.38
CA SER A 74 15.34 -11.37 6.26
C SER A 74 15.97 -12.01 7.48
N SER A 75 15.54 -13.23 7.79
CA SER A 75 16.07 -13.96 8.94
C SER A 75 16.28 -15.42 8.61
N GLY A 76 17.36 -16.00 9.15
CA GLY A 76 17.66 -17.39 8.89
C GLY A 76 18.92 -17.85 9.59
N GLY A 1 -19.68 -2.96 -11.88
CA GLY A 1 -18.82 -1.83 -12.20
C GLY A 1 -17.59 -2.23 -12.98
N SER A 2 -17.65 -2.08 -14.30
CA SER A 2 -16.52 -2.44 -15.16
C SER A 2 -15.58 -1.26 -15.35
N SER A 3 -15.38 -0.50 -14.28
CA SER A 3 -14.50 0.67 -14.34
C SER A 3 -13.62 0.74 -13.09
N GLY A 4 -12.34 1.07 -13.29
CA GLY A 4 -11.42 1.16 -12.18
C GLY A 4 -10.85 2.56 -12.02
N SER A 5 -11.57 3.40 -11.27
CA SER A 5 -11.14 4.78 -11.04
C SER A 5 -10.85 5.01 -9.56
N SER A 6 -10.35 6.20 -9.24
CA SER A 6 -10.04 6.56 -7.86
C SER A 6 -10.92 7.71 -7.38
N GLY A 7 -11.94 7.37 -6.59
CA GLY A 7 -12.84 8.39 -6.08
C GLY A 7 -12.10 9.52 -5.38
N LYS A 8 -12.15 9.52 -4.06
CA LYS A 8 -11.49 10.55 -3.27
C LYS A 8 -10.08 10.12 -2.89
N ARG A 9 -9.41 10.94 -2.08
CA ARG A 9 -8.05 10.64 -1.65
C ARG A 9 -8.06 9.86 -0.34
N LYS A 10 -7.38 8.72 -0.33
CA LYS A 10 -7.31 7.88 0.86
C LYS A 10 -7.07 8.72 2.11
N THR A 11 -7.26 8.11 3.27
CA THR A 11 -7.08 8.81 4.54
C THR A 11 -5.92 8.20 5.33
N LYS A 12 -5.17 9.05 6.02
CA LYS A 12 -4.04 8.60 6.82
C LYS A 12 -4.35 7.26 7.50
N GLU A 13 -5.57 7.14 8.02
CA GLU A 13 -5.98 5.91 8.69
C GLU A 13 -5.92 4.73 7.74
N GLN A 14 -6.75 4.77 6.69
CA GLN A 14 -6.79 3.69 5.72
C GLN A 14 -5.39 3.33 5.24
N LEU A 15 -4.66 4.34 4.75
CA LEU A 15 -3.30 4.13 4.26
C LEU A 15 -2.44 3.42 5.32
N ALA A 16 -2.63 3.82 6.58
CA ALA A 16 -1.87 3.22 7.68
C ALA A 16 -2.02 1.71 7.68
N ILE A 17 -3.24 1.23 7.45
CA ILE A 17 -3.52 -0.20 7.43
C ILE A 17 -2.81 -0.88 6.27
N LEU A 18 -2.59 -0.14 5.20
CA LEU A 18 -1.92 -0.66 4.02
C LEU A 18 -0.41 -0.73 4.23
N LYS A 19 0.18 0.41 4.61
CA LYS A 19 1.61 0.47 4.85
C LYS A 19 2.10 -0.76 5.61
N SER A 20 1.28 -1.23 6.55
CA SER A 20 1.63 -2.40 7.35
C SER A 20 1.60 -3.66 6.49
N PHE A 21 0.63 -3.74 5.59
CA PHE A 21 0.49 -4.89 4.71
C PHE A 21 1.64 -4.97 3.72
N PHE A 22 1.91 -3.85 3.04
CA PHE A 22 2.99 -3.80 2.06
C PHE A 22 4.28 -4.37 2.64
N LEU A 23 4.60 -3.97 3.86
CA LEU A 23 5.81 -4.45 4.52
C LEU A 23 5.80 -5.96 4.67
N GLN A 24 4.72 -6.49 5.25
CA GLN A 24 4.58 -7.92 5.45
C GLN A 24 4.62 -8.66 4.11
N CYS A 25 4.09 -8.03 3.07
CA CYS A 25 4.07 -8.62 1.74
C CYS A 25 3.91 -7.56 0.67
N GLN A 26 4.98 -7.33 -0.10
CA GLN A 26 4.97 -6.34 -1.16
C GLN A 26 3.84 -6.62 -2.16
N TRP A 27 3.44 -7.88 -2.25
CA TRP A 27 2.38 -8.28 -3.16
C TRP A 27 1.27 -9.01 -2.42
N ALA A 28 0.02 -8.66 -2.73
CA ALA A 28 -1.13 -9.27 -2.09
C ALA A 28 -1.98 -10.04 -3.11
N ARG A 29 -2.63 -11.09 -2.65
CA ARG A 29 -3.47 -11.91 -3.51
C ARG A 29 -4.94 -11.57 -3.33
N ARG A 30 -5.77 -11.98 -4.28
CA ARG A 30 -7.20 -11.72 -4.23
C ARG A 30 -7.78 -12.11 -2.87
N GLU A 31 -7.22 -13.18 -2.28
CA GLU A 31 -7.68 -13.66 -0.99
C GLU A 31 -7.40 -12.64 0.11
N ASP A 32 -6.35 -11.85 -0.09
CA ASP A 32 -5.97 -10.82 0.89
C ASP A 32 -6.67 -9.51 0.58
N TYR A 33 -6.71 -9.13 -0.69
CA TYR A 33 -7.35 -7.89 -1.11
C TYR A 33 -8.77 -7.81 -0.57
N GLN A 34 -9.48 -8.94 -0.57
CA GLN A 34 -10.85 -8.99 -0.08
C GLN A 34 -10.91 -8.59 1.39
N LYS A 35 -9.79 -8.73 2.09
CA LYS A 35 -9.73 -8.38 3.51
C LYS A 35 -9.38 -6.90 3.69
N LEU A 36 -8.44 -6.41 2.89
CA LEU A 36 -8.03 -5.03 2.95
C LEU A 36 -9.23 -4.08 2.84
N GLU A 37 -10.15 -4.42 1.93
CA GLU A 37 -11.34 -3.62 1.71
C GLU A 37 -12.25 -3.66 2.94
N GLN A 38 -11.92 -4.52 3.89
CA GLN A 38 -12.70 -4.67 5.12
C GLN A 38 -12.05 -3.92 6.27
N ILE A 39 -10.74 -3.75 6.20
CA ILE A 39 -9.99 -3.06 7.25
C ILE A 39 -9.81 -1.59 6.90
N THR A 40 -9.70 -1.30 5.60
CA THR A 40 -9.52 0.07 5.13
C THR A 40 -10.83 0.65 4.60
N GLY A 41 -11.74 -0.24 4.21
CA GLY A 41 -13.02 0.21 3.69
C GLY A 41 -12.90 0.79 2.29
N LEU A 42 -11.79 0.51 1.62
CA LEU A 42 -11.56 1.02 0.28
C LEU A 42 -11.73 -0.09 -0.77
N PRO A 43 -12.29 0.28 -1.93
CA PRO A 43 -12.51 -0.66 -3.03
C PRO A 43 -11.27 -1.50 -3.35
N ARG A 44 -11.48 -2.74 -3.77
CA ARG A 44 -10.39 -3.64 -4.10
C ARG A 44 -9.46 -3.01 -5.15
N PRO A 45 -10.07 -2.40 -6.18
CA PRO A 45 -9.32 -1.76 -7.26
C PRO A 45 -8.50 -0.57 -6.77
N GLU A 46 -8.92 0.01 -5.65
CA GLU A 46 -8.22 1.15 -5.08
C GLU A 46 -7.00 0.70 -4.29
N ILE A 47 -7.10 -0.49 -3.69
CA ILE A 47 -6.00 -1.04 -2.91
C ILE A 47 -5.00 -1.76 -3.80
N ILE A 48 -5.50 -2.55 -4.73
CA ILE A 48 -4.65 -3.29 -5.65
C ILE A 48 -3.67 -2.37 -6.36
N GLN A 49 -4.20 -1.30 -6.95
CA GLN A 49 -3.38 -0.33 -7.67
C GLN A 49 -2.39 0.35 -6.73
N TRP A 50 -2.85 0.66 -5.52
CA TRP A 50 -1.99 1.30 -4.54
C TRP A 50 -0.68 0.56 -4.37
N PHE A 51 -0.77 -0.76 -4.25
CA PHE A 51 0.42 -1.60 -4.08
C PHE A 51 1.40 -1.37 -5.22
N GLY A 52 0.88 -1.21 -6.43
CA GLY A 52 1.73 -0.99 -7.59
C GLY A 52 2.63 0.22 -7.43
N ASP A 53 2.01 1.39 -7.31
CA ASP A 53 2.76 2.64 -7.15
C ASP A 53 3.71 2.55 -5.96
N THR A 54 3.23 1.98 -4.86
CA THR A 54 4.04 1.84 -3.65
C THR A 54 5.41 1.28 -3.98
N ARG A 55 5.44 0.15 -4.70
CA ARG A 55 6.69 -0.48 -5.08
C ARG A 55 7.64 0.52 -5.74
N TYR A 56 7.10 1.35 -6.63
CA TYR A 56 7.89 2.34 -7.33
C TYR A 56 8.69 3.19 -6.33
N ALA A 57 7.98 3.99 -5.54
CA ALA A 57 8.62 4.84 -4.54
C ALA A 57 9.70 4.08 -3.78
N LEU A 58 9.32 2.96 -3.18
CA LEU A 58 10.25 2.15 -2.41
C LEU A 58 11.50 1.84 -3.23
N LYS A 59 11.30 1.20 -4.38
CA LYS A 59 12.42 0.85 -5.26
C LYS A 59 13.37 2.03 -5.43
N HIS A 60 12.80 3.23 -5.52
CA HIS A 60 13.58 4.44 -5.69
C HIS A 60 14.15 4.92 -4.35
N GLY A 61 13.44 4.60 -3.27
CA GLY A 61 13.88 5.00 -1.95
C GLY A 61 13.12 6.19 -1.41
N GLN A 62 11.81 6.22 -1.66
CA GLN A 62 10.97 7.30 -1.21
C GLN A 62 10.28 6.95 0.11
N LEU A 63 9.70 5.77 0.17
CA LEU A 63 9.02 5.30 1.37
C LEU A 63 9.80 5.69 2.63
N LYS A 64 9.19 6.48 3.48
CA LYS A 64 9.82 6.92 4.72
C LYS A 64 9.51 5.97 5.86
N TRP A 65 8.52 5.10 5.65
CA TRP A 65 8.13 4.13 6.66
C TRP A 65 8.83 2.79 6.43
N PHE A 66 9.06 2.46 5.17
CA PHE A 66 9.71 1.21 4.81
C PHE A 66 11.19 1.24 5.18
N ARG A 67 11.73 0.08 5.52
CA ARG A 67 13.14 -0.02 5.91
C ARG A 67 13.39 0.64 7.26
N ASP A 68 12.46 0.44 8.19
CA ASP A 68 12.58 1.02 9.53
C ASP A 68 12.42 -0.05 10.60
N ASN A 69 13.51 -0.37 11.27
CA ASN A 69 13.50 -1.38 12.32
C ASN A 69 13.07 -0.78 13.65
N ALA A 70 11.82 -1.01 14.02
CA ALA A 70 11.28 -0.49 15.28
C ALA A 70 10.86 -1.62 16.20
N SER A 71 11.67 -2.67 16.26
CA SER A 71 11.38 -3.82 17.11
C SER A 71 12.67 -4.50 17.58
N GLY A 72 12.54 -5.38 18.57
CA GLY A 72 13.70 -6.07 19.08
C GLY A 72 13.77 -7.51 18.61
N PRO A 73 14.81 -8.24 19.07
CA PRO A 73 15.02 -9.63 18.70
C PRO A 73 13.99 -10.56 19.33
N SER A 74 13.60 -11.60 18.60
CA SER A 74 12.62 -12.55 19.09
C SER A 74 13.10 -13.99 18.90
N SER A 75 12.63 -14.89 19.74
CA SER A 75 13.01 -16.29 19.68
C SER A 75 11.98 -17.18 20.35
N GLY A 76 11.70 -18.33 19.74
CA GLY A 76 10.73 -19.25 20.28
C GLY A 76 11.34 -20.59 20.64
N GLY A 1 -16.55 2.55 -12.60
CA GLY A 1 -16.29 2.01 -11.27
C GLY A 1 -15.87 3.08 -10.28
N SER A 2 -14.78 2.81 -9.55
CA SER A 2 -14.28 3.76 -8.57
C SER A 2 -14.28 5.18 -9.12
N SER A 3 -14.37 6.15 -8.23
CA SER A 3 -14.39 7.56 -8.64
C SER A 3 -13.45 7.79 -9.82
N GLY A 4 -12.23 7.27 -9.71
CA GLY A 4 -11.26 7.44 -10.77
C GLY A 4 -9.89 6.89 -10.40
N SER A 5 -8.88 7.26 -11.17
CA SER A 5 -7.52 6.79 -10.92
C SER A 5 -6.84 7.64 -9.86
N SER A 6 -6.95 7.21 -8.60
CA SER A 6 -6.35 7.93 -7.49
C SER A 6 -6.89 9.36 -7.41
N GLY A 7 -8.17 9.53 -7.74
CA GLY A 7 -8.78 10.83 -7.70
C GLY A 7 -8.94 11.36 -6.29
N LYS A 8 -9.30 10.48 -5.37
CA LYS A 8 -9.49 10.85 -3.98
C LYS A 8 -8.33 10.38 -3.11
N ARG A 9 -7.51 11.32 -2.64
CA ARG A 9 -6.36 10.98 -1.81
C ARG A 9 -6.79 10.16 -0.60
N LYS A 10 -6.14 9.03 -0.40
CA LYS A 10 -6.45 8.15 0.73
C LYS A 10 -6.23 8.88 2.05
N THR A 11 -6.87 8.38 3.11
CA THR A 11 -6.74 8.98 4.43
C THR A 11 -5.64 8.30 5.24
N LYS A 12 -4.91 9.10 6.00
CA LYS A 12 -3.82 8.58 6.82
C LYS A 12 -4.18 7.21 7.41
N GLU A 13 -5.36 7.13 8.01
CA GLU A 13 -5.83 5.89 8.61
C GLU A 13 -5.82 4.76 7.59
N GLN A 14 -6.63 4.90 6.55
CA GLN A 14 -6.72 3.89 5.49
C GLN A 14 -5.33 3.44 5.06
N LEU A 15 -4.42 4.40 4.93
CA LEU A 15 -3.05 4.11 4.51
C LEU A 15 -2.28 3.41 5.63
N ALA A 16 -2.60 3.77 6.87
CA ALA A 16 -1.94 3.19 8.04
C ALA A 16 -2.07 1.68 8.03
N ILE A 17 -3.24 1.19 7.63
CA ILE A 17 -3.50 -0.24 7.59
C ILE A 17 -2.75 -0.90 6.43
N LEU A 18 -2.60 -0.16 5.34
CA LEU A 18 -1.90 -0.66 4.16
C LEU A 18 -0.39 -0.73 4.41
N LYS A 19 0.20 0.41 4.73
CA LYS A 19 1.64 0.48 5.00
C LYS A 19 2.11 -0.77 5.73
N SER A 20 1.32 -1.21 6.70
CA SER A 20 1.67 -2.40 7.49
C SER A 20 1.59 -3.65 6.64
N PHE A 21 0.52 -3.75 5.85
CA PHE A 21 0.33 -4.91 4.98
C PHE A 21 1.46 -5.03 3.96
N PHE A 22 1.72 -3.94 3.25
CA PHE A 22 2.78 -3.92 2.25
C PHE A 22 4.06 -4.51 2.80
N LEU A 23 4.47 -4.05 3.98
CA LEU A 23 5.69 -4.53 4.61
C LEU A 23 5.67 -6.05 4.75
N GLN A 24 4.62 -6.58 5.36
CA GLN A 24 4.47 -8.01 5.55
C GLN A 24 4.52 -8.75 4.21
N CYS A 25 3.92 -8.14 3.19
CA CYS A 25 3.89 -8.74 1.86
C CYS A 25 3.78 -7.66 0.79
N GLN A 26 4.85 -7.48 0.02
CA GLN A 26 4.87 -6.48 -1.03
C GLN A 26 3.78 -6.75 -2.07
N TRP A 27 3.50 -8.03 -2.30
CA TRP A 27 2.48 -8.43 -3.26
C TRP A 27 1.32 -9.14 -2.56
N ALA A 28 0.12 -8.61 -2.75
CA ALA A 28 -1.07 -9.21 -2.14
C ALA A 28 -1.87 -10.00 -3.16
N ARG A 29 -2.61 -11.00 -2.68
CA ARG A 29 -3.42 -11.84 -3.55
C ARG A 29 -4.90 -11.50 -3.41
N ARG A 30 -5.70 -11.94 -4.38
CA ARG A 30 -7.13 -11.69 -4.36
C ARG A 30 -7.74 -12.07 -3.01
N GLU A 31 -7.26 -13.17 -2.45
CA GLU A 31 -7.75 -13.65 -1.16
C GLU A 31 -7.43 -12.65 -0.05
N ASP A 32 -6.37 -11.87 -0.25
CA ASP A 32 -5.94 -10.89 0.72
C ASP A 32 -6.66 -9.55 0.50
N TYR A 33 -6.70 -9.12 -0.76
CA TYR A 33 -7.36 -7.86 -1.11
C TYR A 33 -8.75 -7.78 -0.49
N GLN A 34 -9.58 -8.76 -0.80
CA GLN A 34 -10.94 -8.81 -0.26
C GLN A 34 -10.96 -8.46 1.21
N LYS A 35 -9.83 -8.68 1.88
CA LYS A 35 -9.71 -8.38 3.31
C LYS A 35 -9.34 -6.93 3.54
N LEU A 36 -8.34 -6.46 2.80
CA LEU A 36 -7.88 -5.07 2.92
C LEU A 36 -9.05 -4.10 2.75
N GLU A 37 -9.91 -4.38 1.77
CA GLU A 37 -11.06 -3.53 1.51
C GLU A 37 -12.04 -3.56 2.68
N GLN A 38 -11.79 -4.45 3.64
CA GLN A 38 -12.64 -4.58 4.81
C GLN A 38 -12.05 -3.84 6.01
N ILE A 39 -10.71 -3.74 6.03
CA ILE A 39 -10.02 -3.07 7.13
C ILE A 39 -9.81 -1.60 6.81
N THR A 40 -9.50 -1.31 5.55
CA THR A 40 -9.27 0.07 5.11
C THR A 40 -10.56 0.72 4.64
N GLY A 41 -11.49 -0.10 4.15
CA GLY A 41 -12.76 0.41 3.67
C GLY A 41 -12.68 0.96 2.25
N LEU A 42 -11.60 0.60 1.56
CA LEU A 42 -11.40 1.06 0.19
C LEU A 42 -11.56 -0.09 -0.80
N PRO A 43 -12.19 0.19 -1.95
CA PRO A 43 -12.41 -0.81 -3.00
C PRO A 43 -11.14 -1.57 -3.36
N ARG A 44 -11.31 -2.85 -3.69
CA ARG A 44 -10.18 -3.69 -4.07
C ARG A 44 -9.29 -3.00 -5.10
N PRO A 45 -9.95 -2.40 -6.12
CA PRO A 45 -9.25 -1.70 -7.19
C PRO A 45 -8.47 -0.49 -6.69
N GLU A 46 -8.89 0.05 -5.55
CA GLU A 46 -8.23 1.21 -4.95
C GLU A 46 -6.97 0.79 -4.20
N ILE A 47 -7.04 -0.36 -3.56
CA ILE A 47 -5.91 -0.88 -2.79
C ILE A 47 -4.90 -1.57 -3.70
N ILE A 48 -5.40 -2.46 -4.55
CA ILE A 48 -4.55 -3.20 -5.49
C ILE A 48 -3.58 -2.25 -6.20
N GLN A 49 -4.13 -1.22 -6.83
CA GLN A 49 -3.32 -0.25 -7.55
C GLN A 49 -2.29 0.39 -6.63
N TRP A 50 -2.71 0.72 -5.41
CA TRP A 50 -1.82 1.35 -4.44
C TRP A 50 -0.54 0.53 -4.27
N PHE A 51 -0.70 -0.78 -4.11
CA PHE A 51 0.44 -1.68 -3.93
C PHE A 51 1.44 -1.51 -5.08
N GLY A 52 0.91 -1.42 -6.29
CA GLY A 52 1.77 -1.26 -7.46
C GLY A 52 2.57 0.03 -7.43
N ASP A 53 1.90 1.13 -7.09
CA ASP A 53 2.55 2.43 -7.03
C ASP A 53 3.53 2.48 -5.85
N THR A 54 3.15 1.87 -4.74
CA THR A 54 3.98 1.85 -3.54
C THR A 54 5.36 1.28 -3.85
N ARG A 55 5.39 0.20 -4.64
CA ARG A 55 6.65 -0.44 -5.01
C ARG A 55 7.58 0.55 -5.70
N TYR A 56 7.06 1.23 -6.71
CA TYR A 56 7.85 2.21 -7.46
C TYR A 56 8.57 3.17 -6.51
N ALA A 57 7.81 3.79 -5.62
CA ALA A 57 8.37 4.74 -4.66
C ALA A 57 9.49 4.10 -3.86
N LEU A 58 9.23 2.91 -3.32
CA LEU A 58 10.22 2.20 -2.52
C LEU A 58 11.49 1.94 -3.34
N LYS A 59 11.36 1.14 -4.39
CA LYS A 59 12.49 0.82 -5.26
C LYS A 59 13.40 2.03 -5.44
N HIS A 60 12.79 3.20 -5.61
CA HIS A 60 13.55 4.44 -5.79
C HIS A 60 14.07 4.95 -4.45
N GLY A 61 13.25 4.82 -3.41
CA GLY A 61 13.63 5.28 -2.09
C GLY A 61 12.79 6.43 -1.60
N GLN A 62 11.48 6.32 -1.79
CA GLN A 62 10.56 7.37 -1.36
C GLN A 62 9.88 7.01 -0.04
N LEU A 63 9.42 5.77 0.06
CA LEU A 63 8.76 5.30 1.27
C LEU A 63 9.59 5.61 2.51
N LYS A 64 9.16 6.61 3.27
CA LYS A 64 9.87 7.01 4.49
C LYS A 64 9.67 5.98 5.60
N TRP A 65 8.58 5.22 5.51
CA TRP A 65 8.27 4.20 6.50
C TRP A 65 8.94 2.89 6.16
N PHE A 66 9.07 2.62 4.87
CA PHE A 66 9.69 1.38 4.41
C PHE A 66 11.21 1.51 4.40
N ARG A 67 11.89 0.42 4.77
CA ARG A 67 13.35 0.42 4.81
C ARG A 67 13.92 -0.53 3.76
N ASP A 68 13.58 -1.81 3.89
CA ASP A 68 14.07 -2.83 2.96
C ASP A 68 13.39 -4.17 3.21
N ASN A 69 13.71 -5.15 2.39
CA ASN A 69 13.13 -6.49 2.53
C ASN A 69 13.92 -7.32 3.53
N ALA A 70 13.30 -7.61 4.67
CA ALA A 70 13.95 -8.40 5.71
C ALA A 70 13.33 -9.79 5.80
N SER A 71 13.08 -10.41 4.65
CA SER A 71 12.48 -11.74 4.60
C SER A 71 13.55 -12.81 4.80
N GLY A 72 13.58 -13.39 6.01
CA GLY A 72 14.55 -14.42 6.30
C GLY A 72 14.46 -14.91 7.74
N PRO A 73 15.30 -14.32 8.62
CA PRO A 73 15.33 -14.68 10.03
C PRO A 73 14.07 -14.22 10.78
N SER A 74 13.65 -15.00 11.76
CA SER A 74 12.47 -14.68 12.55
C SER A 74 12.83 -13.80 13.74
N SER A 75 13.71 -14.31 14.59
CA SER A 75 14.14 -13.58 15.78
C SER A 75 15.60 -13.16 15.66
N GLY A 76 15.83 -11.99 15.04
CA GLY A 76 17.18 -11.50 14.87
C GLY A 76 17.31 -10.03 15.21
N GLY A 1 -21.12 18.80 -1.71
CA GLY A 1 -20.33 18.16 -0.68
C GLY A 1 -19.53 16.98 -1.20
N SER A 2 -18.55 17.26 -2.06
CA SER A 2 -17.72 16.22 -2.63
C SER A 2 -18.56 15.01 -3.04
N SER A 3 -19.71 15.28 -3.65
CA SER A 3 -20.62 14.23 -4.09
C SER A 3 -20.15 13.63 -5.42
N GLY A 4 -19.94 12.32 -5.42
CA GLY A 4 -19.50 11.65 -6.63
C GLY A 4 -18.06 11.95 -6.97
N SER A 5 -17.16 11.05 -6.62
CA SER A 5 -15.74 11.23 -6.89
C SER A 5 -15.13 9.97 -7.50
N SER A 6 -14.44 10.13 -8.62
CA SER A 6 -13.81 9.00 -9.30
C SER A 6 -12.31 9.21 -9.43
N GLY A 7 -11.56 8.13 -9.32
CA GLY A 7 -10.11 8.21 -9.42
C GLY A 7 -9.41 7.50 -8.28
N LYS A 8 -9.23 8.19 -7.17
CA LYS A 8 -8.57 7.61 -6.00
C LYS A 8 -8.61 8.57 -4.82
N ARG A 9 -8.65 8.02 -3.61
CA ARG A 9 -8.69 8.83 -2.40
C ARG A 9 -8.40 7.98 -1.16
N LYS A 10 -7.42 8.41 -0.38
CA LYS A 10 -7.04 7.69 0.83
C LYS A 10 -6.61 8.66 1.94
N THR A 11 -6.67 8.20 3.17
CA THR A 11 -6.29 9.02 4.32
C THR A 11 -5.27 8.31 5.19
N LYS A 12 -4.45 9.08 5.89
CA LYS A 12 -3.42 8.53 6.76
C LYS A 12 -3.91 7.24 7.42
N GLU A 13 -5.07 7.32 8.07
CA GLU A 13 -5.65 6.16 8.73
C GLU A 13 -5.66 4.95 7.81
N GLN A 14 -6.43 5.05 6.73
CA GLN A 14 -6.54 3.95 5.77
C GLN A 14 -5.16 3.50 5.31
N LEU A 15 -4.40 4.41 4.71
CA LEU A 15 -3.05 4.09 4.23
C LEU A 15 -2.25 3.37 5.31
N ALA A 16 -2.45 3.77 6.56
CA ALA A 16 -1.75 3.16 7.68
C ALA A 16 -1.90 1.65 7.67
N ILE A 17 -3.13 1.18 7.51
CA ILE A 17 -3.41 -0.24 7.48
C ILE A 17 -2.72 -0.92 6.31
N LEU A 18 -2.54 -0.17 5.23
CA LEU A 18 -1.88 -0.69 4.03
C LEU A 18 -0.38 -0.80 4.24
N LYS A 19 0.23 0.30 4.66
CA LYS A 19 1.67 0.35 4.90
C LYS A 19 2.13 -0.90 5.66
N SER A 20 1.32 -1.33 6.62
CA SER A 20 1.64 -2.52 7.41
C SER A 20 1.60 -3.77 6.55
N PHE A 21 0.68 -3.80 5.59
CA PHE A 21 0.53 -4.95 4.71
C PHE A 21 1.69 -5.01 3.71
N PHE A 22 1.95 -3.89 3.04
CA PHE A 22 3.02 -3.82 2.05
C PHE A 22 4.31 -4.43 2.61
N LEU A 23 4.64 -4.07 3.85
CA LEU A 23 5.85 -4.57 4.49
C LEU A 23 5.82 -6.08 4.59
N GLN A 24 4.73 -6.62 5.15
CA GLN A 24 4.58 -8.06 5.29
C GLN A 24 4.57 -8.76 3.93
N CYS A 25 4.05 -8.06 2.93
CA CYS A 25 3.98 -8.60 1.58
C CYS A 25 3.81 -7.49 0.55
N GLN A 26 4.85 -7.30 -0.27
CA GLN A 26 4.82 -6.26 -1.30
C GLN A 26 3.74 -6.55 -2.33
N TRP A 27 3.30 -7.81 -2.39
CA TRP A 27 2.27 -8.21 -3.34
C TRP A 27 1.19 -9.04 -2.65
N ALA A 28 0.00 -8.47 -2.55
CA ALA A 28 -1.12 -9.16 -1.91
C ALA A 28 -1.87 -10.04 -2.90
N ARG A 29 -2.58 -11.03 -2.39
CA ARG A 29 -3.35 -11.94 -3.24
C ARG A 29 -4.82 -11.56 -3.27
N ARG A 30 -5.57 -12.20 -4.15
CA ARG A 30 -7.00 -11.93 -4.28
C ARG A 30 -7.74 -12.27 -3.00
N GLU A 31 -7.19 -13.20 -2.23
CA GLU A 31 -7.80 -13.62 -0.97
C GLU A 31 -7.49 -12.61 0.14
N ASP A 32 -6.41 -11.87 -0.03
CA ASP A 32 -6.01 -10.86 0.96
C ASP A 32 -6.69 -9.53 0.68
N TYR A 33 -6.79 -9.18 -0.59
CA TYR A 33 -7.41 -7.92 -0.98
C TYR A 33 -8.81 -7.79 -0.40
N GLN A 34 -9.60 -8.85 -0.54
CA GLN A 34 -10.96 -8.86 -0.02
C GLN A 34 -10.99 -8.43 1.45
N LYS A 35 -9.86 -8.61 2.13
CA LYS A 35 -9.75 -8.24 3.54
C LYS A 35 -9.41 -6.76 3.70
N LEU A 36 -8.46 -6.30 2.88
CA LEU A 36 -8.04 -4.90 2.93
C LEU A 36 -9.23 -3.97 2.75
N GLU A 37 -10.16 -4.36 1.89
CA GLU A 37 -11.35 -3.56 1.63
C GLU A 37 -12.30 -3.58 2.83
N GLN A 38 -11.98 -4.41 3.80
CA GLN A 38 -12.79 -4.53 5.01
C GLN A 38 -12.17 -3.76 6.16
N ILE A 39 -10.85 -3.59 6.11
CA ILE A 39 -10.13 -2.88 7.16
C ILE A 39 -9.90 -1.42 6.77
N THR A 40 -9.54 -1.20 5.51
CA THR A 40 -9.29 0.15 5.02
C THR A 40 -10.56 0.75 4.41
N GLY A 41 -11.52 -0.11 4.08
CA GLY A 41 -12.77 0.36 3.50
C GLY A 41 -12.59 0.84 2.07
N LEU A 42 -11.36 0.78 1.57
CA LEU A 42 -11.08 1.21 0.21
C LEU A 42 -11.38 0.10 -0.79
N PRO A 43 -11.97 0.48 -1.93
CA PRO A 43 -12.33 -0.47 -2.99
C PRO A 43 -11.16 -1.38 -3.36
N ARG A 44 -11.47 -2.63 -3.68
CA ARG A 44 -10.45 -3.60 -4.06
C ARG A 44 -9.53 -3.04 -5.14
N PRO A 45 -10.14 -2.40 -6.15
CA PRO A 45 -9.40 -1.80 -7.27
C PRO A 45 -8.53 -0.64 -6.83
N GLU A 46 -8.89 -0.03 -5.70
CA GLU A 46 -8.12 1.10 -5.18
C GLU A 46 -6.90 0.62 -4.40
N ILE A 47 -7.02 -0.54 -3.76
CA ILE A 47 -5.93 -1.11 -2.98
C ILE A 47 -4.96 -1.87 -3.88
N ILE A 48 -5.50 -2.75 -4.72
CA ILE A 48 -4.69 -3.54 -5.63
C ILE A 48 -3.68 -2.66 -6.36
N GLN A 49 -4.15 -1.53 -6.88
CA GLN A 49 -3.29 -0.60 -7.60
C GLN A 49 -2.28 0.05 -6.67
N TRP A 50 -2.75 0.49 -5.51
CA TRP A 50 -1.89 1.12 -4.52
C TRP A 50 -0.57 0.37 -4.37
N PHE A 51 -0.66 -0.93 -4.11
CA PHE A 51 0.51 -1.77 -3.95
C PHE A 51 1.53 -1.51 -5.05
N GLY A 52 1.05 -1.50 -6.29
CA GLY A 52 1.93 -1.25 -7.43
C GLY A 52 2.63 0.09 -7.34
N ASP A 53 1.86 1.15 -7.15
CA ASP A 53 2.42 2.49 -7.05
C ASP A 53 3.37 2.59 -5.85
N THR A 54 3.10 1.80 -4.82
CA THR A 54 3.93 1.81 -3.62
C THR A 54 5.34 1.32 -3.92
N ARG A 55 5.44 0.27 -4.73
CA ARG A 55 6.74 -0.29 -5.10
C ARG A 55 7.64 0.78 -5.71
N TYR A 56 7.13 1.45 -6.75
CA TYR A 56 7.88 2.49 -7.43
C TYR A 56 8.60 3.39 -6.42
N ALA A 57 7.83 3.99 -5.52
CA ALA A 57 8.37 4.87 -4.50
C ALA A 57 9.50 4.18 -3.73
N LEU A 58 9.22 2.96 -3.27
CA LEU A 58 10.21 2.20 -2.51
C LEU A 58 11.48 1.99 -3.32
N LYS A 59 11.37 1.28 -4.43
CA LYS A 59 12.52 1.01 -5.29
C LYS A 59 13.39 2.26 -5.43
N HIS A 60 12.75 3.41 -5.53
CA HIS A 60 13.47 4.68 -5.66
C HIS A 60 14.01 5.14 -4.31
N GLY A 61 13.24 4.88 -3.25
CA GLY A 61 13.67 5.28 -1.92
C GLY A 61 12.84 6.43 -1.37
N GLN A 62 11.53 6.36 -1.58
CA GLN A 62 10.64 7.41 -1.11
C GLN A 62 9.98 7.01 0.21
N LEU A 63 9.46 5.78 0.25
CA LEU A 63 8.80 5.28 1.45
C LEU A 63 9.69 5.48 2.68
N LYS A 64 9.26 6.36 3.57
CA LYS A 64 10.00 6.64 4.79
C LYS A 64 9.63 5.66 5.89
N TRP A 65 8.51 4.96 5.71
CA TRP A 65 8.04 3.99 6.69
C TRP A 65 8.62 2.61 6.40
N PHE A 66 9.00 2.38 5.14
CA PHE A 66 9.56 1.10 4.74
C PHE A 66 11.05 1.04 5.05
N ARG A 67 11.53 -0.17 5.35
CA ARG A 67 12.94 -0.36 5.67
C ARG A 67 13.51 0.85 6.40
N ASP A 68 12.77 1.32 7.40
CA ASP A 68 13.20 2.47 8.19
C ASP A 68 14.02 2.04 9.39
N ASN A 69 15.08 2.79 9.68
CA ASN A 69 15.95 2.48 10.81
C ASN A 69 16.17 0.97 10.93
N ALA A 70 16.40 0.32 9.79
CA ALA A 70 16.63 -1.12 9.77
C ALA A 70 15.82 -1.83 10.84
N SER A 71 14.56 -1.40 11.00
CA SER A 71 13.67 -1.99 12.00
C SER A 71 12.21 -1.65 11.71
N GLY A 72 11.39 -2.69 11.57
CA GLY A 72 9.99 -2.47 11.29
C GLY A 72 9.11 -2.67 12.52
N PRO A 73 8.58 -3.89 12.68
CA PRO A 73 7.72 -4.23 13.82
C PRO A 73 8.48 -4.28 15.13
N SER A 74 7.83 -3.87 16.21
CA SER A 74 8.46 -3.87 17.53
C SER A 74 7.43 -4.21 18.61
N SER A 75 7.92 -4.74 19.73
CA SER A 75 7.05 -5.11 20.84
C SER A 75 6.63 -3.89 21.64
N GLY A 76 5.32 -3.66 21.73
CA GLY A 76 4.80 -2.53 22.47
C GLY A 76 5.71 -1.31 22.35
N GLY A 1 -8.83 -0.60 -19.46
CA GLY A 1 -8.36 0.34 -18.46
C GLY A 1 -7.63 1.52 -19.07
N SER A 2 -8.11 2.72 -18.78
CA SER A 2 -7.51 3.93 -19.31
C SER A 2 -6.77 4.70 -18.21
N SER A 3 -5.51 5.01 -18.47
CA SER A 3 -4.69 5.74 -17.50
C SER A 3 -5.36 7.06 -17.12
N GLY A 4 -5.35 7.36 -15.82
CA GLY A 4 -5.96 8.58 -15.33
C GLY A 4 -7.07 8.33 -14.33
N SER A 5 -6.77 7.55 -13.30
CA SER A 5 -7.76 7.22 -12.28
C SER A 5 -8.03 8.44 -11.40
N SER A 6 -9.24 8.50 -10.85
CA SER A 6 -9.64 9.61 -9.98
C SER A 6 -10.52 9.11 -8.84
N GLY A 7 -10.42 9.76 -7.68
CA GLY A 7 -11.21 9.37 -6.54
C GLY A 7 -11.02 10.31 -5.36
N LYS A 8 -11.11 9.76 -4.15
CA LYS A 8 -10.96 10.55 -2.94
C LYS A 8 -9.63 10.23 -2.26
N ARG A 9 -8.78 11.24 -2.12
CA ARG A 9 -7.48 11.08 -1.48
C ARG A 9 -7.59 10.18 -0.24
N LYS A 10 -6.74 9.17 -0.16
CA LYS A 10 -6.74 8.25 0.96
C LYS A 10 -6.52 8.99 2.28
N THR A 11 -6.83 8.33 3.39
CA THR A 11 -6.67 8.92 4.71
C THR A 11 -5.56 8.21 5.49
N LYS A 12 -4.81 8.98 6.25
CA LYS A 12 -3.72 8.43 7.07
C LYS A 12 -4.12 7.10 7.68
N GLU A 13 -5.33 7.05 8.23
CA GLU A 13 -5.84 5.84 8.86
C GLU A 13 -5.85 4.67 7.86
N GLN A 14 -6.54 4.86 6.75
CA GLN A 14 -6.63 3.84 5.72
C GLN A 14 -5.24 3.39 5.27
N LEU A 15 -4.44 4.35 4.83
CA LEU A 15 -3.07 4.07 4.37
C LEU A 15 -2.28 3.34 5.46
N ALA A 16 -2.50 3.73 6.71
CA ALA A 16 -1.81 3.12 7.83
C ALA A 16 -1.94 1.60 7.80
N ILE A 17 -3.15 1.12 7.55
CA ILE A 17 -3.41 -0.31 7.48
C ILE A 17 -2.68 -0.95 6.31
N LEU A 18 -2.53 -0.19 5.24
CA LEU A 18 -1.83 -0.68 4.05
C LEU A 18 -0.33 -0.76 4.27
N LYS A 19 0.27 0.38 4.64
CA LYS A 19 1.70 0.44 4.90
C LYS A 19 2.19 -0.82 5.61
N SER A 20 1.40 -1.27 6.58
CA SER A 20 1.75 -2.47 7.35
C SER A 20 1.66 -3.71 6.48
N PHE A 21 0.66 -3.74 5.59
CA PHE A 21 0.45 -4.87 4.71
C PHE A 21 1.59 -4.99 3.69
N PHE A 22 1.90 -3.87 3.04
CA PHE A 22 2.96 -3.84 2.04
C PHE A 22 4.25 -4.44 2.60
N LEU A 23 4.65 -3.98 3.78
CA LEU A 23 5.86 -4.48 4.43
C LEU A 23 5.85 -6.00 4.51
N GLN A 24 4.79 -6.54 5.10
CA GLN A 24 4.65 -7.99 5.24
C GLN A 24 4.69 -8.68 3.88
N CYS A 25 4.10 -8.03 2.88
CA CYS A 25 4.05 -8.58 1.54
C CYS A 25 3.84 -7.48 0.50
N GLN A 26 4.86 -7.22 -0.31
CA GLN A 26 4.77 -6.19 -1.33
C GLN A 26 3.64 -6.49 -2.32
N TRP A 27 3.26 -7.75 -2.39
CA TRP A 27 2.19 -8.18 -3.29
C TRP A 27 1.11 -8.94 -2.54
N ALA A 28 -0.13 -8.52 -2.70
CA ALA A 28 -1.26 -9.16 -2.04
C ALA A 28 -2.07 -10.00 -3.02
N ARG A 29 -2.70 -11.06 -2.51
CA ARG A 29 -3.50 -11.95 -3.35
C ARG A 29 -4.98 -11.59 -3.24
N ARG A 30 -5.76 -12.06 -4.22
CA ARG A 30 -7.20 -11.79 -4.23
C ARG A 30 -7.82 -12.11 -2.88
N GLU A 31 -7.36 -13.19 -2.25
CA GLU A 31 -7.87 -13.60 -0.95
C GLU A 31 -7.56 -12.55 0.11
N ASP A 32 -6.50 -11.79 -0.11
CA ASP A 32 -6.09 -10.76 0.83
C ASP A 32 -6.81 -9.45 0.54
N TYR A 33 -6.90 -9.10 -0.74
CA TYR A 33 -7.55 -7.86 -1.15
C TYR A 33 -8.97 -7.79 -0.60
N GLN A 34 -9.75 -8.84 -0.85
CA GLN A 34 -11.13 -8.90 -0.37
C GLN A 34 -11.21 -8.53 1.11
N LYS A 35 -10.11 -8.72 1.82
CA LYS A 35 -10.05 -8.43 3.24
C LYS A 35 -9.56 -6.99 3.48
N LEU A 36 -8.57 -6.58 2.70
CA LEU A 36 -8.00 -5.25 2.82
C LEU A 36 -9.10 -4.19 2.68
N GLU A 37 -10.06 -4.45 1.81
CA GLU A 37 -11.16 -3.51 1.57
C GLU A 37 -12.10 -3.49 2.77
N GLN A 38 -11.87 -4.39 3.73
CA GLN A 38 -12.70 -4.46 4.92
C GLN A 38 -12.02 -3.78 6.10
N ILE A 39 -10.69 -3.72 6.06
CA ILE A 39 -9.91 -3.10 7.13
C ILE A 39 -9.65 -1.64 6.82
N THR A 40 -9.53 -1.31 5.54
CA THR A 40 -9.27 0.06 5.12
C THR A 40 -10.55 0.73 4.64
N GLY A 41 -11.51 -0.08 4.19
CA GLY A 41 -12.76 0.46 3.71
C GLY A 41 -12.67 0.99 2.29
N LEU A 42 -11.57 0.67 1.61
CA LEU A 42 -11.36 1.12 0.25
C LEU A 42 -11.55 -0.03 -0.73
N PRO A 43 -12.16 0.28 -1.90
CA PRO A 43 -12.41 -0.72 -2.94
C PRO A 43 -11.16 -1.53 -3.29
N ARG A 44 -11.36 -2.79 -3.66
CA ARG A 44 -10.26 -3.68 -4.01
C ARG A 44 -9.38 -3.05 -5.09
N PRO A 45 -10.02 -2.47 -6.11
CA PRO A 45 -9.32 -1.83 -7.22
C PRO A 45 -8.51 -0.62 -6.77
N GLU A 46 -8.88 -0.05 -5.63
CA GLU A 46 -8.18 1.11 -5.09
C GLU A 46 -6.96 0.68 -4.28
N ILE A 47 -7.08 -0.45 -3.59
CA ILE A 47 -5.99 -0.97 -2.78
C ILE A 47 -4.96 -1.71 -3.63
N ILE A 48 -5.45 -2.59 -4.49
CA ILE A 48 -4.59 -3.37 -5.37
C ILE A 48 -3.57 -2.46 -6.07
N GLN A 49 -4.07 -1.45 -6.77
CA GLN A 49 -3.22 -0.51 -7.48
C GLN A 49 -2.20 0.13 -6.53
N TRP A 50 -2.68 0.57 -5.38
CA TRP A 50 -1.82 1.20 -4.39
C TRP A 50 -0.54 0.39 -4.18
N PHE A 51 -0.69 -0.92 -4.03
CA PHE A 51 0.45 -1.81 -3.83
C PHE A 51 1.47 -1.64 -4.95
N GLY A 52 0.97 -1.53 -6.19
CA GLY A 52 1.85 -1.36 -7.32
C GLY A 52 2.66 -0.08 -7.25
N ASP A 53 1.99 1.03 -7.03
CA ASP A 53 2.65 2.33 -6.94
C ASP A 53 3.62 2.37 -5.76
N THR A 54 3.25 1.71 -4.68
CA THR A 54 4.08 1.66 -3.48
C THR A 54 5.47 1.13 -3.80
N ARG A 55 5.53 0.10 -4.63
CA ARG A 55 6.80 -0.49 -5.01
C ARG A 55 7.71 0.54 -5.68
N TYR A 56 7.18 1.23 -6.68
CA TYR A 56 7.94 2.24 -7.40
C TYR A 56 8.67 3.16 -6.44
N ALA A 57 7.91 3.90 -5.63
CA ALA A 57 8.50 4.81 -4.66
C ALA A 57 9.61 4.13 -3.86
N LEU A 58 9.28 3.01 -3.24
CA LEU A 58 10.24 2.26 -2.44
C LEU A 58 11.51 2.00 -3.23
N LYS A 59 11.40 1.23 -4.29
CA LYS A 59 12.55 0.90 -5.14
C LYS A 59 13.45 2.12 -5.32
N HIS A 60 12.84 3.29 -5.47
CA HIS A 60 13.58 4.53 -5.64
C HIS A 60 14.10 5.04 -4.30
N GLY A 61 13.32 4.82 -3.25
CA GLY A 61 13.72 5.27 -1.92
C GLY A 61 12.89 6.44 -1.44
N GLN A 62 11.58 6.38 -1.67
CA GLN A 62 10.68 7.45 -1.27
C GLN A 62 9.99 7.09 0.05
N LEU A 63 9.47 5.88 0.14
CA LEU A 63 8.79 5.43 1.35
C LEU A 63 9.59 5.79 2.60
N LYS A 64 9.05 6.72 3.37
CA LYS A 64 9.71 7.17 4.60
C LYS A 64 9.48 6.17 5.74
N TRP A 65 8.46 5.34 5.58
CA TRP A 65 8.14 4.33 6.60
C TRP A 65 8.83 3.01 6.29
N PHE A 66 9.04 2.74 5.00
CA PHE A 66 9.70 1.50 4.59
C PHE A 66 11.21 1.62 4.75
N ARG A 67 11.83 0.53 5.19
CA ARG A 67 13.28 0.50 5.40
C ARG A 67 14.01 1.15 4.23
N ASP A 68 14.98 2.00 4.54
CA ASP A 68 15.76 2.68 3.51
C ASP A 68 17.04 1.93 3.19
N ASN A 69 17.54 2.10 1.97
CA ASN A 69 18.76 1.42 1.54
C ASN A 69 19.88 1.64 2.55
N ALA A 70 20.12 2.90 2.92
CA ALA A 70 21.16 3.23 3.88
C ALA A 70 20.84 2.66 5.26
N SER A 71 19.60 2.87 5.70
CA SER A 71 19.17 2.39 7.01
C SER A 71 18.61 0.98 6.90
N GLY A 72 19.41 -0.01 7.28
CA GLY A 72 18.97 -1.39 7.22
C GLY A 72 19.18 -2.12 8.53
N PRO A 73 18.40 -3.18 8.76
CA PRO A 73 18.48 -3.99 9.98
C PRO A 73 19.75 -4.81 10.05
N SER A 74 20.56 -4.73 8.99
CA SER A 74 21.82 -5.47 8.92
C SER A 74 22.88 -4.80 9.78
N SER A 75 22.56 -4.55 11.05
CA SER A 75 23.48 -3.91 11.96
C SER A 75 23.65 -4.74 13.24
N GLY A 76 24.86 -4.75 13.78
CA GLY A 76 25.12 -5.51 15.00
C GLY A 76 24.80 -6.98 14.84
N GLY A 1 -19.52 3.54 -6.89
CA GLY A 1 -20.96 3.63 -7.03
C GLY A 1 -21.67 3.30 -5.73
N SER A 2 -21.88 2.02 -5.49
CA SER A 2 -22.56 1.57 -4.27
C SER A 2 -21.74 1.88 -3.02
N SER A 3 -20.48 1.49 -3.06
CA SER A 3 -19.58 1.73 -1.93
C SER A 3 -18.24 2.28 -2.41
N GLY A 4 -17.71 3.26 -1.69
CA GLY A 4 -16.44 3.85 -2.05
C GLY A 4 -16.61 5.19 -2.76
N SER A 5 -15.72 6.13 -2.46
CA SER A 5 -15.76 7.45 -3.07
C SER A 5 -14.43 7.81 -3.71
N SER A 6 -14.30 7.51 -5.00
CA SER A 6 -13.07 7.79 -5.73
C SER A 6 -12.57 9.19 -5.42
N GLY A 7 -13.39 10.19 -5.70
CA GLY A 7 -13.01 11.57 -5.45
C GLY A 7 -12.16 11.71 -4.19
N LYS A 8 -12.77 11.49 -3.04
CA LYS A 8 -12.07 11.59 -1.76
C LYS A 8 -10.92 10.60 -1.70
N ARG A 9 -9.70 11.09 -1.94
CA ARG A 9 -8.52 10.24 -1.91
C ARG A 9 -8.37 9.55 -0.55
N LYS A 10 -7.63 8.46 -0.52
CA LYS A 10 -7.42 7.71 0.71
C LYS A 10 -7.10 8.65 1.87
N THR A 11 -7.24 8.14 3.10
CA THR A 11 -6.97 8.94 4.28
C THR A 11 -5.85 8.33 5.12
N LYS A 12 -5.03 9.18 5.72
CA LYS A 12 -3.92 8.73 6.55
C LYS A 12 -4.28 7.45 7.29
N GLU A 13 -5.48 7.42 7.86
CA GLU A 13 -5.94 6.24 8.59
C GLU A 13 -5.94 5.01 7.71
N GLN A 14 -6.75 5.04 6.65
CA GLN A 14 -6.85 3.92 5.73
C GLN A 14 -5.47 3.49 5.25
N LEU A 15 -4.68 4.44 4.78
CA LEU A 15 -3.34 4.16 4.29
C LEU A 15 -2.51 3.45 5.38
N ALA A 16 -2.66 3.90 6.61
CA ALA A 16 -1.93 3.31 7.73
C ALA A 16 -2.04 1.79 7.72
N ILE A 17 -3.24 1.30 7.45
CA ILE A 17 -3.48 -0.14 7.41
C ILE A 17 -2.76 -0.78 6.24
N LEU A 18 -2.62 -0.04 5.15
CA LEU A 18 -1.94 -0.54 3.97
C LEU A 18 -0.44 -0.63 4.19
N LYS A 19 0.16 0.49 4.61
CA LYS A 19 1.58 0.54 4.87
C LYS A 19 2.05 -0.69 5.63
N SER A 20 1.23 -1.13 6.59
CA SER A 20 1.56 -2.30 7.40
C SER A 20 1.52 -3.57 6.56
N PHE A 21 0.53 -3.66 5.68
CA PHE A 21 0.37 -4.83 4.81
C PHE A 21 1.53 -4.91 3.81
N PHE A 22 1.77 -3.82 3.11
CA PHE A 22 2.85 -3.77 2.12
C PHE A 22 4.14 -4.36 2.69
N LEU A 23 4.49 -3.93 3.90
CA LEU A 23 5.70 -4.42 4.55
C LEU A 23 5.69 -5.93 4.67
N GLN A 24 4.62 -6.47 5.27
CA GLN A 24 4.48 -7.91 5.44
C GLN A 24 4.54 -8.63 4.10
N CYS A 25 4.09 -7.95 3.04
CA CYS A 25 4.08 -8.52 1.70
C CYS A 25 3.92 -7.43 0.65
N GLN A 26 4.92 -7.32 -0.23
CA GLN A 26 4.89 -6.32 -1.29
C GLN A 26 3.81 -6.63 -2.32
N TRP A 27 3.47 -7.91 -2.44
CA TRP A 27 2.44 -8.35 -3.38
C TRP A 27 1.32 -9.09 -2.67
N ALA A 28 0.09 -8.62 -2.85
CA ALA A 28 -1.06 -9.23 -2.22
C ALA A 28 -1.90 -10.01 -3.24
N ARG A 29 -2.61 -11.03 -2.77
CA ARG A 29 -3.44 -11.84 -3.65
C ARG A 29 -4.91 -11.50 -3.46
N ARG A 30 -5.76 -12.00 -4.36
CA ARG A 30 -7.18 -11.75 -4.30
C ARG A 30 -7.75 -12.16 -2.94
N GLU A 31 -7.15 -13.18 -2.33
CA GLU A 31 -7.59 -13.66 -1.03
C GLU A 31 -7.23 -12.67 0.07
N ASP A 32 -6.24 -11.83 -0.20
CA ASP A 32 -5.79 -10.83 0.76
C ASP A 32 -6.52 -9.51 0.55
N TYR A 33 -6.60 -9.08 -0.70
CA TYR A 33 -7.27 -7.83 -1.04
C TYR A 33 -8.69 -7.80 -0.46
N GLN A 34 -9.38 -8.92 -0.54
CA GLN A 34 -10.74 -9.02 -0.04
C GLN A 34 -10.81 -8.62 1.43
N LYS A 35 -9.68 -8.74 2.12
CA LYS A 35 -9.60 -8.38 3.53
C LYS A 35 -9.27 -6.90 3.71
N LEU A 36 -8.32 -6.41 2.92
CA LEU A 36 -7.92 -5.01 2.98
C LEU A 36 -9.13 -4.09 2.81
N GLU A 37 -10.04 -4.47 1.93
CA GLU A 37 -11.24 -3.68 1.68
C GLU A 37 -12.17 -3.70 2.89
N GLN A 38 -11.84 -4.54 3.87
CA GLN A 38 -12.64 -4.65 5.08
C GLN A 38 -12.00 -3.88 6.23
N ILE A 39 -10.70 -3.69 6.16
CA ILE A 39 -9.97 -2.97 7.20
C ILE A 39 -9.77 -1.50 6.82
N THR A 40 -9.63 -1.26 5.51
CA THR A 40 -9.43 0.09 5.01
C THR A 40 -10.74 0.68 4.48
N GLY A 41 -11.71 -0.19 4.23
CA GLY A 41 -12.99 0.25 3.72
C GLY A 41 -12.90 0.82 2.31
N LEU A 42 -11.76 0.62 1.67
CA LEU A 42 -11.53 1.11 0.32
C LEU A 42 -11.72 0.00 -0.71
N PRO A 43 -12.27 0.35 -1.88
CA PRO A 43 -12.50 -0.61 -2.97
C PRO A 43 -11.26 -1.44 -3.28
N ARG A 44 -11.48 -2.69 -3.65
CA ARG A 44 -10.37 -3.59 -3.98
C ARG A 44 -9.48 -2.98 -5.05
N PRO A 45 -10.10 -2.40 -6.09
CA PRO A 45 -9.37 -1.78 -7.20
C PRO A 45 -8.56 -0.57 -6.74
N GLU A 46 -8.95 0.02 -5.62
CA GLU A 46 -8.26 1.18 -5.09
C GLU A 46 -7.04 0.76 -4.27
N ILE A 47 -7.08 -0.46 -3.75
CA ILE A 47 -5.97 -0.99 -2.95
C ILE A 47 -4.97 -1.72 -3.84
N ILE A 48 -5.47 -2.50 -4.78
CA ILE A 48 -4.62 -3.25 -5.69
C ILE A 48 -3.64 -2.33 -6.43
N GLN A 49 -4.17 -1.23 -6.97
CA GLN A 49 -3.34 -0.27 -7.69
C GLN A 49 -2.35 0.41 -6.76
N TRP A 50 -2.77 0.61 -5.52
CA TRP A 50 -1.92 1.26 -4.52
C TRP A 50 -0.63 0.46 -4.30
N PHE A 51 -0.78 -0.84 -4.10
CA PHE A 51 0.37 -1.71 -3.88
C PHE A 51 1.39 -1.56 -5.00
N GLY A 52 0.89 -1.44 -6.23
CA GLY A 52 1.78 -1.30 -7.37
C GLY A 52 2.58 -0.01 -7.32
N ASP A 53 1.89 1.11 -7.22
CA ASP A 53 2.56 2.42 -7.16
C ASP A 53 3.51 2.49 -5.97
N THR A 54 3.13 1.81 -4.88
CA THR A 54 3.95 1.81 -3.67
C THR A 54 5.36 1.30 -3.97
N ARG A 55 5.45 0.14 -4.62
CA ARG A 55 6.73 -0.45 -4.96
C ARG A 55 7.65 0.58 -5.60
N TYR A 56 7.16 1.23 -6.65
CA TYR A 56 7.94 2.24 -7.35
C TYR A 56 8.66 3.16 -6.37
N ALA A 57 7.89 3.77 -5.47
CA ALA A 57 8.45 4.67 -4.47
C ALA A 57 9.57 4.00 -3.69
N LEU A 58 9.29 2.81 -3.17
CA LEU A 58 10.29 2.07 -2.40
C LEU A 58 11.56 1.83 -3.22
N LYS A 59 11.41 1.16 -4.35
CA LYS A 59 12.55 0.88 -5.23
C LYS A 59 13.44 2.10 -5.36
N HIS A 60 12.82 3.26 -5.53
CA HIS A 60 13.56 4.51 -5.67
C HIS A 60 14.06 5.00 -4.31
N GLY A 61 13.34 4.65 -3.26
CA GLY A 61 13.72 5.06 -1.92
C GLY A 61 12.92 6.25 -1.43
N GLN A 62 11.61 6.21 -1.66
CA GLN A 62 10.74 7.30 -1.23
C GLN A 62 10.05 6.97 0.08
N LEU A 63 9.50 5.76 0.17
CA LEU A 63 8.81 5.32 1.38
C LEU A 63 9.69 5.51 2.61
N LYS A 64 9.27 6.42 3.49
CA LYS A 64 10.02 6.70 4.71
C LYS A 64 9.74 5.64 5.77
N TRP A 65 8.57 5.02 5.68
CA TRP A 65 8.18 3.98 6.63
C TRP A 65 8.80 2.64 6.27
N PHE A 66 9.13 2.48 5.00
CA PHE A 66 9.74 1.24 4.52
C PHE A 66 11.26 1.29 4.64
N ARG A 67 11.84 0.20 5.16
CA ARG A 67 13.28 0.12 5.34
C ARG A 67 14.01 0.86 4.22
N ASP A 68 14.90 1.77 4.60
CA ASP A 68 15.66 2.54 3.63
C ASP A 68 16.55 1.62 2.78
N ASN A 69 16.54 1.85 1.48
CA ASN A 69 17.34 1.04 0.55
C ASN A 69 18.70 0.71 1.18
N ALA A 70 19.06 -0.57 1.12
CA ALA A 70 20.33 -1.03 1.67
C ALA A 70 21.46 -0.84 0.67
N SER A 71 21.37 -1.50 -0.46
CA SER A 71 22.39 -1.41 -1.50
C SER A 71 22.98 0.00 -1.54
N GLY A 72 24.15 0.16 -0.94
CA GLY A 72 24.81 1.45 -0.91
C GLY A 72 25.09 1.94 0.50
N PRO A 73 26.21 1.47 1.07
CA PRO A 73 26.62 1.84 2.43
C PRO A 73 27.07 3.30 2.52
N SER A 74 27.00 4.01 1.39
CA SER A 74 27.40 5.40 1.35
C SER A 74 26.48 6.20 0.44
N SER A 75 26.68 7.51 0.41
CA SER A 75 25.86 8.40 -0.42
C SER A 75 25.50 7.72 -1.74
N GLY A 76 24.36 8.11 -2.31
CA GLY A 76 23.92 7.53 -3.57
C GLY A 76 22.42 7.63 -3.76
N GLY A 1 -16.11 0.38 -12.93
CA GLY A 1 -16.83 -0.17 -11.81
C GLY A 1 -16.88 0.79 -10.62
N SER A 2 -17.90 1.64 -10.60
CA SER A 2 -18.04 2.61 -9.52
C SER A 2 -19.51 2.78 -9.13
N SER A 3 -19.79 2.74 -7.84
CA SER A 3 -21.16 2.89 -7.35
C SER A 3 -21.17 3.49 -5.94
N GLY A 4 -21.99 4.51 -5.75
CA GLY A 4 -22.08 5.15 -4.45
C GLY A 4 -21.36 6.49 -4.40
N SER A 5 -20.08 6.47 -4.07
CA SER A 5 -19.28 7.69 -4.00
C SER A 5 -17.82 7.40 -4.31
N SER A 6 -17.26 8.16 -5.24
CA SER A 6 -15.87 7.99 -5.63
C SER A 6 -14.94 8.74 -4.68
N GLY A 7 -13.64 8.52 -4.84
CA GLY A 7 -12.66 9.18 -3.99
C GLY A 7 -11.38 8.39 -3.85
N LYS A 8 -10.73 8.11 -4.97
CA LYS A 8 -9.48 7.35 -4.97
C LYS A 8 -8.56 7.83 -3.85
N ARG A 9 -8.75 9.07 -3.42
CA ARG A 9 -7.93 9.63 -2.34
C ARG A 9 -8.06 8.81 -1.08
N LYS A 10 -6.93 8.51 -0.45
CA LYS A 10 -6.90 7.72 0.78
C LYS A 10 -6.58 8.60 1.98
N THR A 11 -7.00 8.16 3.16
CA THR A 11 -6.76 8.91 4.39
C THR A 11 -5.66 8.26 5.21
N LYS A 12 -4.93 9.08 5.96
CA LYS A 12 -3.84 8.59 6.79
C LYS A 12 -4.19 7.22 7.39
N GLU A 13 -5.38 7.12 7.97
CA GLU A 13 -5.82 5.87 8.57
C GLU A 13 -5.82 4.74 7.53
N GLN A 14 -6.69 4.85 6.54
CA GLN A 14 -6.79 3.84 5.50
C GLN A 14 -5.40 3.42 5.02
N LEU A 15 -4.50 4.38 4.87
CA LEU A 15 -3.13 4.10 4.43
C LEU A 15 -2.33 3.42 5.53
N ALA A 16 -2.65 3.74 6.78
CA ALA A 16 -1.97 3.16 7.92
C ALA A 16 -2.10 1.63 7.92
N ILE A 17 -3.27 1.15 7.54
CA ILE A 17 -3.54 -0.28 7.50
C ILE A 17 -2.82 -0.93 6.32
N LEU A 18 -2.64 -0.17 5.25
CA LEU A 18 -1.98 -0.67 4.05
C LEU A 18 -0.47 -0.75 4.26
N LYS A 19 0.13 0.38 4.63
CA LYS A 19 1.56 0.44 4.87
C LYS A 19 2.05 -0.79 5.60
N SER A 20 1.25 -1.26 6.56
CA SER A 20 1.59 -2.43 7.35
C SER A 20 1.58 -3.70 6.48
N PHE A 21 0.60 -3.75 5.57
CA PHE A 21 0.47 -4.90 4.68
C PHE A 21 1.62 -4.95 3.67
N PHE A 22 1.85 -3.84 3.00
CA PHE A 22 2.91 -3.74 2.01
C PHE A 22 4.22 -4.31 2.56
N LEU A 23 4.52 -3.98 3.81
CA LEU A 23 5.74 -4.45 4.45
C LEU A 23 5.73 -5.97 4.57
N GLN A 24 4.66 -6.51 5.16
CA GLN A 24 4.53 -7.95 5.34
C GLN A 24 4.60 -8.68 4.00
N CYS A 25 4.03 -8.05 2.97
CA CYS A 25 4.02 -8.64 1.63
C CYS A 25 3.88 -7.55 0.56
N GLN A 26 4.93 -7.36 -0.22
CA GLN A 26 4.92 -6.35 -1.28
C GLN A 26 3.77 -6.61 -2.26
N TRP A 27 3.32 -7.85 -2.32
CA TRP A 27 2.24 -8.23 -3.22
C TRP A 27 1.14 -8.98 -2.47
N ALA A 28 -0.11 -8.64 -2.76
CA ALA A 28 -1.24 -9.29 -2.11
C ALA A 28 -2.08 -10.06 -3.12
N ARG A 29 -2.76 -11.10 -2.65
CA ARG A 29 -3.60 -11.93 -3.51
C ARG A 29 -5.08 -11.59 -3.31
N ARG A 30 -5.90 -11.99 -4.27
CA ARG A 30 -7.34 -11.72 -4.21
C ARG A 30 -7.89 -12.13 -2.85
N GLU A 31 -7.30 -13.16 -2.26
CA GLU A 31 -7.75 -13.65 -0.95
C GLU A 31 -7.41 -12.65 0.15
N ASP A 32 -6.31 -11.92 -0.04
CA ASP A 32 -5.87 -10.93 0.93
C ASP A 32 -6.56 -9.59 0.69
N TYR A 33 -6.69 -9.21 -0.57
CA TYR A 33 -7.32 -7.95 -0.93
C TYR A 33 -8.71 -7.84 -0.29
N GLN A 34 -9.52 -8.88 -0.48
CA GLN A 34 -10.87 -8.91 0.07
C GLN A 34 -10.86 -8.50 1.54
N LYS A 35 -9.75 -8.75 2.22
CA LYS A 35 -9.62 -8.41 3.62
C LYS A 35 -9.28 -6.93 3.80
N LEU A 36 -8.31 -6.45 3.02
CA LEU A 36 -7.90 -5.06 3.10
C LEU A 36 -9.09 -4.13 2.87
N GLU A 37 -9.99 -4.53 1.98
CA GLU A 37 -11.17 -3.73 1.68
C GLU A 37 -12.14 -3.72 2.87
N GLN A 38 -11.85 -4.54 3.86
CA GLN A 38 -12.69 -4.63 5.06
C GLN A 38 -12.09 -3.83 6.20
N ILE A 39 -10.76 -3.65 6.17
CA ILE A 39 -10.07 -2.91 7.21
C ILE A 39 -9.86 -1.46 6.81
N THR A 40 -9.58 -1.24 5.53
CA THR A 40 -9.36 0.10 5.01
C THR A 40 -10.66 0.72 4.48
N GLY A 41 -11.63 -0.14 4.18
CA GLY A 41 -12.90 0.33 3.68
C GLY A 41 -12.80 0.92 2.28
N LEU A 42 -11.71 0.59 1.59
CA LEU A 42 -11.50 1.08 0.24
C LEU A 42 -11.67 -0.04 -0.79
N PRO A 43 -12.22 0.31 -1.96
CA PRO A 43 -12.45 -0.65 -3.04
C PRO A 43 -11.21 -1.47 -3.35
N ARG A 44 -11.42 -2.71 -3.78
CA ARG A 44 -10.32 -3.61 -4.11
C ARG A 44 -9.42 -2.99 -5.18
N PRO A 45 -10.06 -2.42 -6.22
CA PRO A 45 -9.33 -1.79 -7.33
C PRO A 45 -8.52 -0.57 -6.87
N GLU A 46 -8.88 -0.02 -5.72
CA GLU A 46 -8.19 1.14 -5.18
C GLU A 46 -6.96 0.71 -4.36
N ILE A 47 -7.05 -0.48 -3.77
CA ILE A 47 -5.95 -1.00 -2.96
C ILE A 47 -4.92 -1.73 -3.84
N ILE A 48 -5.42 -2.55 -4.76
CA ILE A 48 -4.55 -3.30 -5.66
C ILE A 48 -3.58 -2.36 -6.38
N GLN A 49 -4.11 -1.33 -7.01
CA GLN A 49 -3.29 -0.36 -7.73
C GLN A 49 -2.27 0.30 -6.80
N TRP A 50 -2.72 0.63 -5.59
CA TRP A 50 -1.86 1.28 -4.61
C TRP A 50 -0.56 0.49 -4.44
N PHE A 51 -0.69 -0.80 -4.15
CA PHE A 51 0.47 -1.66 -3.96
C PHE A 51 1.48 -1.46 -5.08
N GLY A 52 0.98 -1.34 -6.30
CA GLY A 52 1.86 -1.16 -7.45
C GLY A 52 2.68 0.11 -7.36
N ASP A 53 2.01 1.24 -7.25
CA ASP A 53 2.68 2.53 -7.14
C ASP A 53 3.59 2.58 -5.91
N THR A 54 3.17 1.88 -4.86
CA THR A 54 3.94 1.84 -3.62
C THR A 54 5.35 1.30 -3.86
N ARG A 55 5.44 0.27 -4.71
CA ARG A 55 6.73 -0.34 -5.02
C ARG A 55 7.66 0.66 -5.68
N TYR A 56 7.13 1.38 -6.67
CA TYR A 56 7.93 2.38 -7.40
C TYR A 56 8.71 3.26 -6.43
N ALA A 57 7.99 4.01 -5.61
CA ALA A 57 8.61 4.89 -4.63
C ALA A 57 9.69 4.16 -3.83
N LEU A 58 9.32 3.00 -3.27
CA LEU A 58 10.25 2.21 -2.48
C LEU A 58 11.54 1.95 -3.25
N LYS A 59 11.43 1.21 -4.35
CA LYS A 59 12.58 0.89 -5.18
C LYS A 59 13.50 2.10 -5.32
N HIS A 60 12.90 3.27 -5.49
CA HIS A 60 13.66 4.51 -5.63
C HIS A 60 14.17 5.00 -4.28
N GLY A 61 13.40 4.72 -3.24
CA GLY A 61 13.79 5.14 -1.89
C GLY A 61 12.97 6.32 -1.39
N GLN A 62 11.67 6.27 -1.66
CA GLN A 62 10.76 7.34 -1.22
C GLN A 62 10.08 6.97 0.10
N LEU A 63 9.57 5.75 0.17
CA LEU A 63 8.89 5.29 1.37
C LEU A 63 9.70 5.61 2.63
N LYS A 64 9.13 6.46 3.47
CA LYS A 64 9.80 6.86 4.71
C LYS A 64 9.48 5.88 5.83
N TRP A 65 8.50 5.01 5.61
CA TRP A 65 8.11 4.03 6.60
C TRP A 65 8.77 2.68 6.33
N PHE A 66 8.99 2.39 5.05
CA PHE A 66 9.62 1.13 4.65
C PHE A 66 11.11 1.12 5.01
N ARG A 67 11.58 -0.01 5.51
CA ARG A 67 12.99 -0.15 5.89
C ARG A 67 13.34 0.85 6.99
N ASP A 68 12.46 0.98 7.97
CA ASP A 68 12.69 1.89 9.09
C ASP A 68 13.58 1.26 10.15
N ASN A 69 14.51 2.05 10.68
CA ASN A 69 15.43 1.56 11.70
C ASN A 69 14.67 0.85 12.82
N ALA A 70 15.17 -0.32 13.22
CA ALA A 70 14.54 -1.09 14.28
C ALA A 70 15.51 -1.32 15.44
N SER A 71 16.24 -0.27 15.81
CA SER A 71 17.21 -0.36 16.89
C SER A 71 16.63 -1.11 18.09
N GLY A 72 17.13 -2.31 18.33
CA GLY A 72 16.65 -3.11 19.44
C GLY A 72 16.67 -4.59 19.14
N PRO A 73 17.87 -5.18 19.12
CA PRO A 73 18.05 -6.62 18.84
C PRO A 73 17.53 -7.49 19.98
N SER A 74 16.49 -8.26 19.68
CA SER A 74 15.89 -9.14 20.68
C SER A 74 16.50 -10.54 20.59
N SER A 75 16.50 -11.25 21.72
CA SER A 75 17.06 -12.59 21.78
C SER A 75 16.27 -13.55 20.89
N GLY A 76 16.80 -14.76 20.71
CA GLY A 76 16.14 -15.75 19.89
C GLY A 76 17.06 -16.86 19.46
N GLY A 1 2.30 12.74 -21.54
CA GLY A 1 0.88 12.47 -21.36
C GLY A 1 0.18 13.50 -20.51
N SER A 2 -1.11 13.67 -20.73
CA SER A 2 -1.89 14.65 -19.97
C SER A 2 -3.10 13.98 -19.32
N SER A 3 -3.98 13.42 -20.14
CA SER A 3 -5.18 12.76 -19.64
C SER A 3 -4.81 11.57 -18.74
N GLY A 4 -4.95 11.77 -17.44
CA GLY A 4 -4.63 10.71 -16.49
C GLY A 4 -5.63 10.63 -15.36
N SER A 5 -6.91 10.65 -15.69
CA SER A 5 -7.96 10.58 -14.68
C SER A 5 -7.68 9.49 -13.66
N SER A 6 -7.15 9.90 -12.51
CA SER A 6 -6.82 8.95 -11.44
C SER A 6 -6.96 9.61 -10.07
N GLY A 7 -7.34 8.83 -9.08
CA GLY A 7 -7.51 9.35 -7.73
C GLY A 7 -7.90 8.28 -6.74
N LYS A 8 -7.37 8.38 -5.52
CA LYS A 8 -7.67 7.40 -4.47
C LYS A 8 -8.23 8.10 -3.23
N ARG A 9 -7.81 9.34 -3.02
CA ARG A 9 -8.28 10.11 -1.88
C ARG A 9 -8.19 9.30 -0.60
N LYS A 10 -7.02 8.72 -0.34
CA LYS A 10 -6.80 7.92 0.86
C LYS A 10 -6.52 8.80 2.08
N THR A 11 -6.69 8.23 3.26
CA THR A 11 -6.45 8.95 4.50
C THR A 11 -5.44 8.24 5.38
N LYS A 12 -4.61 9.01 6.07
CA LYS A 12 -3.60 8.45 6.96
C LYS A 12 -4.10 7.16 7.61
N GLU A 13 -5.34 7.19 8.09
CA GLU A 13 -5.94 6.03 8.73
C GLU A 13 -5.90 4.82 7.81
N GLN A 14 -6.59 4.92 6.68
CA GLN A 14 -6.63 3.83 5.71
C GLN A 14 -5.23 3.39 5.33
N LEU A 15 -4.43 4.32 4.82
CA LEU A 15 -3.06 4.01 4.41
C LEU A 15 -2.30 3.31 5.54
N ALA A 16 -2.56 3.73 6.77
CA ALA A 16 -1.91 3.12 7.93
C ALA A 16 -2.05 1.61 7.92
N ILE A 17 -3.25 1.13 7.59
CA ILE A 17 -3.50 -0.31 7.54
C ILE A 17 -2.76 -0.96 6.39
N LEU A 18 -2.58 -0.21 5.31
CA LEU A 18 -1.88 -0.72 4.13
C LEU A 18 -0.38 -0.82 4.40
N LYS A 19 0.22 0.30 4.77
CA LYS A 19 1.65 0.34 5.05
C LYS A 19 2.10 -0.92 5.78
N SER A 20 1.28 -1.37 6.73
CA SER A 20 1.59 -2.57 7.50
C SER A 20 1.53 -3.82 6.62
N PHE A 21 0.57 -3.83 5.70
CA PHE A 21 0.39 -4.96 4.79
C PHE A 21 1.54 -5.04 3.80
N PHE A 22 1.84 -3.92 3.15
CA PHE A 22 2.93 -3.87 2.17
C PHE A 22 4.21 -4.47 2.75
N LEU A 23 4.55 -4.07 3.96
CA LEU A 23 5.76 -4.55 4.62
C LEU A 23 5.72 -6.07 4.74
N GLN A 24 4.65 -6.60 5.31
CA GLN A 24 4.50 -8.04 5.48
C GLN A 24 4.59 -8.76 4.14
N CYS A 25 4.03 -8.15 3.10
CA CYS A 25 4.05 -8.73 1.77
C CYS A 25 4.00 -7.64 0.69
N GLN A 26 5.12 -7.44 0.01
CA GLN A 26 5.20 -6.43 -1.03
C GLN A 26 4.15 -6.67 -2.11
N TRP A 27 3.64 -7.89 -2.17
CA TRP A 27 2.62 -8.25 -3.15
C TRP A 27 1.42 -8.89 -2.48
N ALA A 28 0.23 -8.37 -2.77
CA ALA A 28 -0.99 -8.90 -2.18
C ALA A 28 -1.74 -9.76 -3.19
N ARG A 29 -2.48 -10.76 -2.69
CA ARG A 29 -3.23 -11.67 -3.53
C ARG A 29 -4.71 -11.26 -3.59
N ARG A 30 -5.50 -12.03 -4.32
CA ARG A 30 -6.93 -11.74 -4.45
C ARG A 30 -7.66 -12.07 -3.16
N GLU A 31 -7.20 -13.11 -2.47
CA GLU A 31 -7.83 -13.52 -1.22
C GLU A 31 -7.51 -12.54 -0.09
N ASP A 32 -6.47 -11.73 -0.30
CA ASP A 32 -6.07 -10.75 0.69
C ASP A 32 -6.76 -9.42 0.45
N TYR A 33 -6.85 -9.02 -0.81
CA TYR A 33 -7.50 -7.77 -1.17
C TYR A 33 -8.92 -7.70 -0.62
N GLN A 34 -9.69 -8.75 -0.84
CA GLN A 34 -11.06 -8.81 -0.36
C GLN A 34 -11.13 -8.47 1.13
N LYS A 35 -10.02 -8.65 1.82
CA LYS A 35 -9.95 -8.35 3.26
C LYS A 35 -9.49 -6.92 3.49
N LEU A 36 -8.50 -6.48 2.73
CA LEU A 36 -7.97 -5.13 2.85
C LEU A 36 -9.08 -4.09 2.70
N GLU A 37 -10.04 -4.38 1.83
CA GLU A 37 -11.15 -3.48 1.58
C GLU A 37 -12.11 -3.47 2.77
N GLN A 38 -11.88 -4.37 3.72
CA GLN A 38 -12.72 -4.47 4.91
C GLN A 38 -12.05 -3.80 6.10
N ILE A 39 -10.72 -3.74 6.07
CA ILE A 39 -9.97 -3.12 7.16
C ILE A 39 -9.70 -1.65 6.87
N THR A 40 -9.56 -1.31 5.59
CA THR A 40 -9.30 0.06 5.18
C THR A 40 -10.57 0.74 4.69
N GLY A 41 -11.52 -0.07 4.23
CA GLY A 41 -12.78 0.47 3.74
C GLY A 41 -12.67 0.97 2.32
N LEU A 42 -11.54 0.72 1.68
CA LEU A 42 -11.32 1.15 0.31
C LEU A 42 -11.52 -0.01 -0.67
N PRO A 43 -12.13 0.30 -1.83
CA PRO A 43 -12.39 -0.69 -2.87
C PRO A 43 -11.16 -1.54 -3.21
N ARG A 44 -11.39 -2.79 -3.60
CA ARG A 44 -10.30 -3.69 -3.95
C ARG A 44 -9.38 -3.06 -4.99
N PRO A 45 -9.99 -2.45 -6.02
CA PRO A 45 -9.24 -1.80 -7.10
C PRO A 45 -8.43 -0.61 -6.62
N GLU A 46 -8.90 0.02 -5.54
CA GLU A 46 -8.22 1.18 -4.96
C GLU A 46 -6.99 0.75 -4.17
N ILE A 47 -7.05 -0.45 -3.60
CA ILE A 47 -5.94 -0.98 -2.81
C ILE A 47 -4.93 -1.69 -3.70
N ILE A 48 -5.42 -2.49 -4.64
CA ILE A 48 -4.56 -3.22 -5.54
C ILE A 48 -3.57 -2.29 -6.25
N GLN A 49 -4.11 -1.22 -6.83
CA GLN A 49 -3.27 -0.25 -7.54
C GLN A 49 -2.25 0.38 -6.60
N TRP A 50 -2.67 0.65 -5.37
CA TRP A 50 -1.79 1.25 -4.37
C TRP A 50 -0.51 0.44 -4.22
N PHE A 51 -0.66 -0.87 -4.04
CA PHE A 51 0.49 -1.75 -3.88
C PHE A 51 1.48 -1.57 -5.04
N GLY A 52 0.95 -1.46 -6.25
CA GLY A 52 1.80 -1.28 -7.41
C GLY A 52 2.64 -0.02 -7.33
N ASP A 53 1.99 1.10 -7.02
CA ASP A 53 2.69 2.38 -6.91
C ASP A 53 3.66 2.38 -5.74
N THR A 54 3.21 1.82 -4.61
CA THR A 54 4.04 1.76 -3.42
C THR A 54 5.40 1.16 -3.72
N ARG A 55 5.42 0.11 -4.53
CA ARG A 55 6.66 -0.55 -4.91
C ARG A 55 7.59 0.40 -5.66
N TYR A 56 7.05 1.06 -6.68
CA TYR A 56 7.83 2.01 -7.48
C TYR A 56 8.58 2.99 -6.57
N ALA A 57 7.83 3.68 -5.71
CA ALA A 57 8.42 4.64 -4.80
C ALA A 57 9.52 4.00 -3.96
N LEU A 58 9.21 2.86 -3.36
CA LEU A 58 10.17 2.16 -2.52
C LEU A 58 11.47 1.89 -3.28
N LYS A 59 11.38 1.06 -4.31
CA LYS A 59 12.54 0.74 -5.13
C LYS A 59 13.41 1.96 -5.36
N HIS A 60 12.77 3.11 -5.53
CA HIS A 60 13.48 4.36 -5.75
C HIS A 60 13.96 4.97 -4.44
N GLY A 61 13.19 4.75 -3.38
CA GLY A 61 13.55 5.28 -2.08
C GLY A 61 12.68 6.44 -1.66
N GLN A 62 11.36 6.30 -1.86
CA GLN A 62 10.41 7.35 -1.50
C GLN A 62 9.72 7.03 -0.18
N LEU A 63 9.36 5.76 0.00
CA LEU A 63 8.68 5.32 1.21
C LEU A 63 9.46 5.76 2.45
N LYS A 64 8.91 6.71 3.19
CA LYS A 64 9.56 7.22 4.39
C LYS A 64 9.39 6.24 5.54
N TRP A 65 8.40 5.36 5.43
CA TRP A 65 8.14 4.37 6.46
C TRP A 65 8.89 3.07 6.18
N PHE A 66 9.03 2.74 4.90
CA PHE A 66 9.72 1.53 4.49
C PHE A 66 11.23 1.69 4.64
N ARG A 67 11.89 0.64 5.11
CA ARG A 67 13.35 0.68 5.29
C ARG A 67 14.02 1.44 4.15
N ASP A 68 15.05 2.20 4.49
CA ASP A 68 15.79 2.98 3.50
C ASP A 68 17.06 2.26 3.07
N ASN A 69 16.92 1.36 2.09
CA ASN A 69 18.06 0.60 1.59
C ASN A 69 18.50 1.13 0.23
N ALA A 70 19.57 1.92 0.23
CA ALA A 70 20.10 2.49 -1.01
C ALA A 70 19.10 3.45 -1.64
N SER A 71 18.41 4.22 -0.80
CA SER A 71 17.43 5.18 -1.28
C SER A 71 18.10 6.48 -1.72
N GLY A 72 17.36 7.31 -2.45
CA GLY A 72 17.90 8.57 -2.93
C GLY A 72 19.27 8.41 -3.55
N PRO A 73 20.03 9.51 -3.61
CA PRO A 73 21.37 9.52 -4.18
C PRO A 73 22.39 8.75 -3.33
N SER A 74 22.99 7.72 -3.92
CA SER A 74 23.97 6.90 -3.21
C SER A 74 25.38 7.41 -3.46
N SER A 75 26.05 7.84 -2.40
CA SER A 75 27.41 8.35 -2.51
C SER A 75 28.43 7.28 -2.13
N GLY A 76 29.02 6.65 -3.15
CA GLY A 76 30.00 5.61 -2.91
C GLY A 76 30.98 5.98 -1.80
N GLY A 1 -5.59 -1.68 -20.75
CA GLY A 1 -4.74 -0.51 -20.74
C GLY A 1 -5.34 0.65 -19.99
N SER A 2 -5.07 0.72 -18.69
CA SER A 2 -5.60 1.79 -17.86
C SER A 2 -4.48 2.56 -17.17
N SER A 3 -4.50 3.88 -17.32
CA SER A 3 -3.48 4.73 -16.71
C SER A 3 -4.12 5.91 -15.99
N GLY A 4 -3.59 6.21 -14.80
CA GLY A 4 -4.12 7.32 -14.02
C GLY A 4 -5.27 6.90 -13.13
N SER A 5 -6.49 7.26 -13.53
CA SER A 5 -7.68 6.91 -12.75
C SER A 5 -7.41 7.05 -11.26
N SER A 6 -6.72 8.12 -10.89
CA SER A 6 -6.40 8.37 -9.48
C SER A 6 -7.57 8.02 -8.59
N GLY A 7 -8.75 8.55 -8.93
CA GLY A 7 -9.94 8.28 -8.14
C GLY A 7 -10.04 9.17 -6.92
N LYS A 8 -10.21 8.55 -5.75
CA LYS A 8 -10.31 9.30 -4.50
C LYS A 8 -9.08 9.08 -3.64
N ARG A 9 -8.71 10.11 -2.89
CA ARG A 9 -7.55 10.03 -2.01
C ARG A 9 -7.85 9.19 -0.76
N LYS A 10 -6.82 8.62 -0.17
CA LYS A 10 -6.98 7.81 1.03
C LYS A 10 -6.62 8.60 2.28
N THR A 11 -7.23 8.23 3.41
CA THR A 11 -6.97 8.90 4.67
C THR A 11 -5.82 8.24 5.43
N LYS A 12 -5.03 9.07 6.12
CA LYS A 12 -3.90 8.56 6.88
C LYS A 12 -4.20 7.19 7.48
N GLU A 13 -5.39 7.05 8.06
CA GLU A 13 -5.80 5.79 8.67
C GLU A 13 -5.81 4.67 7.64
N GLN A 14 -6.69 4.79 6.65
CA GLN A 14 -6.80 3.80 5.60
C GLN A 14 -5.43 3.38 5.08
N LEU A 15 -4.55 4.36 4.91
CA LEU A 15 -3.20 4.10 4.43
C LEU A 15 -2.36 3.41 5.50
N ALA A 16 -2.65 3.72 6.77
CA ALA A 16 -1.93 3.13 7.88
C ALA A 16 -2.05 1.61 7.87
N ILE A 17 -3.23 1.12 7.52
CA ILE A 17 -3.47 -0.32 7.47
C ILE A 17 -2.76 -0.96 6.29
N LEU A 18 -2.59 -0.18 5.22
CA LEU A 18 -1.92 -0.67 4.02
C LEU A 18 -0.41 -0.70 4.21
N LYS A 19 0.16 0.44 4.61
CA LYS A 19 1.59 0.54 4.83
C LYS A 19 2.11 -0.68 5.57
N SER A 20 1.34 -1.17 6.53
CA SER A 20 1.73 -2.33 7.31
C SER A 20 1.69 -3.60 6.46
N PHE A 21 0.69 -3.68 5.59
CA PHE A 21 0.53 -4.84 4.71
C PHE A 21 1.68 -4.91 3.70
N PHE A 22 1.93 -3.80 3.02
CA PHE A 22 2.99 -3.73 2.02
C PHE A 22 4.30 -4.29 2.58
N LEU A 23 4.63 -3.89 3.81
CA LEU A 23 5.85 -4.36 4.46
C LEU A 23 5.86 -5.88 4.59
N GLN A 24 4.79 -6.42 5.18
CA GLN A 24 4.68 -7.86 5.37
C GLN A 24 4.72 -8.59 4.03
N CYS A 25 4.13 -7.97 3.01
CA CYS A 25 4.10 -8.56 1.67
C CYS A 25 3.90 -7.48 0.61
N GLN A 26 4.89 -7.33 -0.25
CA GLN A 26 4.85 -6.33 -1.32
C GLN A 26 3.69 -6.62 -2.26
N TRP A 27 3.32 -7.89 -2.37
CA TRP A 27 2.22 -8.29 -3.25
C TRP A 27 1.14 -9.02 -2.48
N ALA A 28 -0.12 -8.66 -2.71
CA ALA A 28 -1.24 -9.28 -2.03
C ALA A 28 -2.04 -10.16 -2.98
N ARG A 29 -2.71 -11.16 -2.43
CA ARG A 29 -3.51 -12.08 -3.24
C ARG A 29 -5.00 -11.76 -3.11
N ARG A 30 -5.82 -12.42 -3.93
CA ARG A 30 -7.25 -12.20 -3.90
C ARG A 30 -7.81 -12.38 -2.49
N GLU A 31 -7.20 -13.27 -1.73
CA GLU A 31 -7.63 -13.53 -0.36
C GLU A 31 -7.27 -12.37 0.56
N ASP A 32 -6.22 -11.63 0.19
CA ASP A 32 -5.77 -10.49 0.98
C ASP A 32 -6.56 -9.23 0.60
N TYR A 33 -6.67 -8.98 -0.69
CA TYR A 33 -7.39 -7.81 -1.19
C TYR A 33 -8.77 -7.72 -0.57
N GLN A 34 -9.55 -8.79 -0.71
CA GLN A 34 -10.90 -8.82 -0.15
C GLN A 34 -10.89 -8.46 1.32
N LYS A 35 -9.79 -8.73 1.99
CA LYS A 35 -9.66 -8.43 3.41
C LYS A 35 -9.32 -6.95 3.63
N LEU A 36 -8.36 -6.45 2.85
CA LEU A 36 -7.96 -5.06 2.95
C LEU A 36 -9.15 -4.12 2.81
N GLU A 37 -10.05 -4.46 1.88
CA GLU A 37 -11.24 -3.65 1.64
C GLU A 37 -12.18 -3.71 2.84
N GLN A 38 -11.86 -4.57 3.80
CA GLN A 38 -12.68 -4.72 5.00
C GLN A 38 -12.07 -3.96 6.17
N ILE A 39 -10.75 -3.81 6.15
CA ILE A 39 -10.04 -3.10 7.21
C ILE A 39 -9.89 -1.62 6.88
N THR A 40 -9.61 -1.33 5.62
CA THR A 40 -9.44 0.05 5.17
C THR A 40 -10.75 0.63 4.65
N GLY A 41 -11.63 -0.26 4.18
CA GLY A 41 -12.91 0.18 3.66
C GLY A 41 -12.81 0.78 2.27
N LEU A 42 -11.70 0.48 1.58
CA LEU A 42 -11.48 1.00 0.24
C LEU A 42 -11.65 -0.10 -0.80
N PRO A 43 -12.22 0.26 -1.97
CA PRO A 43 -12.45 -0.68 -3.06
C PRO A 43 -11.21 -1.49 -3.40
N ARG A 44 -11.42 -2.72 -3.84
CA ARG A 44 -10.31 -3.61 -4.20
C ARG A 44 -9.41 -2.96 -5.25
N PRO A 45 -10.04 -2.35 -6.27
CA PRO A 45 -9.31 -1.68 -7.35
C PRO A 45 -8.50 -0.49 -6.87
N GLU A 46 -8.89 0.05 -5.71
CA GLU A 46 -8.19 1.19 -5.14
C GLU A 46 -6.96 0.74 -4.36
N ILE A 47 -7.04 -0.44 -3.75
CA ILE A 47 -5.93 -0.98 -2.98
C ILE A 47 -4.91 -1.66 -3.89
N ILE A 48 -5.41 -2.51 -4.78
CA ILE A 48 -4.54 -3.23 -5.72
C ILE A 48 -3.58 -2.27 -6.42
N GLN A 49 -4.14 -1.21 -7.00
CA GLN A 49 -3.34 -0.21 -7.71
C GLN A 49 -2.31 0.41 -6.78
N TRP A 50 -2.74 0.76 -5.57
CA TRP A 50 -1.85 1.37 -4.59
C TRP A 50 -0.55 0.59 -4.47
N PHE A 51 -0.66 -0.72 -4.33
CA PHE A 51 0.52 -1.58 -4.21
C PHE A 51 1.48 -1.35 -5.37
N GLY A 52 0.93 -1.21 -6.57
CA GLY A 52 1.76 -0.97 -7.75
C GLY A 52 2.56 0.30 -7.65
N ASP A 53 1.90 1.40 -7.31
CA ASP A 53 2.56 2.69 -7.18
C ASP A 53 3.51 2.70 -5.98
N THR A 54 3.11 2.00 -4.92
CA THR A 54 3.91 1.94 -3.71
C THR A 54 5.30 1.38 -4.00
N ARG A 55 5.35 0.34 -4.83
CA ARG A 55 6.62 -0.28 -5.19
C ARG A 55 7.59 0.75 -5.79
N TYR A 56 7.13 1.45 -6.82
CA TYR A 56 7.95 2.47 -7.48
C TYR A 56 8.70 3.30 -6.45
N ALA A 57 7.95 4.00 -5.60
CA ALA A 57 8.54 4.85 -4.57
C ALA A 57 9.59 4.08 -3.77
N LEU A 58 9.22 2.89 -3.31
CA LEU A 58 10.13 2.05 -2.53
C LEU A 58 11.43 1.81 -3.29
N LYS A 59 11.33 1.10 -4.42
CA LYS A 59 12.51 0.80 -5.24
C LYS A 59 13.44 2.01 -5.31
N HIS A 60 12.86 3.19 -5.45
CA HIS A 60 13.65 4.42 -5.52
C HIS A 60 14.13 4.85 -4.14
N GLY A 61 13.34 4.54 -3.12
CA GLY A 61 13.70 4.90 -1.77
C GLY A 61 12.93 6.10 -1.25
N GLN A 62 11.63 6.12 -1.54
CA GLN A 62 10.78 7.22 -1.10
C GLN A 62 10.07 6.88 0.22
N LEU A 63 9.48 5.69 0.26
CA LEU A 63 8.78 5.24 1.46
C LEU A 63 9.64 5.43 2.71
N LYS A 64 9.20 6.30 3.60
CA LYS A 64 9.91 6.57 4.84
C LYS A 64 9.59 5.53 5.91
N TRP A 65 8.41 4.93 5.80
CA TRP A 65 7.98 3.91 6.74
C TRP A 65 8.59 2.56 6.41
N PHE A 66 8.92 2.35 5.14
CA PHE A 66 9.50 1.10 4.69
C PHE A 66 10.97 1.00 5.13
N ARG A 67 11.44 -0.23 5.31
CA ARG A 67 12.81 -0.46 5.73
C ARG A 67 13.15 0.33 7.00
N ASP A 68 12.22 0.32 7.94
CA ASP A 68 12.41 1.04 9.20
C ASP A 68 13.52 0.40 10.02
N ASN A 69 14.64 1.11 10.15
CA ASN A 69 15.78 0.62 10.90
C ASN A 69 15.47 0.56 12.40
N ALA A 70 16.14 -0.32 13.11
CA ALA A 70 15.93 -0.47 14.55
C ALA A 70 14.57 -1.10 14.84
N SER A 71 14.19 -2.07 14.02
CA SER A 71 12.91 -2.75 14.20
C SER A 71 13.03 -4.24 13.85
N GLY A 72 12.51 -5.08 14.73
CA GLY A 72 12.57 -6.52 14.51
C GLY A 72 11.32 -7.24 14.99
N PRO A 73 10.28 -7.26 14.14
CA PRO A 73 9.01 -7.91 14.46
C PRO A 73 9.13 -9.42 14.51
N SER A 74 9.81 -10.00 13.51
CA SER A 74 10.00 -11.44 13.44
C SER A 74 11.47 -11.80 13.59
N SER A 75 11.75 -12.72 14.51
CA SER A 75 13.13 -13.16 14.76
C SER A 75 14.05 -11.96 14.92
N GLY A 76 13.61 -10.98 15.71
CA GLY A 76 14.41 -9.79 15.93
C GLY A 76 15.83 -10.12 16.39
N GLY A 1 -15.68 23.99 -6.48
CA GLY A 1 -15.35 25.00 -7.46
C GLY A 1 -15.43 24.48 -8.89
N SER A 2 -15.09 25.33 -9.84
CA SER A 2 -15.12 24.95 -11.25
C SER A 2 -13.72 24.72 -11.79
N SER A 3 -12.72 25.21 -11.07
CA SER A 3 -11.33 25.06 -11.47
C SER A 3 -10.67 23.90 -10.73
N GLY A 4 -10.76 22.71 -11.33
CA GLY A 4 -10.17 21.54 -10.73
C GLY A 4 -11.19 20.66 -10.02
N SER A 5 -10.76 19.51 -9.55
CA SER A 5 -11.66 18.58 -8.86
C SER A 5 -10.95 17.92 -7.68
N SER A 6 -11.73 17.36 -6.77
CA SER A 6 -11.18 16.70 -5.58
C SER A 6 -10.43 15.43 -5.97
N GLY A 7 -11.07 14.59 -6.78
CA GLY A 7 -10.45 13.36 -7.21
C GLY A 7 -10.46 12.30 -6.12
N LYS A 8 -9.76 11.19 -6.38
CA LYS A 8 -9.68 10.10 -5.41
C LYS A 8 -8.44 10.23 -4.55
N ARG A 9 -8.58 9.88 -3.27
CA ARG A 9 -7.45 9.94 -2.34
C ARG A 9 -7.73 9.11 -1.09
N LYS A 10 -6.67 8.63 -0.46
CA LYS A 10 -6.79 7.81 0.74
C LYS A 10 -6.53 8.64 1.99
N THR A 11 -6.97 8.12 3.14
CA THR A 11 -6.80 8.82 4.41
C THR A 11 -5.66 8.20 5.22
N LYS A 12 -4.86 9.04 5.84
CA LYS A 12 -3.74 8.57 6.65
C LYS A 12 -4.09 7.28 7.38
N GLU A 13 -5.32 7.20 7.89
CA GLU A 13 -5.78 6.01 8.59
C GLU A 13 -5.78 4.80 7.67
N GLN A 14 -6.58 4.86 6.61
CA GLN A 14 -6.66 3.76 5.65
C GLN A 14 -5.27 3.32 5.19
N LEU A 15 -4.47 4.28 4.74
CA LEU A 15 -3.12 4.00 4.27
C LEU A 15 -2.32 3.27 5.34
N ALA A 16 -2.51 3.68 6.60
CA ALA A 16 -1.80 3.05 7.71
C ALA A 16 -1.97 1.54 7.69
N ILE A 17 -3.19 1.08 7.45
CA ILE A 17 -3.49 -0.34 7.41
C ILE A 17 -2.75 -1.02 6.26
N LEU A 18 -2.54 -0.27 5.17
CA LEU A 18 -1.84 -0.79 4.00
C LEU A 18 -0.35 -0.91 4.27
N LYS A 19 0.27 0.20 4.65
CA LYS A 19 1.70 0.23 4.94
C LYS A 19 2.12 -1.03 5.69
N SER A 20 1.29 -1.45 6.64
CA SER A 20 1.59 -2.64 7.43
C SER A 20 1.57 -3.89 6.57
N PHE A 21 0.62 -3.95 5.64
CA PHE A 21 0.48 -5.09 4.75
C PHE A 21 1.66 -5.17 3.78
N PHE A 22 1.93 -4.05 3.09
CA PHE A 22 3.02 -3.99 2.14
C PHE A 22 4.29 -4.58 2.73
N LEU A 23 4.64 -4.15 3.93
CA LEU A 23 5.84 -4.64 4.61
C LEU A 23 5.84 -6.16 4.70
N GLN A 24 4.76 -6.71 5.24
CA GLN A 24 4.62 -8.16 5.38
C GLN A 24 4.72 -8.85 4.02
N CYS A 25 4.18 -8.20 2.99
CA CYS A 25 4.20 -8.76 1.65
C CYS A 25 4.01 -7.66 0.60
N GLN A 26 5.03 -7.44 -0.22
CA GLN A 26 4.96 -6.42 -1.25
C GLN A 26 3.84 -6.71 -2.24
N TRP A 27 3.44 -7.98 -2.31
CA TRP A 27 2.38 -8.38 -3.23
C TRP A 27 1.27 -9.12 -2.47
N ALA A 28 0.03 -8.74 -2.72
CA ALA A 28 -1.11 -9.37 -2.07
C ALA A 28 -1.98 -10.11 -3.08
N ARG A 29 -2.70 -11.12 -2.59
CA ARG A 29 -3.58 -11.90 -3.46
C ARG A 29 -5.04 -11.52 -3.25
N ARG A 30 -5.89 -11.90 -4.20
CA ARG A 30 -7.31 -11.59 -4.13
C ARG A 30 -7.87 -11.98 -2.76
N GLU A 31 -7.45 -13.13 -2.25
CA GLU A 31 -7.92 -13.61 -0.96
C GLU A 31 -7.55 -12.63 0.15
N ASP A 32 -6.47 -11.89 -0.06
CA ASP A 32 -6.02 -10.91 0.92
C ASP A 32 -6.67 -9.55 0.67
N TYR A 33 -6.79 -9.18 -0.59
CA TYR A 33 -7.39 -7.90 -0.96
C TYR A 33 -8.81 -7.79 -0.42
N GLN A 34 -9.57 -8.88 -0.53
CA GLN A 34 -10.94 -8.90 -0.04
C GLN A 34 -11.02 -8.48 1.43
N LYS A 35 -9.90 -8.64 2.13
CA LYS A 35 -9.84 -8.27 3.54
C LYS A 35 -9.49 -6.80 3.71
N LEU A 36 -8.53 -6.34 2.90
CA LEU A 36 -8.10 -4.94 2.96
C LEU A 36 -9.29 -4.00 2.82
N GLU A 37 -10.21 -4.33 1.92
CA GLU A 37 -11.40 -3.52 1.70
C GLU A 37 -12.31 -3.54 2.91
N GLN A 38 -11.98 -4.38 3.88
CA GLN A 38 -12.78 -4.50 5.10
C GLN A 38 -12.13 -3.74 6.24
N ILE A 39 -10.80 -3.60 6.18
CA ILE A 39 -10.06 -2.90 7.22
C ILE A 39 -9.87 -1.42 6.85
N THR A 40 -9.62 -1.17 5.57
CA THR A 40 -9.42 0.19 5.09
C THR A 40 -10.73 0.79 4.57
N GLY A 41 -11.64 -0.07 4.14
CA GLY A 41 -12.92 0.38 3.63
C GLY A 41 -12.81 0.96 2.22
N LEU A 42 -11.68 0.68 1.57
CA LEU A 42 -11.45 1.18 0.22
C LEU A 42 -11.65 0.07 -0.82
N PRO A 43 -12.20 0.43 -1.99
CA PRO A 43 -12.44 -0.52 -3.07
C PRO A 43 -11.22 -1.37 -3.38
N ARG A 44 -11.46 -2.62 -3.77
CA ARG A 44 -10.38 -3.54 -4.10
C ARG A 44 -9.46 -2.94 -5.16
N PRO A 45 -10.06 -2.34 -6.20
CA PRO A 45 -9.32 -1.73 -7.30
C PRO A 45 -8.46 -0.55 -6.84
N GLU A 46 -8.86 0.04 -5.72
CA GLU A 46 -8.12 1.19 -5.17
C GLU A 46 -6.92 0.71 -4.36
N ILE A 47 -7.05 -0.46 -3.73
CA ILE A 47 -5.97 -1.02 -2.93
C ILE A 47 -4.97 -1.76 -3.81
N ILE A 48 -5.48 -2.61 -4.69
CA ILE A 48 -4.63 -3.38 -5.59
C ILE A 48 -3.62 -2.48 -6.29
N GLN A 49 -4.11 -1.41 -6.90
CA GLN A 49 -3.24 -0.48 -7.61
C GLN A 49 -2.23 0.15 -6.66
N TRP A 50 -2.70 0.57 -5.49
CA TRP A 50 -1.84 1.19 -4.50
C TRP A 50 -0.53 0.41 -4.34
N PHE A 51 -0.64 -0.89 -4.15
CA PHE A 51 0.53 -1.75 -3.99
C PHE A 51 1.53 -1.50 -5.11
N GLY A 52 1.04 -1.38 -6.33
CA GLY A 52 1.91 -1.15 -7.47
C GLY A 52 2.74 0.10 -7.30
N ASP A 53 2.07 1.25 -7.15
CA ASP A 53 2.76 2.52 -6.98
C ASP A 53 3.71 2.48 -5.79
N THR A 54 3.34 1.70 -4.77
CA THR A 54 4.16 1.57 -3.57
C THR A 54 5.54 1.02 -3.90
N ARG A 55 5.59 0.08 -4.83
CA ARG A 55 6.85 -0.53 -5.23
C ARG A 55 7.80 0.52 -5.83
N TYR A 56 7.27 1.30 -6.77
CA TYR A 56 8.06 2.33 -7.43
C TYR A 56 8.78 3.21 -6.39
N ALA A 57 8.00 3.84 -5.52
CA ALA A 57 8.56 4.70 -4.48
C ALA A 57 9.66 3.98 -3.70
N LEU A 58 9.32 2.80 -3.18
CA LEU A 58 10.27 2.01 -2.41
C LEU A 58 11.58 1.84 -3.17
N LYS A 59 11.48 1.61 -4.48
CA LYS A 59 12.66 1.44 -5.33
C LYS A 59 13.48 2.72 -5.38
N HIS A 60 12.80 3.84 -5.60
CA HIS A 60 13.47 5.14 -5.67
C HIS A 60 13.78 5.67 -4.28
N GLY A 61 13.44 4.89 -3.26
CA GLY A 61 13.69 5.30 -1.89
C GLY A 61 12.83 6.46 -1.47
N GLN A 62 11.53 6.33 -1.68
CA GLN A 62 10.58 7.39 -1.33
C GLN A 62 9.84 7.04 -0.03
N LEU A 63 9.47 5.77 0.11
CA LEU A 63 8.76 5.31 1.30
C LEU A 63 9.51 5.71 2.57
N LYS A 64 8.93 6.65 3.31
CA LYS A 64 9.54 7.12 4.55
C LYS A 64 9.37 6.09 5.68
N TRP A 65 8.41 5.20 5.50
CA TRP A 65 8.13 4.16 6.48
C TRP A 65 8.85 2.86 6.12
N PHE A 66 9.05 2.64 4.83
CA PHE A 66 9.72 1.43 4.36
C PHE A 66 11.24 1.62 4.37
N ARG A 67 11.96 0.54 4.63
CA ARG A 67 13.42 0.58 4.67
C ARG A 67 13.96 1.40 3.51
N ASP A 68 14.36 2.63 3.80
CA ASP A 68 14.91 3.53 2.78
C ASP A 68 16.43 3.45 2.75
N ASN A 69 16.95 2.55 1.92
CA ASN A 69 18.39 2.37 1.79
C ASN A 69 18.85 2.66 0.37
N ALA A 70 19.01 3.95 0.05
CA ALA A 70 19.46 4.36 -1.28
C ALA A 70 20.98 4.29 -1.39
N SER A 71 21.57 3.31 -0.75
CA SER A 71 23.02 3.14 -0.77
C SER A 71 23.40 1.66 -0.86
N GLY A 72 24.50 1.38 -1.56
CA GLY A 72 24.95 0.01 -1.70
C GLY A 72 24.89 -0.46 -3.14
N PRO A 73 25.61 -1.56 -3.43
CA PRO A 73 25.67 -2.14 -4.78
C PRO A 73 24.33 -2.78 -5.18
N SER A 74 23.55 -2.05 -5.96
CA SER A 74 22.26 -2.54 -6.42
C SER A 74 22.37 -3.99 -6.91
N SER A 75 23.30 -4.23 -7.81
CA SER A 75 23.51 -5.57 -8.35
C SER A 75 23.74 -6.59 -7.24
N GLY A 76 22.76 -7.46 -7.04
CA GLY A 76 22.86 -8.47 -6.01
C GLY A 76 22.79 -9.88 -6.55
N GLY A 1 -14.28 2.88 -15.95
CA GLY A 1 -14.59 2.88 -17.38
C GLY A 1 -13.34 2.94 -18.24
N SER A 2 -13.30 3.93 -19.13
CA SER A 2 -12.15 4.10 -20.02
C SER A 2 -10.84 4.13 -19.23
N SER A 3 -10.85 4.87 -18.12
CA SER A 3 -9.67 4.99 -17.27
C SER A 3 -10.06 5.25 -15.82
N GLY A 4 -9.59 4.39 -14.92
CA GLY A 4 -9.91 4.55 -13.52
C GLY A 4 -9.07 5.63 -12.86
N SER A 5 -9.52 6.88 -12.99
CA SER A 5 -8.81 8.01 -12.40
C SER A 5 -9.07 8.09 -10.90
N SER A 6 -8.00 8.16 -10.12
CA SER A 6 -8.10 8.25 -8.68
C SER A 6 -8.34 9.69 -8.23
N GLY A 7 -9.34 9.89 -7.39
CA GLY A 7 -9.65 11.23 -6.90
C GLY A 7 -9.69 11.30 -5.39
N LYS A 8 -10.67 10.64 -4.78
CA LYS A 8 -10.81 10.63 -3.33
C LYS A 8 -9.61 9.96 -2.67
N ARG A 9 -8.56 10.74 -2.43
CA ARG A 9 -7.35 10.22 -1.81
C ARG A 9 -7.69 9.43 -0.53
N LYS A 10 -6.80 8.52 -0.15
CA LYS A 10 -7.01 7.71 1.04
C LYS A 10 -6.74 8.52 2.31
N THR A 11 -7.35 8.09 3.42
CA THR A 11 -7.18 8.78 4.69
C THR A 11 -6.03 8.17 5.49
N LYS A 12 -5.22 9.04 6.10
CA LYS A 12 -4.09 8.58 6.90
C LYS A 12 -4.42 7.28 7.62
N GLU A 13 -5.65 7.16 8.08
CA GLU A 13 -6.09 5.96 8.79
C GLU A 13 -6.06 4.75 7.87
N GLN A 14 -6.82 4.81 6.79
CA GLN A 14 -6.87 3.72 5.82
C GLN A 14 -5.48 3.32 5.36
N LEU A 15 -4.70 4.32 4.95
CA LEU A 15 -3.34 4.08 4.48
C LEU A 15 -2.51 3.37 5.54
N ALA A 16 -2.72 3.75 6.80
CA ALA A 16 -2.01 3.14 7.91
C ALA A 16 -2.12 1.62 7.88
N ILE A 17 -3.33 1.13 7.60
CA ILE A 17 -3.58 -0.30 7.54
C ILE A 17 -2.82 -0.95 6.38
N LEU A 18 -2.65 -0.18 5.30
CA LEU A 18 -1.94 -0.68 4.13
C LEU A 18 -0.43 -0.71 4.37
N LYS A 19 0.13 0.43 4.73
CA LYS A 19 1.56 0.54 5.00
C LYS A 19 2.06 -0.70 5.73
N SER A 20 1.29 -1.18 6.69
CA SER A 20 1.65 -2.36 7.46
C SER A 20 1.64 -3.61 6.59
N PHE A 21 0.63 -3.71 5.74
CA PHE A 21 0.50 -4.86 4.84
C PHE A 21 1.68 -4.92 3.87
N PHE A 22 1.91 -3.83 3.16
CA PHE A 22 3.00 -3.75 2.20
C PHE A 22 4.28 -4.33 2.79
N LEU A 23 4.67 -3.82 3.95
CA LEU A 23 5.89 -4.28 4.61
C LEU A 23 5.90 -5.80 4.74
N GLN A 24 4.80 -6.36 5.24
CA GLN A 24 4.69 -7.80 5.40
C GLN A 24 4.76 -8.51 4.05
N CYS A 25 4.22 -7.86 3.02
CA CYS A 25 4.23 -8.43 1.68
C CYS A 25 4.09 -7.34 0.63
N GLN A 26 5.07 -7.25 -0.25
CA GLN A 26 5.05 -6.24 -1.32
C GLN A 26 3.91 -6.50 -2.29
N TRP A 27 3.57 -7.77 -2.48
CA TRP A 27 2.49 -8.13 -3.39
C TRP A 27 1.40 -8.90 -2.65
N ALA A 28 0.15 -8.54 -2.91
CA ALA A 28 -0.99 -9.20 -2.28
C ALA A 28 -1.85 -9.93 -3.29
N ARG A 29 -2.59 -10.93 -2.82
CA ARG A 29 -3.45 -11.71 -3.69
C ARG A 29 -4.92 -11.38 -3.45
N ARG A 30 -5.78 -11.86 -4.35
CA ARG A 30 -7.21 -11.60 -4.23
C ARG A 30 -7.74 -12.04 -2.88
N GLU A 31 -7.17 -13.12 -2.35
CA GLU A 31 -7.58 -13.64 -1.04
C GLU A 31 -7.27 -12.64 0.07
N ASP A 32 -6.25 -11.82 -0.15
CA ASP A 32 -5.84 -10.83 0.83
C ASP A 32 -6.57 -9.51 0.60
N TYR A 33 -6.67 -9.11 -0.67
CA TYR A 33 -7.35 -7.87 -1.02
C TYR A 33 -8.76 -7.82 -0.44
N GLN A 34 -9.49 -8.91 -0.60
CA GLN A 34 -10.86 -8.99 -0.08
C GLN A 34 -10.91 -8.59 1.39
N LYS A 35 -9.79 -8.75 2.08
CA LYS A 35 -9.71 -8.40 3.49
C LYS A 35 -9.42 -6.91 3.67
N LEU A 36 -8.46 -6.40 2.90
CA LEU A 36 -8.09 -5.00 2.97
C LEU A 36 -9.32 -4.10 2.80
N GLU A 37 -10.18 -4.44 1.86
CA GLU A 37 -11.39 -3.68 1.61
C GLU A 37 -12.34 -3.75 2.81
N GLN A 38 -12.00 -4.59 3.77
CA GLN A 38 -12.82 -4.75 4.97
C GLN A 38 -12.22 -3.98 6.14
N ILE A 39 -10.90 -3.86 6.16
CA ILE A 39 -10.21 -3.15 7.22
C ILE A 39 -10.06 -1.67 6.89
N THR A 40 -9.71 -1.37 5.64
CA THR A 40 -9.54 0.00 5.19
C THR A 40 -10.85 0.58 4.67
N GLY A 41 -11.73 -0.30 4.20
CA GLY A 41 -13.02 0.14 3.68
C GLY A 41 -12.90 0.75 2.30
N LEU A 42 -11.80 0.47 1.61
CA LEU A 42 -11.57 0.99 0.28
C LEU A 42 -11.72 -0.10 -0.78
N PRO A 43 -12.28 0.26 -1.94
CA PRO A 43 -12.49 -0.66 -3.05
C PRO A 43 -11.24 -1.48 -3.37
N ARG A 44 -11.44 -2.71 -3.84
CA ARG A 44 -10.33 -3.59 -4.17
C ARG A 44 -9.42 -2.94 -5.22
N PRO A 45 -10.04 -2.34 -6.25
CA PRO A 45 -9.32 -1.67 -7.33
C PRO A 45 -8.52 -0.48 -6.85
N GLU A 46 -8.91 0.07 -5.69
CA GLU A 46 -8.23 1.22 -5.12
C GLU A 46 -7.01 0.79 -4.32
N ILE A 47 -7.12 -0.37 -3.67
CA ILE A 47 -6.02 -0.89 -2.87
C ILE A 47 -4.99 -1.61 -3.75
N ILE A 48 -5.48 -2.43 -4.67
CA ILE A 48 -4.61 -3.17 -5.57
C ILE A 48 -3.62 -2.24 -6.27
N GLN A 49 -4.15 -1.20 -6.89
CA GLN A 49 -3.31 -0.23 -7.60
C GLN A 49 -2.29 0.39 -6.65
N TRP A 50 -2.73 0.72 -5.45
CA TRP A 50 -1.86 1.33 -4.45
C TRP A 50 -0.57 0.53 -4.30
N PHE A 51 -0.71 -0.77 -4.04
CA PHE A 51 0.45 -1.64 -3.87
C PHE A 51 1.44 -1.46 -5.00
N GLY A 52 0.92 -1.35 -6.23
CA GLY A 52 1.78 -1.18 -7.39
C GLY A 52 2.59 0.10 -7.32
N ASP A 53 1.90 1.23 -7.08
CA ASP A 53 2.57 2.52 -6.99
C ASP A 53 3.54 2.56 -5.81
N THR A 54 3.15 1.91 -4.71
CA THR A 54 3.98 1.87 -3.51
C THR A 54 5.35 1.27 -3.82
N ARG A 55 5.36 0.20 -4.62
CA ARG A 55 6.61 -0.46 -4.98
C ARG A 55 7.56 0.51 -5.67
N TYR A 56 7.07 1.18 -6.72
CA TYR A 56 7.88 2.13 -7.46
C TYR A 56 8.64 3.05 -6.51
N ALA A 57 7.91 3.70 -5.60
CA ALA A 57 8.51 4.62 -4.64
C ALA A 57 9.58 3.91 -3.82
N LEU A 58 9.26 2.73 -3.31
CA LEU A 58 10.20 1.96 -2.51
C LEU A 58 11.48 1.68 -3.29
N LYS A 59 11.36 0.89 -4.35
CA LYS A 59 12.50 0.55 -5.19
C LYS A 59 13.46 1.74 -5.33
N HIS A 60 12.88 2.92 -5.52
CA HIS A 60 13.67 4.14 -5.67
C HIS A 60 14.20 4.62 -4.32
N GLY A 61 13.35 4.52 -3.29
CA GLY A 61 13.75 4.94 -1.96
C GLY A 61 12.97 6.15 -1.49
N GLN A 62 11.67 6.16 -1.77
CA GLN A 62 10.81 7.27 -1.36
C GLN A 62 10.11 6.96 -0.03
N LEU A 63 9.54 5.77 0.06
CA LEU A 63 8.84 5.36 1.27
C LEU A 63 9.67 5.68 2.52
N LYS A 64 9.19 6.63 3.32
CA LYS A 64 9.88 7.03 4.53
C LYS A 64 9.67 5.98 5.64
N TRP A 65 8.57 5.25 5.55
CA TRP A 65 8.27 4.23 6.54
C TRP A 65 8.94 2.91 6.19
N PHE A 66 9.08 2.64 4.90
CA PHE A 66 9.71 1.41 4.43
C PHE A 66 11.22 1.48 4.59
N ARG A 67 11.79 0.51 5.31
CA ARG A 67 13.22 0.47 5.53
C ARG A 67 13.99 0.63 4.22
N ASP A 68 15.05 1.42 4.26
CA ASP A 68 15.87 1.65 3.06
C ASP A 68 17.01 0.65 2.99
N ASN A 69 16.73 -0.53 2.42
CA ASN A 69 17.74 -1.57 2.30
C ASN A 69 19.06 -1.00 1.78
N ALA A 70 20.02 -0.83 2.68
CA ALA A 70 21.33 -0.29 2.31
C ALA A 70 22.24 -1.40 1.78
N SER A 71 22.05 -1.77 0.52
CA SER A 71 22.86 -2.81 -0.11
C SER A 71 23.72 -2.23 -1.22
N GLY A 72 24.74 -2.98 -1.62
CA GLY A 72 25.63 -2.53 -2.68
C GLY A 72 25.84 -1.03 -2.65
N PRO A 73 25.07 -0.31 -3.48
CA PRO A 73 25.15 1.16 -3.58
C PRO A 73 24.62 1.85 -2.33
N SER A 74 24.83 3.15 -2.26
CA SER A 74 24.36 3.94 -1.11
C SER A 74 22.87 4.22 -1.21
N SER A 75 22.20 4.24 -0.07
CA SER A 75 20.76 4.49 -0.02
C SER A 75 20.46 5.74 0.79
N GLY A 76 21.10 5.85 1.95
CA GLY A 76 20.88 7.00 2.82
C GLY A 76 20.58 6.61 4.25
N GLY A 1 -11.05 -1.56 -15.43
CA GLY A 1 -9.87 -2.12 -16.07
C GLY A 1 -8.87 -1.05 -16.47
N SER A 2 -8.75 -0.81 -17.77
CA SER A 2 -7.82 0.19 -18.28
C SER A 2 -8.18 1.57 -17.78
N SER A 3 -9.43 1.97 -18.01
CA SER A 3 -9.91 3.29 -17.58
C SER A 3 -9.76 3.45 -16.07
N GLY A 4 -9.55 4.69 -15.64
CA GLY A 4 -9.39 4.96 -14.22
C GLY A 4 -10.39 5.96 -13.70
N SER A 5 -10.78 5.81 -12.44
CA SER A 5 -11.76 6.71 -11.83
C SER A 5 -11.10 7.56 -10.74
N SER A 6 -11.81 8.61 -10.32
CA SER A 6 -11.30 9.50 -9.29
C SER A 6 -12.43 9.97 -8.37
N GLY A 7 -12.06 10.57 -7.25
CA GLY A 7 -13.04 11.07 -6.30
C GLY A 7 -12.53 11.06 -4.88
N LYS A 8 -13.02 10.11 -4.08
CA LYS A 8 -12.60 10.01 -2.68
C LYS A 8 -11.15 9.55 -2.58
N ARG A 9 -10.36 10.31 -1.83
CA ARG A 9 -8.94 9.99 -1.64
C ARG A 9 -8.72 9.23 -0.34
N LYS A 10 -7.65 8.46 -0.29
CA LYS A 10 -7.31 7.69 0.91
C LYS A 10 -6.89 8.60 2.05
N THR A 11 -7.17 8.17 3.28
CA THR A 11 -6.82 8.95 4.45
C THR A 11 -5.72 8.28 5.25
N LYS A 12 -4.87 9.08 5.90
CA LYS A 12 -3.77 8.56 6.69
C LYS A 12 -4.16 7.25 7.37
N GLU A 13 -5.28 7.28 8.08
CA GLU A 13 -5.77 6.09 8.77
C GLU A 13 -5.79 4.88 7.84
N GLN A 14 -6.57 4.97 6.77
CA GLN A 14 -6.67 3.89 5.80
C GLN A 14 -5.30 3.45 5.34
N LEU A 15 -4.54 4.37 4.77
CA LEU A 15 -3.20 4.08 4.28
C LEU A 15 -2.37 3.37 5.35
N ALA A 16 -2.57 3.76 6.60
CA ALA A 16 -1.84 3.16 7.71
C ALA A 16 -1.97 1.64 7.69
N ILE A 17 -3.20 1.16 7.60
CA ILE A 17 -3.46 -0.27 7.57
C ILE A 17 -2.76 -0.93 6.38
N LEU A 18 -2.53 -0.16 5.33
CA LEU A 18 -1.86 -0.67 4.14
C LEU A 18 -0.35 -0.74 4.34
N LYS A 19 0.23 0.38 4.77
CA LYS A 19 1.67 0.45 5.01
C LYS A 19 2.15 -0.78 5.78
N SER A 20 1.35 -1.22 6.73
CA SER A 20 1.71 -2.39 7.54
C SER A 20 1.61 -3.66 6.71
N PHE A 21 0.65 -3.71 5.81
CA PHE A 21 0.45 -4.88 4.96
C PHE A 21 1.56 -4.99 3.92
N PHE A 22 1.88 -3.87 3.28
CA PHE A 22 2.94 -3.85 2.27
C PHE A 22 4.24 -4.42 2.82
N LEU A 23 4.58 -4.02 4.04
CA LEU A 23 5.81 -4.50 4.68
C LEU A 23 5.80 -6.02 4.81
N GLN A 24 4.74 -6.54 5.40
CA GLN A 24 4.60 -7.98 5.59
C GLN A 24 4.65 -8.72 4.25
N CYS A 25 4.16 -8.06 3.22
CA CYS A 25 4.15 -8.64 1.88
C CYS A 25 4.00 -7.56 0.81
N GLN A 26 5.03 -7.39 0.00
CA GLN A 26 5.02 -6.39 -1.06
C GLN A 26 3.99 -6.75 -2.13
N TRP A 27 3.60 -8.02 -2.17
CA TRP A 27 2.63 -8.49 -3.15
C TRP A 27 1.44 -9.13 -2.47
N ALA A 28 0.25 -8.58 -2.73
CA ALA A 28 -0.98 -9.10 -2.13
C ALA A 28 -1.82 -9.85 -3.17
N ARG A 29 -2.40 -10.96 -2.75
CA ARG A 29 -3.23 -11.77 -3.65
C ARG A 29 -4.70 -11.36 -3.54
N ARG A 30 -5.51 -11.80 -4.50
CA ARG A 30 -6.93 -11.48 -4.51
C ARG A 30 -7.60 -11.96 -3.22
N GLU A 31 -7.10 -13.05 -2.67
CA GLU A 31 -7.66 -13.61 -1.44
C GLU A 31 -7.32 -12.72 -0.24
N ASP A 32 -6.32 -11.88 -0.40
CA ASP A 32 -5.90 -10.97 0.66
C ASP A 32 -6.58 -9.61 0.53
N TYR A 33 -6.63 -9.11 -0.71
CA TYR A 33 -7.27 -7.82 -0.97
C TYR A 33 -8.68 -7.77 -0.41
N GLN A 34 -9.43 -8.85 -0.62
CA GLN A 34 -10.80 -8.92 -0.13
C GLN A 34 -10.88 -8.51 1.34
N LYS A 35 -9.77 -8.65 2.05
CA LYS A 35 -9.71 -8.29 3.46
C LYS A 35 -9.41 -6.80 3.63
N LEU A 36 -8.48 -6.30 2.84
CA LEU A 36 -8.11 -4.88 2.90
C LEU A 36 -9.34 -3.99 2.77
N GLU A 37 -10.22 -4.35 1.85
CA GLU A 37 -11.45 -3.58 1.63
C GLU A 37 -12.36 -3.64 2.85
N GLN A 38 -12.00 -4.48 3.81
CA GLN A 38 -12.79 -4.63 5.03
C GLN A 38 -12.16 -3.85 6.19
N ILE A 39 -10.85 -3.67 6.12
CA ILE A 39 -10.12 -2.94 7.16
C ILE A 39 -9.97 -1.47 6.78
N THR A 40 -9.55 -1.21 5.55
CA THR A 40 -9.35 0.15 5.07
C THR A 40 -10.65 0.72 4.50
N GLY A 41 -11.57 -0.16 4.14
CA GLY A 41 -12.84 0.28 3.59
C GLY A 41 -12.71 0.74 2.15
N LEU A 42 -11.49 0.75 1.63
CA LEU A 42 -11.25 1.18 0.26
C LEU A 42 -11.54 0.06 -0.72
N PRO A 43 -12.15 0.41 -1.86
CA PRO A 43 -12.49 -0.57 -2.91
C PRO A 43 -11.31 -1.45 -3.30
N ARG A 44 -11.59 -2.72 -3.58
CA ARG A 44 -10.55 -3.67 -3.96
C ARG A 44 -9.66 -3.09 -5.05
N PRO A 45 -10.29 -2.47 -6.06
CA PRO A 45 -9.58 -1.87 -7.19
C PRO A 45 -8.74 -0.67 -6.76
N GLU A 46 -9.10 -0.06 -5.63
CA GLU A 46 -8.38 1.10 -5.12
C GLU A 46 -7.13 0.66 -4.35
N ILE A 47 -7.19 -0.52 -3.78
CA ILE A 47 -6.06 -1.05 -3.01
C ILE A 47 -5.09 -1.80 -3.90
N ILE A 48 -5.62 -2.70 -4.72
CA ILE A 48 -4.79 -3.49 -5.63
C ILE A 48 -3.81 -2.60 -6.38
N GLN A 49 -4.28 -1.42 -6.79
CA GLN A 49 -3.42 -0.47 -7.51
C GLN A 49 -2.42 0.18 -6.57
N TRP A 50 -2.89 0.57 -5.39
CA TRP A 50 -2.02 1.22 -4.41
C TRP A 50 -0.67 0.52 -4.34
N PHE A 51 -0.68 -0.78 -4.10
CA PHE A 51 0.55 -1.55 -4.02
C PHE A 51 1.47 -1.24 -5.19
N GLY A 52 0.88 -1.03 -6.36
CA GLY A 52 1.66 -0.72 -7.54
C GLY A 52 2.55 0.49 -7.36
N ASP A 53 1.94 1.63 -7.11
CA ASP A 53 2.68 2.88 -6.90
C ASP A 53 3.62 2.76 -5.70
N THR A 54 3.20 1.98 -4.71
CA THR A 54 4.00 1.78 -3.51
C THR A 54 5.33 1.14 -3.84
N ARG A 55 5.30 0.15 -4.72
CA ARG A 55 6.52 -0.55 -5.12
C ARG A 55 7.52 0.40 -5.75
N TYR A 56 7.06 1.17 -6.73
CA TYR A 56 7.92 2.13 -7.43
C TYR A 56 8.70 2.98 -6.42
N ALA A 57 7.97 3.76 -5.63
CA ALA A 57 8.59 4.63 -4.64
C ALA A 57 9.65 3.86 -3.84
N LEU A 58 9.26 2.72 -3.28
CA LEU A 58 10.17 1.91 -2.50
C LEU A 58 11.48 1.69 -3.24
N LYS A 59 11.40 1.14 -4.44
CA LYS A 59 12.58 0.88 -5.25
C LYS A 59 13.47 2.12 -5.34
N HIS A 60 12.85 3.26 -5.63
CA HIS A 60 13.59 4.52 -5.73
C HIS A 60 13.93 5.07 -4.35
N GLY A 61 13.42 4.41 -3.32
CA GLY A 61 13.68 4.84 -1.96
C GLY A 61 12.91 6.09 -1.59
N GLN A 62 11.59 6.07 -1.83
CA GLN A 62 10.74 7.20 -1.52
C GLN A 62 9.99 6.99 -0.21
N LEU A 63 9.58 5.75 0.03
CA LEU A 63 8.85 5.41 1.24
C LEU A 63 9.66 5.75 2.48
N LYS A 64 9.08 6.54 3.37
CA LYS A 64 9.75 6.94 4.60
C LYS A 64 9.52 5.92 5.71
N TRP A 65 8.40 5.21 5.63
CA TRP A 65 8.07 4.19 6.62
C TRP A 65 8.73 2.86 6.28
N PHE A 66 9.11 2.70 5.02
CA PHE A 66 9.76 1.47 4.57
C PHE A 66 11.28 1.60 4.62
N ARG A 67 11.95 0.51 4.94
CA ARG A 67 13.41 0.49 5.02
C ARG A 67 14.03 1.11 3.76
N ASP A 68 14.73 2.22 3.94
CA ASP A 68 15.38 2.90 2.82
C ASP A 68 16.77 2.31 2.56
N ASN A 69 16.91 1.61 1.44
CA ASN A 69 18.18 1.00 1.08
C ASN A 69 19.08 2.01 0.37
N ALA A 70 19.90 2.70 1.15
CA ALA A 70 20.82 3.68 0.60
C ALA A 70 20.09 4.67 -0.30
N SER A 71 18.93 5.14 0.15
CA SER A 71 18.13 6.09 -0.62
C SER A 71 18.95 7.33 -0.98
N GLY A 72 19.01 7.62 -2.26
CA GLY A 72 19.77 8.78 -2.72
C GLY A 72 18.93 9.71 -3.59
N PRO A 73 19.38 10.96 -3.72
CA PRO A 73 18.69 11.97 -4.52
C PRO A 73 18.78 11.67 -6.02
N SER A 74 17.75 11.04 -6.56
CA SER A 74 17.71 10.70 -7.98
C SER A 74 16.64 11.51 -8.70
N SER A 75 17.08 12.42 -9.57
CA SER A 75 16.17 13.25 -10.32
C SER A 75 16.92 14.11 -11.35
N GLY A 76 16.45 14.07 -12.59
CA GLY A 76 17.10 14.84 -13.64
C GLY A 76 16.33 14.78 -14.95
#